data_7LV7
#
_entry.id   7LV7
#
_cell.length_a   58.990
_cell.length_b   243.180
_cell.length_c   60.500
_cell.angle_alpha   90.000
_cell.angle_beta   118.918
_cell.angle_gamma   90.000
#
_symmetry.space_group_name_H-M   'P 1 21 1'
#
loop_
_entity.id
_entity.type
_entity.pdbx_description
1 polymer 'Branched-chain amino acid aminotransferase'
2 non-polymer 1,2-ETHANEDIOL
3 non-polymer 'MAGNESIUM ION'
4 non-polymer 'CHLORIDE ION'
5 water water
#
_entity_poly.entity_id   1
_entity_poly.type   'polypeptide(L)'
_entity_poly.pdbx_seq_one_letter_code
;MAHHHHHHMGTLEAQTQGPGSMAVDPSTIDWSALKFSWLQTRSHVRSVWRNGEWSPLELVNEPTFNISIAASALHYGQAV
FEGLKVFRTVDGRVAAFRPVENARRLISSCDGLCMESPSEQLFLNALAMVVRDNVDYIPPYGTGGSLYVRPLVIGTGAQL
GVAPSSEYMFLMMVAPVGPYYRGGLKSVNAIVMDEFDRAAPYGVGSK(LLP)CAGNYAASLKAQSVALKKSFPIQLYLDA
ATHTFVEEFSTSNFFGIKDIQRDGAGKIVSCTYVTPKSPSILPSITNKTLRELISQYFGWKVDVREVPFTEVKTFQECGA
TGTAVVVTPIASITRGSTVIDFLQSDDQVGEVTKLLYETVQGIQYGVIPDRFNWNHYIDV
;
_entity_poly.pdbx_strand_id   A,B,C,D
#
# COMPACT_ATOMS: atom_id res chain seq x y z
N GLY A 20 0.39 -30.56 -35.12
CA GLY A 20 -0.33 -31.48 -36.00
C GLY A 20 0.53 -32.65 -36.43
N SER A 21 1.41 -33.07 -35.53
CA SER A 21 2.38 -34.12 -35.85
C SER A 21 1.70 -35.47 -36.05
N MET A 22 2.26 -36.25 -36.97
CA MET A 22 1.64 -37.51 -37.39
C MET A 22 2.16 -38.68 -36.57
N ALA A 23 1.30 -39.68 -36.44
CA ALA A 23 1.67 -40.91 -35.76
C ALA A 23 2.82 -41.58 -36.49
N VAL A 24 3.68 -42.25 -35.72
CA VAL A 24 4.76 -43.05 -36.28
C VAL A 24 4.16 -44.24 -37.02
N ASP A 25 4.69 -44.55 -38.20
CA ASP A 25 4.25 -45.70 -38.97
C ASP A 25 4.62 -46.98 -38.22
N PRO A 26 3.65 -47.73 -37.69
CA PRO A 26 4.02 -48.91 -36.89
C PRO A 26 4.74 -49.98 -37.69
N SER A 27 4.46 -50.07 -38.99
CA SER A 27 5.08 -51.09 -39.82
C SER A 27 6.56 -50.84 -40.09
N THR A 28 7.08 -49.68 -39.70
CA THR A 28 8.47 -49.31 -39.94
C THR A 28 9.28 -49.18 -38.66
N ILE A 29 8.72 -49.55 -37.52
CA ILE A 29 9.43 -49.40 -36.25
C ILE A 29 10.46 -50.51 -36.15
N ASP A 30 11.71 -50.12 -35.96
CA ASP A 30 12.76 -51.08 -35.68
C ASP A 30 12.69 -51.37 -34.20
N TRP A 31 12.02 -52.47 -33.84
CA TRP A 31 11.80 -52.80 -32.43
C TRP A 31 13.11 -52.94 -31.70
N SER A 32 14.14 -53.45 -32.38
CA SER A 32 15.43 -53.71 -31.74
C SER A 32 16.11 -52.44 -31.27
N ALA A 33 15.82 -51.29 -31.90
CA ALA A 33 16.42 -50.03 -31.51
C ALA A 33 15.66 -49.31 -30.40
N LEU A 34 14.46 -49.77 -30.05
CA LEU A 34 13.67 -49.09 -29.04
C LEU A 34 14.36 -49.13 -27.68
N LYS A 35 14.29 -48.01 -26.98
CA LYS A 35 14.69 -47.92 -25.58
C LYS A 35 13.43 -47.62 -24.76
N PHE A 36 13.45 -46.62 -23.88
CA PHE A 36 12.32 -46.26 -23.05
C PHE A 36 12.09 -44.77 -23.30
N SER A 37 11.42 -44.45 -24.41
CA SER A 37 11.27 -43.08 -24.90
C SER A 37 9.84 -42.82 -25.33
N TRP A 38 9.44 -41.56 -25.34
CA TRP A 38 8.13 -41.22 -25.84
C TRP A 38 8.09 -41.43 -27.36
N LEU A 39 7.03 -42.06 -27.84
CA LEU A 39 6.81 -42.32 -29.25
C LEU A 39 5.33 -42.10 -29.52
N GLN A 40 5.00 -41.41 -30.61
CA GLN A 40 3.60 -41.07 -30.88
C GLN A 40 2.93 -42.23 -31.61
N THR A 41 1.99 -42.90 -30.93
CA THR A 41 1.22 -43.97 -31.55
C THR A 41 -0.08 -43.39 -32.12
N ARG A 42 -0.99 -44.26 -32.51
CA ARG A 42 -2.18 -43.82 -33.26
C ARG A 42 -3.10 -42.96 -32.40
N SER A 43 -3.25 -43.31 -31.12
CA SER A 43 -4.25 -42.63 -30.31
C SER A 43 -3.98 -42.82 -28.83
N HIS A 44 -4.66 -41.99 -28.05
CA HIS A 44 -4.81 -42.18 -26.61
C HIS A 44 -6.30 -42.10 -26.30
N VAL A 45 -6.67 -42.40 -25.07
CA VAL A 45 -8.06 -42.32 -24.69
C VAL A 45 -8.20 -41.26 -23.60
N ARG A 46 -9.37 -40.63 -23.57
CA ARG A 46 -9.62 -39.45 -22.76
C ARG A 46 -10.99 -39.59 -22.12
N SER A 47 -11.12 -39.12 -20.88
CA SER A 47 -12.41 -38.91 -20.23
C SER A 47 -12.30 -37.67 -19.36
N VAL A 48 -13.38 -36.91 -19.24
CA VAL A 48 -13.36 -35.67 -18.49
C VAL A 48 -14.39 -35.71 -17.37
N TRP A 49 -14.00 -35.24 -16.19
CA TRP A 49 -14.86 -35.22 -15.01
C TRP A 49 -15.33 -33.80 -14.76
N ARG A 50 -16.65 -33.63 -14.62
CA ARG A 50 -17.25 -32.41 -14.09
C ARG A 50 -18.65 -32.76 -13.61
N ASN A 51 -19.09 -32.07 -12.57
CA ASN A 51 -20.45 -32.23 -12.03
C ASN A 51 -20.76 -33.69 -11.67
N GLY A 52 -19.77 -34.38 -11.11
CA GLY A 52 -20.05 -35.66 -10.50
C GLY A 52 -19.91 -36.88 -11.39
N GLU A 53 -19.52 -36.72 -12.66
CA GLU A 53 -19.49 -37.86 -13.54
C GLU A 53 -18.36 -37.70 -14.56
N TRP A 54 -17.78 -38.84 -14.93
CA TRP A 54 -16.85 -38.93 -16.05
C TRP A 54 -17.61 -39.06 -17.36
N SER A 55 -17.08 -38.44 -18.41
CA SER A 55 -17.69 -38.54 -19.74
C SER A 55 -17.30 -39.86 -20.42
N PRO A 56 -18.05 -40.30 -21.43
CA PRO A 56 -17.70 -41.55 -22.12
C PRO A 56 -16.29 -41.49 -22.69
N LEU A 57 -15.56 -42.60 -22.54
CA LEU A 57 -14.20 -42.68 -23.05
C LEU A 57 -14.19 -42.42 -24.55
N GLU A 58 -13.20 -41.67 -25.01
CA GLU A 58 -13.08 -41.40 -26.44
C GLU A 58 -11.64 -41.52 -26.88
N LEU A 59 -11.45 -42.07 -28.08
CA LEU A 59 -10.14 -42.13 -28.71
C LEU A 59 -9.81 -40.77 -29.30
N VAL A 60 -8.56 -40.33 -29.08
CA VAL A 60 -8.08 -39.04 -29.56
C VAL A 60 -6.79 -39.28 -30.33
N ASN A 61 -6.74 -38.83 -31.58
CA ASN A 61 -5.57 -39.11 -32.41
C ASN A 61 -4.43 -38.10 -32.19
N GLU A 62 -4.75 -36.82 -32.03
CA GLU A 62 -3.71 -35.81 -31.87
C GLU A 62 -3.14 -35.91 -30.46
N PRO A 63 -1.81 -35.89 -30.29
CA PRO A 63 -1.22 -36.14 -28.97
C PRO A 63 -1.04 -34.86 -28.16
N THR A 64 -1.99 -33.94 -28.31
CA THR A 64 -2.03 -32.72 -27.55
C THR A 64 -3.47 -32.44 -27.17
N PHE A 65 -3.68 -31.57 -26.20
CA PHE A 65 -5.02 -31.08 -25.93
C PHE A 65 -4.92 -29.62 -25.50
N ASN A 66 -6.08 -28.98 -25.44
CA ASN A 66 -6.15 -27.59 -25.05
C ASN A 66 -6.42 -27.48 -23.56
N ILE A 67 -5.50 -26.85 -22.85
CA ILE A 67 -5.52 -26.77 -21.40
C ILE A 67 -5.57 -25.29 -21.01
N SER A 68 -6.33 -24.99 -19.97
CA SER A 68 -6.39 -23.63 -19.45
C SER A 68 -5.01 -23.17 -19.02
N ILE A 69 -4.71 -21.90 -19.31
CA ILE A 69 -3.49 -21.31 -18.76
C ILE A 69 -3.56 -21.28 -17.24
N ALA A 70 -4.76 -21.44 -16.68
CA ALA A 70 -4.99 -21.44 -15.23
C ALA A 70 -5.33 -22.83 -14.67
N ALA A 71 -5.02 -23.90 -15.42
CA ALA A 71 -5.39 -25.24 -14.95
C ALA A 71 -4.68 -25.57 -13.64
N SER A 72 -5.46 -26.12 -12.71
CA SER A 72 -4.95 -26.48 -11.38
C SER A 72 -3.74 -27.40 -11.46
N ALA A 73 -3.67 -28.29 -12.46
CA ALA A 73 -2.51 -29.18 -12.63
C ALA A 73 -1.21 -28.41 -12.81
N LEU A 74 -1.26 -27.25 -13.46
CA LEU A 74 -0.04 -26.51 -13.78
C LEU A 74 0.40 -25.63 -12.63
N HIS A 75 -0.55 -25.05 -11.90
CA HIS A 75 -0.24 -24.13 -10.83
C HIS A 75 -0.13 -24.83 -9.49
N TYR A 76 -1.04 -25.75 -9.18
CA TYR A 76 -1.13 -26.30 -7.83
C TYR A 76 -0.93 -27.81 -7.81
N GLY A 77 -0.41 -28.39 -8.89
CA GLY A 77 0.17 -29.72 -8.85
C GLY A 77 -0.78 -30.88 -8.79
N GLN A 78 -2.06 -30.69 -9.11
CA GLN A 78 -3.03 -31.79 -9.08
C GLN A 78 -2.85 -32.63 -10.34
N ALA A 79 -1.89 -33.57 -10.27
CA ALA A 79 -1.46 -34.37 -11.41
C ALA A 79 -0.80 -35.62 -10.85
N VAL A 80 -1.34 -36.79 -11.20
CA VAL A 80 -0.78 -38.08 -10.80
C VAL A 80 -0.81 -39.01 -12.00
N PHE A 81 0.00 -40.04 -11.95
CA PHE A 81 0.10 -40.90 -13.13
C PHE A 81 0.34 -42.35 -12.68
N GLU A 82 0.29 -43.24 -13.67
CA GLU A 82 0.58 -44.65 -13.46
C GLU A 82 1.50 -45.15 -14.56
N GLY A 83 1.98 -46.39 -14.38
CA GLY A 83 2.82 -47.06 -15.35
C GLY A 83 2.69 -48.57 -15.27
N LEU A 84 2.31 -49.20 -16.39
CA LEU A 84 2.20 -50.64 -16.45
C LEU A 84 2.56 -51.07 -17.87
N LYS A 85 2.66 -52.39 -18.08
CA LYS A 85 3.12 -52.91 -19.35
C LYS A 85 2.11 -53.90 -19.95
N VAL A 86 2.03 -53.86 -21.28
CA VAL A 86 1.21 -54.80 -22.07
C VAL A 86 2.14 -55.61 -22.97
N PHE A 87 1.89 -56.91 -23.06
CA PHE A 87 2.82 -57.80 -23.74
C PHE A 87 2.11 -58.61 -24.81
N ARG A 88 2.82 -58.84 -25.92
CA ARG A 88 2.50 -59.90 -26.85
C ARG A 88 3.14 -61.19 -26.34
N THR A 89 2.31 -62.19 -26.01
CA THR A 89 2.77 -63.39 -25.34
C THR A 89 3.24 -64.43 -26.35
N VAL A 90 3.77 -65.54 -25.82
CA VAL A 90 4.38 -66.57 -26.65
C VAL A 90 3.36 -67.20 -27.59
N ASP A 91 2.09 -67.30 -27.17
CA ASP A 91 1.05 -67.90 -28.00
C ASP A 91 0.27 -66.86 -28.81
N GLY A 92 0.82 -65.66 -28.96
CA GLY A 92 0.23 -64.68 -29.84
C GLY A 92 -0.86 -63.84 -29.25
N ARG A 93 -1.08 -63.90 -27.94
CA ARG A 93 -2.14 -63.12 -27.31
CA ARG A 93 -2.14 -63.11 -27.34
C ARG A 93 -1.55 -61.82 -26.75
N VAL A 94 -2.41 -61.02 -26.14
CA VAL A 94 -2.05 -59.72 -25.58
C VAL A 94 -2.52 -59.67 -24.13
N ALA A 95 -1.62 -59.31 -23.22
CA ALA A 95 -1.94 -59.26 -21.80
C ALA A 95 -1.34 -58.02 -21.16
N ALA A 96 -2.12 -57.39 -20.27
CA ALA A 96 -1.62 -56.38 -19.36
C ALA A 96 -1.26 -57.03 -18.03
N PHE A 97 -0.14 -56.60 -17.43
CA PHE A 97 0.36 -57.22 -16.21
C PHE A 97 -0.16 -56.48 -14.98
N ARG A 98 -1.06 -57.12 -14.23
CA ARG A 98 -1.63 -56.62 -12.98
C ARG A 98 -2.25 -55.22 -13.03
N PRO A 99 -3.04 -54.88 -14.06
CA PRO A 99 -3.56 -53.50 -14.16
C PRO A 99 -4.52 -53.11 -13.05
N VAL A 100 -5.22 -54.08 -12.44
CA VAL A 100 -6.09 -53.72 -11.32
C VAL A 100 -5.27 -53.09 -10.21
N GLU A 101 -4.05 -53.56 -10.02
CA GLU A 101 -3.17 -52.95 -9.03
C GLU A 101 -2.91 -51.48 -9.38
N ASN A 102 -2.71 -51.18 -10.67
CA ASN A 102 -2.51 -49.79 -11.10
C ASN A 102 -3.76 -48.95 -10.95
N ALA A 103 -4.92 -49.51 -11.30
CA ALA A 103 -6.16 -48.78 -11.14
C ALA A 103 -6.39 -48.37 -9.70
N ARG A 104 -6.09 -49.27 -8.75
CA ARG A 104 -6.28 -48.97 -7.34
C ARG A 104 -5.27 -47.96 -6.84
N ARG A 105 -4.02 -48.07 -7.29
CA ARG A 105 -3.02 -47.10 -6.84
C ARG A 105 -3.33 -45.72 -7.39
N LEU A 106 -3.80 -45.65 -8.64
CA LEU A 106 -4.23 -44.39 -9.21
C LEU A 106 -5.28 -43.72 -8.33
N ILE A 107 -6.27 -44.50 -7.89
CA ILE A 107 -7.28 -43.96 -6.98
C ILE A 107 -6.65 -43.46 -5.69
N SER A 108 -5.71 -44.23 -5.15
CA SER A 108 -5.00 -43.82 -3.95
C SER A 108 -4.18 -42.55 -4.17
N SER A 109 -3.50 -42.44 -5.33
CA SER A 109 -2.73 -41.23 -5.58
C SER A 109 -3.65 -40.02 -5.73
N CYS A 110 -4.77 -40.20 -6.44
CA CYS A 110 -5.75 -39.14 -6.58
C CYS A 110 -6.29 -38.70 -5.23
N ASP A 111 -6.72 -39.66 -4.39
CA ASP A 111 -7.27 -39.29 -3.09
C ASP A 111 -6.27 -38.47 -2.27
N GLY A 112 -5.00 -38.86 -2.26
CA GLY A 112 -4.00 -38.16 -1.46
C GLY A 112 -3.80 -36.71 -1.86
N LEU A 113 -4.18 -36.35 -3.09
CA LEU A 113 -4.11 -34.99 -3.59
C LEU A 113 -5.48 -34.37 -3.80
N CYS A 114 -6.53 -34.98 -3.23
CA CYS A 114 -7.90 -34.45 -3.28
C CYS A 114 -8.38 -34.30 -4.73
N MET A 115 -8.11 -35.31 -5.54
CA MET A 115 -8.51 -35.34 -6.93
C MET A 115 -9.56 -36.42 -7.16
N GLU A 116 -10.45 -36.19 -8.13
CA GLU A 116 -11.33 -37.25 -8.55
C GLU A 116 -10.55 -38.28 -9.37
N SER A 117 -11.03 -39.51 -9.37
CA SER A 117 -10.33 -40.60 -10.05
C SER A 117 -11.33 -41.47 -10.77
N PRO A 118 -10.94 -42.08 -11.88
CA PRO A 118 -11.80 -43.08 -12.52
C PRO A 118 -11.92 -44.31 -11.64
N SER A 119 -13.08 -44.95 -11.71
CA SER A 119 -13.22 -46.21 -11.02
C SER A 119 -12.31 -47.26 -11.68
N GLU A 120 -12.13 -48.37 -10.98
CA GLU A 120 -11.36 -49.48 -11.53
C GLU A 120 -11.88 -49.91 -12.89
N GLN A 121 -13.21 -49.99 -13.03
CA GLN A 121 -13.78 -50.46 -14.30
C GLN A 121 -13.56 -49.45 -15.42
N LEU A 122 -13.74 -48.16 -15.15
CA LEU A 122 -13.44 -47.16 -16.17
C LEU A 122 -11.98 -47.25 -16.58
N PHE A 123 -11.10 -47.43 -15.60
CA PHE A 123 -9.69 -47.61 -15.87
C PHE A 123 -9.46 -48.81 -16.79
N LEU A 124 -10.06 -49.95 -16.44
CA LEU A 124 -9.87 -51.16 -17.25
C LEU A 124 -10.50 -51.00 -18.63
N ASN A 125 -11.63 -50.31 -18.72
CA ASN A 125 -12.23 -50.01 -20.03
C ASN A 125 -11.31 -49.13 -20.86
N ALA A 126 -10.72 -48.12 -20.24
CA ALA A 126 -9.79 -47.27 -20.97
C ALA A 126 -8.61 -48.09 -21.50
N LEU A 127 -8.09 -49.00 -20.66
CA LEU A 127 -6.95 -49.83 -21.07
C LEU A 127 -7.29 -50.68 -22.29
N ALA A 128 -8.41 -51.40 -22.25
CA ALA A 128 -8.79 -52.23 -23.39
C ALA A 128 -9.01 -51.37 -24.63
N MET A 129 -9.64 -50.21 -24.47
CA MET A 129 -9.92 -49.36 -25.62
C MET A 129 -8.62 -48.86 -26.23
N VAL A 130 -7.69 -48.38 -25.39
CA VAL A 130 -6.47 -47.82 -25.96
C VAL A 130 -5.57 -48.93 -26.50
N VAL A 131 -5.56 -50.10 -25.85
CA VAL A 131 -4.72 -51.19 -26.36
C VAL A 131 -5.24 -51.67 -27.71
N ARG A 132 -6.56 -51.82 -27.86
CA ARG A 132 -7.11 -52.31 -29.13
C ARG A 132 -6.80 -51.34 -30.26
N ASP A 133 -6.93 -50.04 -30.01
CA ASP A 133 -6.69 -49.09 -31.09
C ASP A 133 -5.21 -48.99 -31.44
N ASN A 134 -4.31 -49.41 -30.55
CA ASN A 134 -2.88 -49.32 -30.84
C ASN A 134 -2.22 -50.69 -30.92
N VAL A 135 -3.00 -51.75 -31.19
CA VAL A 135 -2.47 -53.12 -31.11
C VAL A 135 -1.29 -53.29 -32.06
N ASP A 136 -1.32 -52.66 -33.24
CA ASP A 136 -0.19 -52.85 -34.14
C ASP A 136 1.11 -52.22 -33.62
N TYR A 137 1.08 -51.52 -32.48
CA TYR A 137 2.29 -50.96 -31.87
C TYR A 137 2.90 -51.83 -30.79
N ILE A 138 2.27 -52.95 -30.45
CA ILE A 138 2.83 -53.86 -29.46
C ILE A 138 4.01 -54.60 -30.07
N PRO A 139 5.21 -54.50 -29.50
CA PRO A 139 6.38 -55.18 -30.08
C PRO A 139 6.17 -56.69 -30.14
N PRO A 140 6.55 -57.33 -31.23
CA PRO A 140 6.23 -58.76 -31.40
C PRO A 140 7.02 -59.65 -30.47
N TYR A 141 6.50 -60.85 -30.25
CA TYR A 141 7.15 -61.81 -29.37
C TYR A 141 8.52 -62.20 -29.91
N GLY A 142 9.52 -62.20 -29.04
CA GLY A 142 10.88 -62.40 -29.44
C GLY A 142 11.71 -61.13 -29.45
N THR A 143 11.06 -59.97 -29.42
CA THR A 143 11.82 -58.72 -29.34
C THR A 143 12.21 -58.36 -27.91
N GLY A 144 11.55 -58.95 -26.92
CA GLY A 144 11.75 -58.50 -25.55
C GLY A 144 11.18 -57.14 -25.26
N GLY A 145 10.42 -56.56 -26.19
CA GLY A 145 9.80 -55.28 -25.98
C GLY A 145 8.41 -55.42 -25.40
N SER A 146 7.75 -54.28 -25.25
CA SER A 146 6.42 -54.26 -24.66
C SER A 146 5.77 -52.92 -25.02
N LEU A 147 4.51 -52.80 -24.64
CA LEU A 147 3.77 -51.55 -24.78
C LEU A 147 3.64 -50.94 -23.40
N TYR A 148 4.34 -49.83 -23.18
CA TYR A 148 4.26 -49.10 -21.92
C TYR A 148 2.96 -48.31 -21.88
N VAL A 149 2.24 -48.42 -20.77
CA VAL A 149 0.95 -47.77 -20.59
C VAL A 149 1.09 -46.70 -19.53
N ARG A 150 0.73 -45.46 -19.88
CA ARG A 150 0.85 -44.31 -18.97
C ARG A 150 -0.52 -43.71 -18.76
N PRO A 151 -1.26 -44.17 -17.75
CA PRO A 151 -2.45 -43.42 -17.31
C PRO A 151 -2.04 -42.14 -16.57
N LEU A 152 -2.92 -41.13 -16.64
CA LEU A 152 -2.70 -39.79 -16.10
C LEU A 152 -4.05 -39.18 -15.69
N VAL A 153 -4.09 -38.57 -14.50
CA VAL A 153 -5.22 -37.75 -14.09
C VAL A 153 -4.69 -36.39 -13.66
N ILE A 154 -5.33 -35.33 -14.15
CA ILE A 154 -4.90 -33.95 -13.93
C ILE A 154 -6.12 -33.10 -13.66
N GLY A 155 -5.97 -32.15 -12.74
CA GLY A 155 -6.99 -31.16 -12.54
C GLY A 155 -6.93 -30.13 -13.64
N THR A 156 -8.04 -29.92 -14.33
CA THR A 156 -8.07 -29.02 -15.47
C THR A 156 -8.96 -27.80 -15.28
N GLY A 157 -9.70 -27.72 -14.18
CA GLY A 157 -10.46 -26.50 -13.93
C GLY A 157 -9.55 -25.30 -13.75
N ALA A 158 -10.02 -24.15 -14.20
CA ALA A 158 -9.31 -22.88 -14.06
C ALA A 158 -9.65 -22.23 -12.72
N GLN A 159 -8.62 -21.94 -11.92
CA GLN A 159 -8.84 -21.39 -10.59
C GLN A 159 -7.61 -20.63 -10.09
N LEU A 160 -7.86 -19.67 -9.21
CA LEU A 160 -6.81 -18.88 -8.57
C LEU A 160 -6.56 -19.28 -7.12
N GLY A 161 -7.60 -19.40 -6.31
CA GLY A 161 -7.42 -19.86 -4.95
C GLY A 161 -6.90 -21.28 -4.91
N VAL A 162 -6.09 -21.55 -3.89
CA VAL A 162 -5.55 -22.90 -3.71
C VAL A 162 -6.66 -23.78 -3.13
N ALA A 163 -7.17 -24.69 -3.94
CA ALA A 163 -8.28 -25.56 -3.63
C ALA A 163 -8.34 -26.64 -4.69
N PRO A 164 -9.00 -27.78 -4.41
CA PRO A 164 -9.11 -28.82 -5.44
C PRO A 164 -9.89 -28.32 -6.66
N SER A 165 -9.40 -28.71 -7.83
CA SER A 165 -10.07 -28.33 -9.06
C SER A 165 -11.49 -28.90 -9.09
N SER A 166 -12.35 -28.21 -9.85
CA SER A 166 -13.72 -28.63 -10.10
C SER A 166 -13.87 -29.48 -11.36
N GLU A 167 -12.78 -29.72 -12.08
CA GLU A 167 -12.81 -30.50 -13.30
C GLU A 167 -11.51 -31.28 -13.40
N TYR A 168 -11.60 -32.52 -13.88
CA TYR A 168 -10.44 -33.39 -14.00
C TYR A 168 -10.49 -34.10 -15.35
N MET A 169 -9.30 -34.47 -15.85
CA MET A 169 -9.20 -35.22 -17.10
C MET A 169 -8.39 -36.48 -16.85
N PHE A 170 -8.89 -37.61 -17.34
CA PHE A 170 -8.23 -38.90 -17.24
C PHE A 170 -7.76 -39.28 -18.63
N LEU A 171 -6.45 -39.44 -18.78
CA LEU A 171 -5.88 -39.85 -20.05
C LEU A 171 -5.18 -41.18 -19.87
N MET A 172 -5.12 -41.96 -20.95
CA MET A 172 -4.29 -43.16 -20.98
C MET A 172 -3.62 -43.21 -22.34
N MET A 173 -2.30 -43.11 -22.33
CA MET A 173 -1.50 -43.11 -23.54
C MET A 173 -0.54 -44.30 -23.49
N VAL A 174 0.01 -44.65 -24.64
CA VAL A 174 0.83 -45.85 -24.76
C VAL A 174 2.00 -45.56 -25.68
N ALA A 175 3.08 -46.31 -25.47
CA ALA A 175 4.22 -46.23 -26.33
C ALA A 175 4.94 -47.55 -26.28
N PRO A 176 5.36 -48.09 -27.41
CA PRO A 176 6.22 -49.28 -27.38
C PRO A 176 7.62 -48.92 -26.90
N VAL A 177 8.17 -49.78 -26.04
CA VAL A 177 9.52 -49.65 -25.52
C VAL A 177 10.23 -50.97 -25.78
N GLY A 178 11.54 -50.92 -25.89
CA GLY A 178 12.31 -52.10 -26.19
C GLY A 178 12.64 -52.89 -24.94
N PRO A 179 13.40 -53.98 -25.10
CA PRO A 179 13.91 -54.67 -23.90
C PRO A 179 14.80 -53.72 -23.12
N TYR A 180 14.49 -53.56 -21.83
CA TYR A 180 15.32 -52.69 -21.01
C TYR A 180 16.75 -53.21 -20.95
N TYR A 181 16.91 -54.53 -20.85
CA TYR A 181 18.21 -55.20 -20.88
C TYR A 181 18.32 -55.88 -22.24
N ARG A 182 18.88 -55.17 -23.22
CA ARG A 182 19.24 -55.80 -24.49
C ARG A 182 20.58 -56.50 -24.26
N GLY A 183 20.53 -57.79 -23.96
CA GLY A 183 21.75 -58.55 -23.71
C GLY A 183 22.13 -58.74 -22.26
N GLY A 184 21.16 -59.05 -21.42
CA GLY A 184 21.48 -59.54 -20.10
C GLY A 184 21.44 -58.48 -19.02
N LEU A 185 21.14 -58.91 -17.80
CA LEU A 185 21.06 -58.05 -16.64
C LEU A 185 22.42 -57.42 -16.30
N LYS A 186 22.39 -56.14 -15.94
CA LYS A 186 23.57 -55.40 -15.55
C LYS A 186 23.36 -54.77 -14.19
N SER A 187 24.39 -54.83 -13.35
CA SER A 187 24.34 -54.20 -12.02
C SER A 187 24.89 -52.77 -12.09
N VAL A 188 24.45 -51.92 -11.15
CA VAL A 188 24.84 -50.51 -11.14
C VAL A 188 25.31 -50.10 -9.74
N ASN A 189 25.97 -48.94 -9.68
CA ASN A 189 26.42 -48.34 -8.43
C ASN A 189 25.43 -47.28 -7.98
N ALA A 190 25.04 -47.33 -6.70
CA ALA A 190 24.10 -46.41 -6.08
C ALA A 190 24.78 -45.49 -5.07
N ILE A 191 24.28 -44.26 -4.95
CA ILE A 191 24.75 -43.33 -3.93
C ILE A 191 23.58 -42.98 -3.02
N VAL A 192 23.86 -42.88 -1.72
CA VAL A 192 22.89 -42.41 -0.73
C VAL A 192 22.96 -40.89 -0.68
N MET A 193 21.80 -40.23 -0.81
CA MET A 193 21.70 -38.77 -0.82
C MET A 193 21.54 -38.28 0.61
N ASP A 194 22.65 -37.82 1.21
CA ASP A 194 22.57 -37.43 2.63
C ASP A 194 21.95 -36.06 2.84
N GLU A 195 22.10 -35.14 1.90
CA GLU A 195 21.59 -33.78 2.04
C GLU A 195 20.31 -33.55 1.22
N PHE A 196 19.61 -34.62 0.84
CA PHE A 196 18.41 -34.52 0.03
C PHE A 196 17.35 -35.47 0.55
N ASP A 197 16.10 -35.02 0.57
CA ASP A 197 14.97 -35.90 0.85
C ASP A 197 14.12 -36.01 -0.41
N ARG A 198 13.44 -37.15 -0.55
CA ARG A 198 12.45 -37.32 -1.62
C ARG A 198 11.02 -37.19 -1.10
N ALA A 199 10.83 -37.25 0.22
CA ALA A 199 9.49 -37.17 0.77
C ALA A 199 9.56 -36.72 2.22
N ALA A 200 8.54 -35.97 2.64
CA ALA A 200 8.38 -35.59 4.02
C ALA A 200 7.91 -36.80 4.84
N PRO A 201 8.20 -36.84 6.14
CA PRO A 201 7.71 -37.98 6.95
C PRO A 201 6.19 -38.10 6.93
N TYR A 202 5.46 -36.98 6.99
CA TYR A 202 4.01 -37.01 6.84
C TYR A 202 3.61 -36.28 5.56
N GLY A 203 4.13 -36.74 4.42
CA GLY A 203 3.86 -36.10 3.14
C GLY A 203 3.23 -37.02 2.11
N VAL A 204 3.57 -36.82 0.84
CA VAL A 204 2.93 -37.53 -0.27
C VAL A 204 3.92 -38.49 -0.94
N GLY A 205 4.91 -38.98 -0.20
CA GLY A 205 5.86 -39.92 -0.78
C GLY A 205 5.23 -41.21 -1.30
N SER A 206 4.09 -41.62 -0.73
CA SER A 206 3.44 -42.84 -1.19
C SER A 206 2.49 -42.60 -2.36
N LYS A 207 2.36 -41.37 -2.84
CA LYS A 207 1.50 -41.07 -3.97
C LYS A 207 2.39 -40.90 -5.19
N CYS A 209 2.69 -38.91 -7.67
CA CYS A 209 2.27 -37.58 -8.09
C CYS A 209 3.42 -36.84 -8.76
N ALA A 210 3.07 -35.96 -9.69
CA ALA A 210 4.06 -35.26 -10.51
C ALA A 210 5.13 -34.57 -9.67
N GLY A 211 4.71 -33.87 -8.61
CA GLY A 211 5.64 -33.06 -7.87
C GLY A 211 6.80 -33.83 -7.26
N ASN A 212 6.58 -35.10 -6.90
CA ASN A 212 7.65 -35.87 -6.30
C ASN A 212 8.82 -36.03 -7.25
N TYR A 213 8.55 -36.04 -8.56
CA TYR A 213 9.63 -36.35 -9.48
C TYR A 213 10.46 -35.11 -9.78
N ALA A 214 9.82 -33.96 -10.03
CA ALA A 214 10.60 -32.72 -10.16
C ALA A 214 11.38 -32.40 -8.88
N ALA A 215 10.80 -32.70 -7.70
CA ALA A 215 11.50 -32.43 -6.45
C ALA A 215 12.73 -33.31 -6.26
N SER A 216 12.92 -34.33 -7.09
CA SER A 216 14.07 -35.21 -6.99
C SER A 216 15.12 -34.91 -8.06
N LEU A 217 14.86 -33.96 -8.96
CA LEU A 217 15.77 -33.75 -10.08
C LEU A 217 17.12 -33.16 -9.64
N LYS A 218 17.10 -32.24 -8.67
CA LYS A 218 18.35 -31.65 -8.20
C LYS A 218 19.30 -32.72 -7.65
N ALA A 219 18.78 -33.64 -6.83
CA ALA A 219 19.61 -34.74 -6.34
C ALA A 219 20.10 -35.61 -7.49
N GLN A 220 19.24 -35.82 -8.49
CA GLN A 220 19.63 -36.65 -9.64
C GLN A 220 20.85 -36.08 -10.34
N SER A 221 20.86 -34.78 -10.61
CA SER A 221 21.98 -34.18 -11.33
C SER A 221 23.26 -34.24 -10.51
N VAL A 222 23.16 -34.03 -9.19
CA VAL A 222 24.32 -34.19 -8.31
C VAL A 222 24.85 -35.62 -8.38
N ALA A 223 23.95 -36.61 -8.34
CA ALA A 223 24.41 -37.99 -8.43
C ALA A 223 24.94 -38.32 -9.82
N LEU A 224 24.28 -37.82 -10.88
CA LEU A 224 24.77 -38.10 -12.23
C LEU A 224 26.16 -37.50 -12.45
N LYS A 225 26.39 -36.27 -11.93
CA LYS A 225 27.73 -35.68 -12.05
C LYS A 225 28.80 -36.52 -11.36
N LYS A 226 28.43 -37.31 -10.35
CA LYS A 226 29.39 -38.23 -9.73
C LYS A 226 29.35 -39.61 -10.36
N SER A 227 28.62 -39.78 -11.48
CA SER A 227 28.53 -41.02 -12.23
C SER A 227 27.79 -42.12 -11.46
N PHE A 228 26.78 -41.76 -10.66
CA PHE A 228 25.89 -42.74 -10.03
C PHE A 228 24.55 -42.73 -10.74
N PRO A 229 24.17 -43.80 -11.44
CA PRO A 229 22.91 -43.78 -12.19
C PRO A 229 21.68 -43.93 -11.31
N ILE A 230 21.82 -44.24 -10.02
CA ILE A 230 20.65 -44.43 -9.17
C ILE A 230 20.95 -43.85 -7.79
N GLN A 231 19.92 -43.25 -7.19
CA GLN A 231 20.03 -42.50 -5.94
C GLN A 231 19.16 -43.16 -4.90
N LEU A 232 19.76 -43.56 -3.79
CA LEU A 232 19.03 -44.20 -2.70
C LEU A 232 18.75 -43.18 -1.59
N TYR A 233 17.52 -43.16 -1.11
CA TYR A 233 17.12 -42.28 -0.02
C TYR A 233 16.94 -43.03 1.28
N LEU A 234 17.29 -42.37 2.38
CA LEU A 234 16.96 -42.83 3.71
C LEU A 234 15.72 -42.08 4.21
N ASP A 235 15.18 -42.50 5.34
CA ASP A 235 13.99 -41.84 5.87
C ASP A 235 14.31 -40.39 6.20
N ALA A 236 13.44 -39.47 5.76
CA ALA A 236 13.65 -38.05 6.03
C ALA A 236 13.61 -37.73 7.52
N ALA A 237 12.90 -38.54 8.31
CA ALA A 237 12.72 -38.23 9.73
C ALA A 237 14.03 -38.35 10.50
N THR A 238 14.79 -39.43 10.27
CA THR A 238 16.00 -39.66 11.05
C THR A 238 17.23 -39.95 10.20
N HIS A 239 17.06 -40.22 8.90
CA HIS A 239 18.19 -40.58 8.04
C HIS A 239 18.98 -41.73 8.62
N THR A 240 18.27 -42.74 9.16
CA THR A 240 18.90 -43.96 9.66
C THR A 240 18.33 -45.25 9.08
N PHE A 241 17.20 -45.20 8.38
CA PHE A 241 16.59 -46.38 7.78
C PHE A 241 16.54 -46.23 6.26
N VAL A 242 16.69 -47.35 5.54
CA VAL A 242 16.53 -47.32 4.09
C VAL A 242 15.08 -46.98 3.76
N GLU A 243 14.89 -46.11 2.77
CA GLU A 243 13.53 -45.78 2.33
C GLU A 243 13.37 -46.39 0.95
N GLU A 244 13.73 -45.68 -0.12
CA GLU A 244 13.73 -46.27 -1.46
C GLU A 244 14.60 -45.41 -2.36
N PHE A 245 14.77 -45.87 -3.59
CA PHE A 245 15.39 -45.05 -4.62
C PHE A 245 14.38 -44.05 -5.16
N SER A 246 14.86 -43.09 -5.97
CA SER A 246 13.97 -42.01 -6.40
C SER A 246 12.81 -42.50 -7.26
N THR A 247 12.99 -43.59 -8.02
CA THR A 247 11.90 -44.10 -8.85
C THR A 247 11.73 -45.62 -8.74
N SER A 248 12.23 -46.25 -7.67
CA SER A 248 12.12 -47.70 -7.53
C SER A 248 12.28 -48.09 -6.06
N ASN A 249 11.61 -49.18 -5.66
CA ASN A 249 11.75 -49.69 -4.30
C ASN A 249 13.09 -50.38 -4.10
N PHE A 250 13.48 -50.53 -2.84
CA PHE A 250 14.70 -51.22 -2.45
C PHE A 250 14.34 -52.60 -1.91
N PHE A 251 15.15 -53.61 -2.23
CA PHE A 251 15.06 -54.90 -1.56
C PHE A 251 16.47 -55.41 -1.29
N GLY A 252 16.56 -56.28 -0.30
CA GLY A 252 17.80 -56.99 -0.02
C GLY A 252 17.53 -58.47 0.15
N ILE A 253 18.54 -59.27 -0.19
CA ILE A 253 18.52 -60.73 -0.08
C ILE A 253 19.64 -61.15 0.88
N LYS A 254 19.32 -62.05 1.82
CA LYS A 254 20.31 -62.63 2.74
C LYS A 254 19.85 -64.03 3.11
N ASP A 255 20.68 -64.72 3.91
CA ASP A 255 20.43 -66.08 4.44
C ASP A 255 20.25 -67.12 3.33
N ILE A 256 20.94 -66.94 2.20
CA ILE A 256 20.83 -67.87 1.10
C ILE A 256 21.44 -69.20 1.49
N GLN A 257 20.68 -70.29 1.34
CA GLN A 257 21.17 -71.64 1.61
C GLN A 257 20.92 -72.54 0.42
N ARG A 258 21.85 -73.46 0.15
CA ARG A 258 21.81 -74.29 -1.06
C ARG A 258 21.97 -75.76 -0.69
N ASP A 259 21.52 -76.63 -1.60
CA ASP A 259 21.64 -78.08 -1.44
C ASP A 259 22.92 -78.58 -2.10
N GLY A 260 23.09 -79.91 -2.13
CA GLY A 260 24.27 -80.53 -2.68
C GLY A 260 24.46 -80.29 -4.17
N ALA A 261 23.41 -79.89 -4.88
CA ALA A 261 23.53 -79.56 -6.28
C ALA A 261 23.74 -78.06 -6.53
N GLY A 262 23.84 -77.26 -5.45
CA GLY A 262 23.98 -75.83 -5.61
C GLY A 262 22.67 -75.09 -5.76
N LYS A 263 21.55 -75.81 -5.71
CA LYS A 263 20.24 -75.20 -5.83
C LYS A 263 19.89 -74.44 -4.55
N ILE A 264 19.38 -73.21 -4.72
CA ILE A 264 18.95 -72.42 -3.57
C ILE A 264 17.69 -73.04 -2.97
N VAL A 265 17.73 -73.32 -1.67
CA VAL A 265 16.63 -73.97 -0.99
C VAL A 265 15.98 -73.07 0.06
N SER A 266 16.59 -71.93 0.37
CA SER A 266 16.08 -71.03 1.40
C SER A 266 16.76 -69.69 1.23
N CYS A 267 16.03 -68.62 1.57
CA CYS A 267 16.62 -67.28 1.65
C CYS A 267 15.54 -66.33 2.19
N THR A 268 15.94 -65.09 2.43
CA THR A 268 15.07 -64.08 3.02
C THR A 268 15.09 -62.83 2.15
N TYR A 269 13.91 -62.40 1.72
CA TYR A 269 13.71 -61.17 0.97
C TYR A 269 13.27 -60.07 1.95
N VAL A 270 14.04 -58.99 2.03
CA VAL A 270 13.80 -57.90 2.99
C VAL A 270 13.51 -56.63 2.20
N THR A 271 12.45 -55.92 2.60
CA THR A 271 12.14 -54.67 1.93
C THR A 271 11.55 -53.66 2.92
N PRO A 272 11.95 -52.39 2.82
CA PRO A 272 11.53 -51.40 3.83
C PRO A 272 10.04 -51.17 3.90
N LYS A 273 9.58 -50.86 5.11
CA LYS A 273 8.19 -50.53 5.38
C LYS A 273 8.13 -49.11 5.94
N SER A 274 7.31 -48.26 5.32
CA SER A 274 7.27 -46.86 5.70
C SER A 274 6.10 -46.19 5.02
N PRO A 275 5.36 -45.29 5.70
CA PRO A 275 4.25 -44.60 5.02
C PRO A 275 4.73 -43.67 3.90
N SER A 276 6.03 -43.38 3.82
CA SER A 276 6.66 -42.49 2.84
C SER A 276 7.06 -43.19 1.55
N ILE A 277 7.00 -44.51 1.49
CA ILE A 277 7.50 -45.27 0.36
C ILE A 277 6.39 -45.47 -0.65
N LEU A 278 6.70 -45.24 -1.93
CA LEU A 278 5.75 -45.58 -3.00
C LEU A 278 5.58 -47.10 -3.03
N PRO A 279 4.37 -47.62 -2.81
CA PRO A 279 4.19 -49.08 -2.81
C PRO A 279 4.32 -49.71 -4.21
N SER A 280 5.53 -50.14 -4.54
CA SER A 280 5.80 -50.69 -5.85
C SER A 280 5.01 -51.97 -6.09
N ILE A 281 4.33 -52.02 -7.25
CA ILE A 281 3.61 -53.24 -7.64
C ILE A 281 4.58 -54.34 -8.04
N THR A 282 5.73 -53.98 -8.63
CA THR A 282 6.74 -54.99 -8.91
C THR A 282 7.28 -55.58 -7.62
N ASN A 283 7.57 -54.72 -6.63
CA ASN A 283 8.01 -55.19 -5.31
C ASN A 283 7.00 -56.20 -4.75
N LYS A 284 5.71 -55.82 -4.75
CA LYS A 284 4.67 -56.74 -4.29
C LYS A 284 4.74 -58.07 -5.05
N THR A 285 4.93 -58.00 -6.38
CA THR A 285 5.09 -59.20 -7.18
C THR A 285 6.27 -60.05 -6.71
N LEU A 286 7.41 -59.41 -6.45
CA LEU A 286 8.57 -60.16 -6.01
C LEU A 286 8.32 -60.83 -4.68
N ARG A 287 7.67 -60.13 -3.74
CA ARG A 287 7.34 -60.71 -2.44
C ARG A 287 6.47 -61.94 -2.62
N GLU A 288 5.45 -61.84 -3.48
CA GLU A 288 4.55 -62.97 -3.73
C GLU A 288 5.29 -64.13 -4.40
N LEU A 289 6.24 -63.83 -5.27
CA LEU A 289 7.05 -64.90 -5.87
C LEU A 289 7.96 -65.56 -4.83
N ILE A 290 8.64 -64.76 -4.01
CA ILE A 290 9.55 -65.30 -3.00
C ILE A 290 8.81 -66.23 -2.05
N SER A 291 7.69 -65.76 -1.48
CA SER A 291 7.06 -66.56 -0.44
C SER A 291 6.11 -67.63 -0.97
N GLN A 292 5.26 -67.32 -1.95
CA GLN A 292 4.25 -68.29 -2.38
C GLN A 292 4.67 -69.14 -3.57
N TYR A 293 5.62 -68.69 -4.37
CA TYR A 293 6.07 -69.48 -5.52
C TYR A 293 7.31 -70.31 -5.20
N PHE A 294 8.32 -69.69 -4.59
CA PHE A 294 9.54 -70.39 -4.24
C PHE A 294 9.57 -70.90 -2.80
N GLY A 295 8.65 -70.45 -1.94
CA GLY A 295 8.57 -70.96 -0.58
C GLY A 295 9.62 -70.46 0.39
N TRP A 296 10.12 -69.23 0.22
CA TRP A 296 11.13 -68.66 1.08
C TRP A 296 10.53 -67.56 1.98
N LYS A 297 11.40 -66.80 2.64
CA LYS A 297 10.99 -65.89 3.69
C LYS A 297 10.97 -64.45 3.17
N VAL A 298 9.91 -63.73 3.53
CA VAL A 298 9.74 -62.31 3.16
C VAL A 298 9.60 -61.50 4.44
N ASP A 299 10.35 -60.40 4.52
CA ASP A 299 10.31 -59.46 5.64
C ASP A 299 9.94 -58.08 5.13
N VAL A 300 8.78 -57.57 5.52
CA VAL A 300 8.42 -56.17 5.26
C VAL A 300 8.52 -55.43 6.59
N ARG A 301 9.59 -54.68 6.78
CA ARG A 301 9.92 -54.11 8.07
C ARG A 301 10.93 -52.97 7.88
N GLU A 302 11.19 -52.25 8.98
CA GLU A 302 12.22 -51.22 8.93
CA GLU A 302 12.23 -51.23 8.99
C GLU A 302 13.58 -51.84 8.71
N VAL A 303 14.31 -51.28 7.76
CA VAL A 303 15.66 -51.73 7.40
C VAL A 303 16.64 -50.66 7.83
N PRO A 304 17.26 -50.78 9.00
CA PRO A 304 18.27 -49.79 9.39
C PRO A 304 19.40 -49.80 8.39
N PHE A 305 19.96 -48.62 8.11
CA PHE A 305 21.02 -48.56 7.13
C PHE A 305 22.22 -49.41 7.53
N THR A 306 22.47 -49.56 8.83
CA THR A 306 23.58 -50.40 9.28
C THR A 306 23.39 -51.87 8.88
N GLU A 307 22.16 -52.27 8.54
CA GLU A 307 21.94 -53.65 8.10
C GLU A 307 22.34 -53.87 6.65
N VAL A 308 22.51 -52.80 5.88
CA VAL A 308 22.69 -52.98 4.44
C VAL A 308 23.93 -53.82 4.14
N LYS A 309 24.99 -53.68 4.95
CA LYS A 309 26.21 -54.46 4.68
C LYS A 309 26.04 -55.95 4.93
N THR A 310 24.92 -56.37 5.54
CA THR A 310 24.70 -57.79 5.75
C THR A 310 23.90 -58.43 4.61
N PHE A 311 23.39 -57.66 3.66
CA PHE A 311 22.69 -58.24 2.53
C PHE A 311 23.68 -58.91 1.59
N GLN A 312 23.29 -60.07 1.05
CA GLN A 312 24.11 -60.74 0.05
C GLN A 312 23.80 -60.25 -1.36
N GLU A 313 22.56 -59.88 -1.62
CA GLU A 313 22.15 -59.26 -2.87
C GLU A 313 21.36 -58.01 -2.53
N CYS A 314 21.41 -57.05 -3.44
CA CYS A 314 20.65 -55.83 -3.26
C CYS A 314 20.09 -55.40 -4.62
N GLY A 315 18.86 -54.90 -4.64
CA GLY A 315 18.23 -54.53 -5.89
C GLY A 315 17.24 -53.39 -5.74
N ALA A 316 16.98 -52.75 -6.88
CA ALA A 316 15.87 -51.83 -7.01
C ALA A 316 14.83 -52.48 -7.90
N THR A 317 13.57 -52.09 -7.71
CA THR A 317 12.46 -52.73 -8.44
C THR A 317 11.43 -51.72 -8.92
N GLY A 318 11.01 -51.87 -10.17
CA GLY A 318 10.00 -51.00 -10.76
C GLY A 318 9.62 -51.54 -12.12
N THR A 319 8.56 -50.96 -12.69
CA THR A 319 7.95 -51.57 -13.88
C THR A 319 8.92 -51.58 -15.08
N ALA A 320 9.60 -50.47 -15.33
CA ALA A 320 10.46 -50.37 -16.51
C ALA A 320 11.66 -51.32 -16.44
N VAL A 321 12.20 -51.56 -15.24
CA VAL A 321 13.41 -52.39 -15.14
C VAL A 321 13.12 -53.80 -14.65
N VAL A 322 11.93 -54.04 -14.08
CA VAL A 322 11.65 -55.19 -13.23
C VAL A 322 12.60 -55.16 -12.04
N VAL A 323 13.88 -55.44 -12.26
CA VAL A 323 14.88 -55.27 -11.21
C VAL A 323 16.10 -54.54 -11.76
N THR A 324 16.72 -53.77 -10.88
CA THR A 324 18.04 -53.22 -11.14
C THR A 324 18.97 -53.82 -10.10
N PRO A 325 19.87 -54.72 -10.48
CA PRO A 325 20.81 -55.26 -9.49
C PRO A 325 21.78 -54.19 -9.02
N ILE A 326 22.01 -54.14 -7.71
CA ILE A 326 22.89 -53.15 -7.09
C ILE A 326 24.26 -53.79 -6.84
N ALA A 327 25.29 -53.27 -7.50
CA ALA A 327 26.65 -53.77 -7.30
C ALA A 327 27.31 -53.16 -6.07
N SER A 328 26.96 -51.91 -5.73
CA SER A 328 27.55 -51.24 -4.57
C SER A 328 26.65 -50.09 -4.13
N ILE A 329 26.78 -49.73 -2.86
CA ILE A 329 26.09 -48.58 -2.29
C ILE A 329 27.13 -47.69 -1.64
N THR A 330 27.17 -46.42 -2.04
CA THR A 330 28.09 -45.45 -1.47
C THR A 330 27.32 -44.46 -0.60
N ARG A 331 27.79 -44.28 0.65
CA ARG A 331 27.30 -43.23 1.55
C ARG A 331 28.53 -42.51 2.10
N GLY A 332 28.70 -41.27 1.69
CA GLY A 332 29.89 -40.53 2.09
C GLY A 332 31.12 -41.24 1.59
N SER A 333 32.02 -41.62 2.49
CA SER A 333 33.24 -42.31 2.13
C SER A 333 33.15 -43.81 2.38
N THR A 334 31.98 -44.30 2.81
CA THR A 334 31.79 -45.71 3.11
C THR A 334 31.17 -46.39 1.89
N VAL A 335 31.80 -47.47 1.44
CA VAL A 335 31.35 -48.22 0.27
C VAL A 335 31.03 -49.65 0.69
N ILE A 336 29.81 -50.09 0.37
CA ILE A 336 29.38 -51.46 0.58
C ILE A 336 29.32 -52.13 -0.79
N ASP A 337 30.20 -53.09 -1.01
CA ASP A 337 30.36 -53.75 -2.30
C ASP A 337 29.63 -55.09 -2.27
N PHE A 338 28.67 -55.26 -3.18
CA PHE A 338 27.94 -56.51 -3.35
C PHE A 338 28.43 -57.33 -4.53
N LEU A 339 28.75 -56.69 -5.66
CA LEU A 339 29.15 -57.39 -6.88
C LEU A 339 30.40 -56.74 -7.43
N GLN A 340 31.28 -57.55 -8.02
CA GLN A 340 32.58 -57.04 -8.44
C GLN A 340 32.56 -56.34 -9.78
N SER A 341 31.63 -56.71 -10.66
CA SER A 341 31.57 -56.16 -12.01
C SER A 341 30.12 -55.92 -12.39
N ASP A 342 29.90 -55.01 -13.35
CA ASP A 342 28.54 -54.81 -13.84
C ASP A 342 28.02 -56.03 -14.60
N ASP A 343 28.91 -56.93 -15.04
CA ASP A 343 28.47 -58.20 -15.63
C ASP A 343 27.81 -59.08 -14.58
N GLN A 344 28.22 -58.96 -13.32
CA GLN A 344 27.68 -59.78 -12.25
C GLN A 344 26.33 -59.25 -11.78
N VAL A 345 25.43 -60.18 -11.46
CA VAL A 345 24.11 -59.87 -10.91
C VAL A 345 23.80 -60.92 -9.87
N GLY A 346 23.00 -60.54 -8.87
CA GLY A 346 22.67 -61.49 -7.82
C GLY A 346 21.88 -62.68 -8.36
N GLU A 347 22.12 -63.84 -7.78
CA GLU A 347 21.48 -65.04 -8.30
C GLU A 347 19.97 -65.01 -8.10
N VAL A 348 19.52 -64.71 -6.88
CA VAL A 348 18.10 -64.62 -6.61
C VAL A 348 17.47 -63.48 -7.39
N THR A 349 18.19 -62.35 -7.50
CA THR A 349 17.72 -61.22 -8.28
C THR A 349 17.47 -61.62 -9.73
N LYS A 350 18.40 -62.36 -10.32
CA LYS A 350 18.23 -62.83 -11.68
C LYS A 350 17.06 -63.80 -11.79
N LEU A 351 16.94 -64.71 -10.81
CA LEU A 351 15.81 -65.63 -10.79
C LEU A 351 14.48 -64.88 -10.78
N LEU A 352 14.40 -63.81 -9.99
CA LEU A 352 13.17 -63.02 -9.90
C LEU A 352 12.85 -62.41 -11.25
N TYR A 353 13.86 -61.80 -11.87
CA TYR A 353 13.72 -61.20 -13.18
C TYR A 353 13.21 -62.20 -14.21
N GLU A 354 13.83 -63.38 -14.27
CA GLU A 354 13.43 -64.37 -15.26
C GLU A 354 12.03 -64.89 -14.99
N THR A 355 11.64 -65.00 -13.72
CA THR A 355 10.33 -65.54 -13.37
C THR A 355 9.21 -64.54 -13.67
N VAL A 356 9.43 -63.27 -13.36
CA VAL A 356 8.47 -62.22 -13.72
C VAL A 356 8.27 -62.20 -15.23
N GLN A 357 9.38 -62.15 -15.97
CA GLN A 357 9.30 -62.10 -17.43
C GLN A 357 8.68 -63.37 -18.00
N GLY A 358 8.99 -64.52 -17.40
CA GLY A 358 8.36 -65.74 -17.87
C GLY A 358 6.84 -65.67 -17.78
N ILE A 359 6.32 -65.12 -16.68
CA ILE A 359 4.88 -65.00 -16.48
C ILE A 359 4.29 -63.94 -17.42
N GLN A 360 4.96 -62.78 -17.51
CA GLN A 360 4.45 -61.68 -18.33
C GLN A 360 4.29 -62.10 -19.79
N TYR A 361 5.20 -62.91 -20.31
CA TYR A 361 5.18 -63.27 -21.72
C TYR A 361 4.45 -64.59 -22.02
N GLY A 362 3.87 -65.23 -21.02
CA GLY A 362 3.10 -66.45 -21.23
C GLY A 362 3.89 -67.74 -21.25
N VAL A 363 5.18 -67.70 -20.91
CA VAL A 363 6.01 -68.91 -20.93
C VAL A 363 5.84 -69.73 -19.65
N ILE A 364 5.73 -69.08 -18.51
CA ILE A 364 5.44 -69.76 -17.24
C ILE A 364 3.94 -69.64 -16.98
N PRO A 365 3.24 -70.71 -16.61
CA PRO A 365 1.81 -70.57 -16.33
C PRO A 365 1.57 -69.51 -15.27
N ASP A 366 0.49 -68.74 -15.45
CA ASP A 366 0.18 -67.59 -14.60
C ASP A 366 -0.59 -68.05 -13.36
N ARG A 367 0.17 -68.63 -12.41
CA ARG A 367 -0.39 -69.27 -11.23
C ARG A 367 -1.19 -68.32 -10.35
N PHE A 368 -0.79 -67.05 -10.27
CA PHE A 368 -1.44 -66.07 -9.40
C PHE A 368 -2.42 -65.16 -10.13
N ASN A 369 -2.72 -65.46 -11.40
CA ASN A 369 -3.68 -64.68 -12.19
C ASN A 369 -3.27 -63.21 -12.25
N TRP A 370 -2.00 -62.97 -12.55
CA TRP A 370 -1.51 -61.61 -12.72
C TRP A 370 -1.79 -61.06 -14.11
N ASN A 371 -1.98 -61.92 -15.09
CA ASN A 371 -2.15 -61.48 -16.47
C ASN A 371 -3.62 -61.19 -16.77
N HIS A 372 -3.87 -59.96 -17.22
CA HIS A 372 -5.19 -59.54 -17.67
C HIS A 372 -5.14 -59.55 -19.19
N TYR A 373 -5.66 -60.61 -19.79
CA TYR A 373 -5.67 -60.73 -21.26
C TYR A 373 -6.73 -59.82 -21.85
N ILE A 374 -6.40 -59.21 -22.99
CA ILE A 374 -7.26 -58.25 -23.67
C ILE A 374 -7.59 -58.84 -25.03
N ASP A 375 -8.88 -58.99 -25.29
CA ASP A 375 -9.35 -59.47 -26.58
C ASP A 375 -9.08 -58.42 -27.63
N VAL A 376 -8.19 -58.71 -28.57
CA VAL A 376 -7.86 -57.76 -29.63
C VAL A 376 -8.22 -58.34 -30.99
N SER B 21 -14.20 -19.42 -25.46
CA SER B 21 -14.66 -18.58 -24.37
C SER B 21 -14.15 -17.14 -24.53
N MET B 22 -15.03 -16.17 -24.23
CA MET B 22 -14.80 -14.75 -24.48
C MET B 22 -14.32 -14.02 -23.23
N ALA B 23 -13.51 -13.00 -23.43
CA ALA B 23 -13.02 -12.16 -22.35
C ALA B 23 -14.16 -11.40 -21.68
N VAL B 24 -14.04 -11.21 -20.37
CA VAL B 24 -15.03 -10.44 -19.63
C VAL B 24 -14.98 -8.98 -20.07
N ASP B 25 -16.15 -8.39 -20.28
CA ASP B 25 -16.29 -6.99 -20.64
C ASP B 25 -15.88 -6.14 -19.45
N PRO B 26 -14.76 -5.41 -19.51
CA PRO B 26 -14.32 -4.67 -18.33
C PRO B 26 -15.31 -3.61 -17.88
N SER B 27 -16.13 -3.07 -18.79
CA SER B 27 -17.10 -2.06 -18.36
C SER B 27 -18.24 -2.65 -17.53
N THR B 28 -18.33 -3.98 -17.38
CA THR B 28 -19.40 -4.58 -16.61
C THR B 28 -18.94 -5.16 -15.27
N ILE B 29 -17.66 -5.02 -14.92
CA ILE B 29 -17.10 -5.62 -13.71
C ILE B 29 -17.41 -4.74 -12.50
N ASP B 30 -18.02 -5.33 -11.47
CA ASP B 30 -18.26 -4.65 -10.19
C ASP B 30 -16.99 -4.81 -9.35
N TRP B 31 -16.12 -3.80 -9.41
CA TRP B 31 -14.79 -3.93 -8.83
C TRP B 31 -14.84 -4.21 -7.34
N SER B 32 -15.75 -3.56 -6.61
CA SER B 32 -15.79 -3.72 -5.16
C SER B 32 -16.30 -5.10 -4.74
N ALA B 33 -17.12 -5.73 -5.58
CA ALA B 33 -17.64 -7.06 -5.27
C ALA B 33 -16.68 -8.17 -5.67
N LEU B 34 -15.61 -7.86 -6.38
CA LEU B 34 -14.63 -8.88 -6.74
C LEU B 34 -14.00 -9.46 -5.49
N LYS B 35 -13.71 -10.76 -5.51
CA LYS B 35 -12.96 -11.43 -4.44
C LYS B 35 -11.60 -11.83 -5.00
N PHE B 36 -11.15 -13.07 -4.85
CA PHE B 36 -9.84 -13.49 -5.37
C PHE B 36 -10.09 -14.72 -6.25
N SER B 37 -10.57 -14.47 -7.47
CA SER B 37 -11.05 -15.56 -8.31
C SER B 37 -10.53 -15.37 -9.72
N TRP B 38 -10.46 -16.47 -10.46
CA TRP B 38 -10.05 -16.38 -11.85
C TRP B 38 -11.13 -15.64 -12.66
N LEU B 39 -10.68 -14.70 -13.48
CA LEU B 39 -11.52 -13.90 -14.36
C LEU B 39 -10.76 -13.76 -15.66
N GLN B 40 -11.44 -13.93 -16.79
CA GLN B 40 -10.76 -13.96 -18.09
C GLN B 40 -10.61 -12.54 -18.62
N THR B 41 -9.37 -12.04 -18.66
CA THR B 41 -9.09 -10.71 -19.19
C THR B 41 -8.75 -10.80 -20.67
N ARG B 42 -8.19 -9.72 -21.20
CA ARG B 42 -8.00 -9.60 -22.64
C ARG B 42 -6.98 -10.62 -23.15
N SER B 43 -5.87 -10.80 -22.44
CA SER B 43 -4.78 -11.60 -22.97
C SER B 43 -3.84 -12.00 -21.85
N HIS B 44 -2.91 -12.89 -22.18
CA HIS B 44 -1.74 -13.17 -21.37
C HIS B 44 -0.52 -13.07 -22.28
N VAL B 45 0.68 -13.15 -21.69
CA VAL B 45 1.95 -13.10 -22.42
CA VAL B 45 1.90 -13.12 -22.47
C VAL B 45 2.61 -14.47 -22.35
N ARG B 46 3.23 -14.90 -23.45
CA ARG B 46 3.87 -16.20 -23.54
C ARG B 46 5.24 -16.10 -24.21
N SER B 47 6.16 -16.95 -23.75
CA SER B 47 7.45 -17.21 -24.39
C SER B 47 7.77 -18.68 -24.21
N VAL B 48 8.48 -19.29 -25.16
CA VAL B 48 8.88 -20.69 -25.03
C VAL B 48 10.40 -20.80 -25.13
N TRP B 49 10.97 -21.73 -24.35
CA TRP B 49 12.41 -21.97 -24.34
C TRP B 49 12.71 -23.26 -25.08
N ARG B 50 13.65 -23.18 -26.00
CA ARG B 50 14.18 -24.35 -26.71
C ARG B 50 15.57 -24.01 -27.20
N ASN B 51 16.43 -25.02 -27.25
CA ASN B 51 17.71 -24.86 -27.91
C ASN B 51 18.45 -23.63 -27.38
N GLY B 52 18.35 -23.39 -26.07
CA GLY B 52 19.16 -22.39 -25.41
C GLY B 52 18.59 -21.00 -25.29
N GLU B 53 17.36 -20.74 -25.74
CA GLU B 53 16.86 -19.37 -25.75
C GLU B 53 15.36 -19.36 -25.53
N TRP B 54 14.89 -18.27 -24.91
CA TRP B 54 13.47 -17.95 -24.88
C TRP B 54 13.08 -17.25 -26.18
N SER B 55 11.86 -17.50 -26.62
CA SER B 55 11.37 -16.87 -27.83
C SER B 55 10.90 -15.44 -27.53
N PRO B 56 10.77 -14.58 -28.54
CA PRO B 56 10.25 -13.24 -28.28
C PRO B 56 8.88 -13.29 -27.65
N LEU B 57 8.64 -12.43 -26.65
CA LEU B 57 7.35 -12.40 -25.96
C LEU B 57 6.21 -12.11 -26.93
N GLU B 58 5.09 -12.83 -26.75
CA GLU B 58 3.92 -12.56 -27.58
C GLU B 58 2.66 -12.52 -26.71
N LEU B 59 1.77 -11.59 -27.04
CA LEU B 59 0.45 -11.50 -26.44
C LEU B 59 -0.48 -12.52 -27.09
N VAL B 60 -1.24 -13.24 -26.26
CA VAL B 60 -2.16 -14.30 -26.69
C VAL B 60 -3.51 -14.01 -26.05
N ASN B 61 -4.55 -13.90 -26.87
CA ASN B 61 -5.87 -13.53 -26.34
C ASN B 61 -6.59 -14.73 -25.73
N GLU B 62 -6.50 -15.90 -26.37
CA GLU B 62 -7.24 -17.07 -25.92
C GLU B 62 -6.58 -17.65 -24.66
N PRO B 63 -7.35 -17.97 -23.63
CA PRO B 63 -6.75 -18.38 -22.36
C PRO B 63 -6.48 -19.87 -22.23
N THR B 64 -6.08 -20.51 -23.33
CA THR B 64 -5.68 -21.90 -23.34
C THR B 64 -4.48 -22.04 -24.28
N PHE B 65 -3.75 -23.15 -24.13
CA PHE B 65 -2.72 -23.48 -25.12
C PHE B 65 -2.73 -24.98 -25.36
N ASN B 66 -2.13 -25.35 -26.47
CA ASN B 66 -2.01 -26.76 -26.84
CA ASN B 66 -1.99 -26.74 -26.87
C ASN B 66 -0.83 -27.36 -26.09
N ILE B 67 -1.11 -28.34 -25.25
CA ILE B 67 -0.05 -28.96 -24.45
C ILE B 67 0.03 -30.44 -24.81
N SER B 68 1.26 -30.95 -24.87
CA SER B 68 1.47 -32.36 -25.12
C SER B 68 0.83 -33.20 -24.02
N ILE B 69 0.21 -34.31 -24.40
CA ILE B 69 -0.28 -35.25 -23.39
C ILE B 69 0.87 -35.84 -22.57
N ALA B 70 2.11 -35.74 -23.05
CA ALA B 70 3.30 -36.24 -22.36
C ALA B 70 4.17 -35.11 -21.79
N ALA B 71 3.62 -33.91 -21.61
CA ALA B 71 4.39 -32.77 -21.13
C ALA B 71 4.97 -33.03 -19.74
N SER B 72 6.22 -32.63 -19.57
CA SER B 72 6.91 -32.81 -18.29
C SER B 72 6.15 -32.17 -17.13
N ALA B 73 5.48 -31.04 -17.34
CA ALA B 73 4.72 -30.43 -16.25
C ALA B 73 3.61 -31.34 -15.72
N LEU B 74 2.98 -32.12 -16.62
CA LEU B 74 1.83 -32.93 -16.23
C LEU B 74 2.25 -34.23 -15.57
N HIS B 75 3.38 -34.80 -15.99
CA HIS B 75 3.80 -36.09 -15.44
C HIS B 75 4.77 -35.97 -14.29
N TYR B 76 5.77 -35.10 -14.40
CA TYR B 76 6.89 -35.08 -13.47
C TYR B 76 7.05 -33.74 -12.74
N GLY B 77 6.05 -32.85 -12.79
CA GLY B 77 5.94 -31.75 -11.84
C GLY B 77 6.84 -30.55 -12.05
N GLN B 78 7.45 -30.38 -13.22
CA GLN B 78 8.29 -29.20 -13.46
C GLN B 78 7.36 -28.03 -13.76
N ALA B 79 6.93 -27.35 -12.68
CA ALA B 79 5.94 -26.28 -12.76
C ALA B 79 6.12 -25.41 -11.52
N VAL B 80 6.41 -24.10 -11.73
CA VAL B 80 6.56 -23.14 -10.64
C VAL B 80 5.82 -21.88 -11.05
N PHE B 81 5.46 -21.06 -10.05
CA PHE B 81 4.66 -19.90 -10.36
C PHE B 81 5.07 -18.78 -9.40
N GLU B 82 4.56 -17.59 -9.69
CA GLU B 82 4.76 -16.42 -8.85
C GLU B 82 3.42 -15.73 -8.64
N GLY B 83 3.44 -14.72 -7.78
CA GLY B 83 2.27 -13.91 -7.51
C GLY B 83 2.68 -12.53 -7.05
N LEU B 84 2.20 -11.51 -7.75
CA LEU B 84 2.45 -10.13 -7.36
C LEU B 84 1.24 -9.33 -7.80
N LYS B 85 1.18 -8.07 -7.36
CA LYS B 85 0.03 -7.23 -7.62
C LYS B 85 0.43 -5.94 -8.32
N VAL B 86 -0.48 -5.47 -9.16
CA VAL B 86 -0.36 -4.21 -9.88
C VAL B 86 -1.50 -3.31 -9.43
N PHE B 87 -1.19 -2.03 -9.23
CA PHE B 87 -2.15 -1.10 -8.66
C PHE B 87 -2.28 0.14 -9.54
N ARG B 88 -3.50 0.64 -9.65
CA ARG B 88 -3.74 1.99 -10.12
C ARG B 88 -3.62 2.92 -8.92
N THR B 89 -2.66 3.83 -8.97
CA THR B 89 -2.31 4.65 -7.82
C THR B 89 -3.16 5.92 -7.74
N VAL B 90 -2.93 6.67 -6.66
CA VAL B 90 -3.72 7.86 -6.37
C VAL B 90 -3.55 8.95 -7.43
N ASP B 91 -2.35 9.05 -8.03
CA ASP B 91 -2.11 10.09 -9.04
C ASP B 91 -2.31 9.58 -10.46
N GLY B 92 -2.96 8.43 -10.65
CA GLY B 92 -3.31 7.91 -11.95
C GLY B 92 -2.27 7.02 -12.61
N ARG B 93 -1.10 6.86 -12.00
CA ARG B 93 -0.14 5.96 -12.63
C ARG B 93 -0.45 4.51 -12.28
N VAL B 94 0.30 3.61 -12.89
CA VAL B 94 0.18 2.17 -12.66
C VAL B 94 1.54 1.65 -12.20
N ALA B 95 1.53 0.88 -11.11
CA ALA B 95 2.77 0.34 -10.59
C ALA B 95 2.62 -1.12 -10.17
N ALA B 96 3.67 -1.89 -10.42
CA ALA B 96 3.83 -3.21 -9.82
C ALA B 96 4.65 -3.09 -8.54
N PHE B 97 4.28 -3.87 -7.53
CA PHE B 97 4.93 -3.80 -6.23
C PHE B 97 6.07 -4.82 -6.17
N ARG B 98 7.31 -4.31 -6.14
CA ARG B 98 8.51 -5.12 -6.00
C ARG B 98 8.65 -6.28 -7.00
N PRO B 99 8.38 -6.05 -8.29
CA PRO B 99 8.37 -7.18 -9.22
C PRO B 99 9.75 -7.83 -9.42
N VAL B 100 10.86 -7.10 -9.23
CA VAL B 100 12.18 -7.72 -9.34
C VAL B 100 12.36 -8.80 -8.28
N GLU B 101 11.75 -8.63 -7.10
CA GLU B 101 11.79 -9.70 -6.09
C GLU B 101 11.14 -10.97 -6.63
N ASN B 102 10.01 -10.84 -7.33
CA ASN B 102 9.36 -12.01 -7.92
C ASN B 102 10.20 -12.62 -9.03
N ALA B 103 10.83 -11.79 -9.86
CA ALA B 103 11.65 -12.31 -10.93
C ALA B 103 12.80 -13.16 -10.39
N ARG B 104 13.44 -12.69 -9.31
CA ARG B 104 14.56 -13.41 -8.72
C ARG B 104 14.11 -14.69 -8.04
N ARG B 105 12.97 -14.65 -7.37
CA ARG B 105 12.45 -15.87 -6.74
C ARG B 105 11.99 -16.88 -7.79
N LEU B 106 11.40 -16.40 -8.89
CA LEU B 106 11.02 -17.30 -9.98
C LEU B 106 12.24 -18.07 -10.47
N ILE B 107 13.35 -17.37 -10.71
CA ILE B 107 14.58 -18.03 -11.12
C ILE B 107 15.04 -19.05 -10.06
N SER B 108 14.97 -18.67 -8.77
CA SER B 108 15.37 -19.58 -7.71
C SER B 108 14.47 -20.83 -7.65
N SER B 109 13.15 -20.65 -7.82
CA SER B 109 12.26 -21.81 -7.83
C SER B 109 12.54 -22.70 -9.04
N CYS B 110 12.75 -22.10 -10.21
CA CYS B 110 13.12 -22.86 -11.41
C CYS B 110 14.41 -23.64 -11.20
N ASP B 111 15.43 -22.97 -10.66
CA ASP B 111 16.70 -23.66 -10.39
C ASP B 111 16.50 -24.89 -9.52
N GLY B 112 15.66 -24.78 -8.48
CA GLY B 112 15.45 -25.87 -7.55
C GLY B 112 14.82 -27.10 -8.16
N LEU B 113 14.11 -26.95 -9.28
CA LEU B 113 13.49 -28.06 -10.01
C LEU B 113 14.17 -28.30 -11.35
N CYS B 114 15.38 -27.76 -11.53
CA CYS B 114 16.19 -27.98 -12.72
C CYS B 114 15.45 -27.54 -13.98
N MET B 115 14.78 -26.39 -13.89
CA MET B 115 14.03 -25.81 -15.00
C MET B 115 14.72 -24.53 -15.49
N GLU B 116 14.57 -24.24 -16.78
CA GLU B 116 14.97 -22.93 -17.30
C GLU B 116 14.01 -21.84 -16.83
N SER B 117 14.53 -20.61 -16.79
CA SER B 117 13.79 -19.48 -16.26
C SER B 117 14.06 -18.24 -17.10
N PRO B 118 13.07 -17.36 -17.23
CA PRO B 118 13.32 -16.07 -17.89
C PRO B 118 14.25 -15.23 -17.03
N SER B 119 15.06 -14.38 -17.69
CA SER B 119 15.89 -13.45 -16.93
C SER B 119 15.02 -12.39 -16.27
N GLU B 120 15.60 -11.64 -15.32
CA GLU B 120 14.87 -10.53 -14.68
C GLU B 120 14.32 -9.58 -15.72
N GLN B 121 15.13 -9.22 -16.71
CA GLN B 121 14.68 -8.23 -17.68
C GLN B 121 13.55 -8.77 -18.54
N LEU B 122 13.62 -10.04 -18.96
CA LEU B 122 12.53 -10.67 -19.70
C LEU B 122 11.26 -10.72 -18.88
N PHE B 123 11.39 -11.05 -17.60
CA PHE B 123 10.24 -11.02 -16.70
C PHE B 123 9.61 -9.63 -16.67
N LEU B 124 10.45 -8.60 -16.49
CA LEU B 124 9.93 -7.24 -16.43
C LEU B 124 9.35 -6.79 -17.77
N ASN B 125 9.97 -7.22 -18.89
CA ASN B 125 9.38 -6.95 -20.20
C ASN B 125 8.03 -7.63 -20.32
N ALA B 126 7.92 -8.88 -19.86
CA ALA B 126 6.64 -9.56 -19.94
C ALA B 126 5.60 -8.83 -19.11
N LEU B 127 5.99 -8.38 -17.92
CA LEU B 127 5.07 -7.68 -17.02
C LEU B 127 4.52 -6.40 -17.63
N ALA B 128 5.40 -5.53 -18.14
CA ALA B 128 4.93 -4.28 -18.73
C ALA B 128 3.98 -4.55 -19.90
N MET B 129 4.26 -5.58 -20.69
CA MET B 129 3.47 -5.88 -21.89
C MET B 129 2.05 -6.34 -21.54
N VAL B 130 1.94 -7.27 -20.58
CA VAL B 130 0.62 -7.80 -20.21
C VAL B 130 -0.15 -6.75 -19.42
N VAL B 131 0.54 -5.93 -18.64
CA VAL B 131 -0.16 -4.91 -17.86
C VAL B 131 -0.76 -3.85 -18.79
N ARG B 132 0.02 -3.38 -19.77
CA ARG B 132 -0.51 -2.38 -20.68
C ARG B 132 -1.66 -2.95 -21.50
N ASP B 133 -1.52 -4.20 -21.96
CA ASP B 133 -2.55 -4.78 -22.81
C ASP B 133 -3.85 -5.00 -22.06
N ASN B 134 -3.78 -5.22 -20.74
CA ASN B 134 -4.94 -5.49 -19.92
C ASN B 134 -5.28 -4.32 -19.00
N VAL B 135 -4.86 -3.12 -19.38
CA VAL B 135 -4.99 -1.95 -18.51
C VAL B 135 -6.43 -1.74 -18.09
N ASP B 136 -7.39 -2.04 -18.97
CA ASP B 136 -8.79 -1.80 -18.66
C ASP B 136 -9.30 -2.71 -17.56
N TYR B 137 -8.53 -3.70 -17.14
CA TYR B 137 -8.92 -4.60 -16.05
C TYR B 137 -8.31 -4.21 -14.71
N ILE B 138 -7.48 -3.17 -14.66
CA ILE B 138 -6.92 -2.72 -13.39
C ILE B 138 -8.02 -2.00 -12.63
N PRO B 139 -8.42 -2.47 -11.44
CA PRO B 139 -9.49 -1.80 -10.70
C PRO B 139 -9.13 -0.36 -10.39
N PRO B 140 -10.05 0.58 -10.61
CA PRO B 140 -9.70 2.00 -10.51
C PRO B 140 -9.46 2.45 -9.07
N TYR B 141 -8.75 3.58 -8.95
CA TYR B 141 -8.41 4.10 -7.63
C TYR B 141 -9.68 4.44 -6.85
N GLY B 142 -9.70 4.05 -5.58
CA GLY B 142 -10.89 4.18 -4.77
C GLY B 142 -11.64 2.88 -4.55
N THR B 143 -11.34 1.86 -5.36
CA THR B 143 -11.97 0.56 -5.20
C THR B 143 -11.26 -0.33 -4.18
N GLY B 144 -9.99 -0.06 -3.86
CA GLY B 144 -9.25 -0.98 -3.04
C GLY B 144 -8.91 -2.30 -3.72
N GLY B 145 -9.19 -2.43 -5.02
CA GLY B 145 -8.85 -3.63 -5.77
C GLY B 145 -7.47 -3.53 -6.41
N SER B 146 -7.13 -4.56 -7.17
CA SER B 146 -5.80 -4.62 -7.75
C SER B 146 -5.82 -5.60 -8.91
N LEU B 147 -4.71 -5.65 -9.64
CA LEU B 147 -4.53 -6.61 -10.71
C LEU B 147 -3.52 -7.65 -10.25
N TYR B 148 -3.99 -8.87 -9.97
CA TYR B 148 -3.10 -9.95 -9.59
C TYR B 148 -2.39 -10.47 -10.83
N VAL B 149 -1.08 -10.63 -10.72
CA VAL B 149 -0.24 -11.08 -11.81
C VAL B 149 0.28 -12.46 -11.47
N ARG B 150 0.05 -13.43 -12.35
CA ARG B 150 0.42 -14.83 -12.11
C ARG B 150 1.44 -15.24 -13.16
N PRO B 151 2.73 -15.07 -12.88
CA PRO B 151 3.75 -15.69 -13.75
C PRO B 151 3.81 -17.19 -13.53
N LEU B 152 4.20 -17.91 -14.58
CA LEU B 152 4.20 -19.37 -14.56
C LEU B 152 5.34 -19.86 -15.47
N VAL B 153 6.10 -20.86 -15.00
CA VAL B 153 7.06 -21.57 -15.85
C VAL B 153 6.75 -23.06 -15.77
N ILE B 154 6.66 -23.72 -16.93
CA ILE B 154 6.28 -25.13 -16.98
C ILE B 154 7.20 -25.86 -17.95
N GLY B 155 7.53 -27.12 -17.62
CA GLY B 155 8.20 -27.99 -18.57
C GLY B 155 7.19 -28.50 -19.58
N THR B 156 7.45 -28.31 -20.88
CA THR B 156 6.50 -28.68 -21.92
C THR B 156 7.02 -29.74 -22.88
N GLY B 157 8.30 -30.11 -22.80
CA GLY B 157 8.78 -31.22 -23.60
C GLY B 157 8.13 -32.54 -23.20
N ALA B 158 7.88 -33.38 -24.21
CA ALA B 158 7.34 -34.71 -24.04
C ALA B 158 8.49 -35.68 -23.79
N GLN B 159 8.40 -36.45 -22.70
CA GLN B 159 9.45 -37.35 -22.32
C GLN B 159 8.86 -38.47 -21.47
N LEU B 160 9.53 -39.62 -21.49
CA LEU B 160 9.14 -40.76 -20.66
C LEU B 160 10.06 -40.91 -19.46
N GLY B 161 11.37 -40.94 -19.69
CA GLY B 161 12.31 -40.98 -18.59
C GLY B 161 12.23 -39.72 -17.73
N VAL B 162 12.46 -39.90 -16.43
CA VAL B 162 12.46 -38.80 -15.48
C VAL B 162 13.77 -38.03 -15.60
N ALA B 163 13.69 -36.81 -16.11
CA ALA B 163 14.84 -35.96 -16.39
C ALA B 163 14.32 -34.56 -16.64
N PRO B 164 15.16 -33.52 -16.50
CA PRO B 164 14.67 -32.17 -16.78
C PRO B 164 14.21 -32.09 -18.24
N SER B 165 13.05 -31.46 -18.46
CA SER B 165 12.51 -31.29 -19.79
C SER B 165 13.46 -30.49 -20.66
N SER B 166 13.38 -30.71 -21.97
CA SER B 166 14.16 -29.97 -22.94
C SER B 166 13.46 -28.71 -23.45
N GLU B 167 12.20 -28.52 -23.09
CA GLU B 167 11.42 -27.37 -23.53
CA GLU B 167 11.43 -27.36 -23.52
C GLU B 167 10.65 -26.81 -22.34
N TYR B 168 10.57 -25.49 -22.25
CA TYR B 168 9.81 -24.82 -21.21
C TYR B 168 8.95 -23.73 -21.83
N MET B 169 7.89 -23.37 -21.11
CA MET B 169 7.02 -22.27 -21.50
C MET B 169 6.92 -21.28 -20.35
N PHE B 170 6.99 -19.99 -20.67
CA PHE B 170 6.85 -18.92 -19.69
C PHE B 170 5.56 -18.15 -19.99
N LEU B 171 4.62 -18.17 -19.06
CA LEU B 171 3.37 -17.45 -19.20
C LEU B 171 3.24 -16.41 -18.10
N MET B 172 2.56 -15.32 -18.40
CA MET B 172 2.20 -14.34 -17.37
C MET B 172 0.78 -13.89 -17.67
N MET B 173 -0.12 -14.24 -16.76
CA MET B 173 -1.54 -13.94 -16.88
C MET B 173 -1.95 -13.07 -15.71
N VAL B 174 -3.11 -12.44 -15.83
CA VAL B 174 -3.57 -11.45 -14.86
C VAL B 174 -5.06 -11.62 -14.63
N ALA B 175 -5.52 -11.18 -13.45
CA ALA B 175 -6.94 -11.14 -13.17
C ALA B 175 -7.18 -10.04 -12.15
N PRO B 176 -8.23 -9.25 -12.31
CA PRO B 176 -8.58 -8.28 -11.28
C PRO B 176 -9.14 -8.97 -10.05
N VAL B 177 -8.69 -8.54 -8.89
CA VAL B 177 -9.19 -9.06 -7.63
C VAL B 177 -9.62 -7.87 -6.80
N GLY B 178 -10.60 -8.10 -5.92
CA GLY B 178 -11.14 -7.01 -5.14
C GLY B 178 -10.31 -6.74 -3.91
N PRO B 179 -10.78 -5.81 -3.09
CA PRO B 179 -10.17 -5.61 -1.77
C PRO B 179 -10.38 -6.87 -0.93
N TYR B 180 -9.29 -7.44 -0.45
CA TYR B 180 -9.41 -8.65 0.36
C TYR B 180 -10.20 -8.35 1.65
N TYR B 181 -9.96 -7.19 2.27
CA TYR B 181 -10.73 -6.75 3.43
C TYR B 181 -11.62 -5.60 2.98
N ARG B 182 -12.84 -5.93 2.59
CA ARG B 182 -13.85 -4.89 2.37
C ARG B 182 -14.42 -4.53 3.74
N GLY B 183 -13.90 -3.46 4.33
CA GLY B 183 -14.39 -3.01 5.62
C GLY B 183 -13.59 -3.46 6.84
N GLY B 184 -12.26 -3.38 6.77
CA GLY B 184 -11.42 -3.54 7.94
C GLY B 184 -10.83 -4.93 8.09
N LEU B 185 -9.68 -5.01 8.76
CA LEU B 185 -9.01 -6.30 8.97
C LEU B 185 -9.90 -7.24 9.77
N LYS B 186 -9.88 -8.52 9.39
CA LYS B 186 -10.61 -9.54 10.12
C LYS B 186 -9.63 -10.64 10.53
N SER B 187 -9.72 -11.10 11.78
CA SER B 187 -8.84 -12.14 12.30
C SER B 187 -9.44 -13.53 12.11
N VAL B 188 -8.57 -14.56 12.11
CA VAL B 188 -9.01 -15.94 11.91
C VAL B 188 -8.37 -16.88 12.92
N ASN B 189 -8.94 -18.08 13.01
CA ASN B 189 -8.44 -19.14 13.86
C ASN B 189 -7.59 -20.11 13.04
N ALA B 190 -6.41 -20.42 13.56
CA ALA B 190 -5.45 -21.31 12.91
C ALA B 190 -5.37 -22.63 13.67
N ILE B 191 -5.11 -23.71 12.93
CA ILE B 191 -4.86 -25.02 13.53
C ILE B 191 -3.46 -25.49 13.11
N VAL B 192 -2.74 -26.11 14.04
CA VAL B 192 -1.45 -26.72 13.76
C VAL B 192 -1.69 -28.15 13.26
N MET B 193 -1.12 -28.46 12.09
CA MET B 193 -1.32 -29.80 11.51
C MET B 193 -0.23 -30.72 12.05
N ASP B 194 -0.55 -31.51 13.09
CA ASP B 194 0.47 -32.36 13.69
C ASP B 194 0.74 -33.64 12.89
N GLU B 195 -0.25 -34.13 12.17
CA GLU B 195 -0.08 -35.36 11.40
C GLU B 195 0.17 -35.09 9.91
N PHE B 196 0.57 -33.86 9.56
CA PHE B 196 0.83 -33.47 8.19
C PHE B 196 2.07 -32.59 8.12
N ASP B 197 2.88 -32.81 7.09
CA ASP B 197 3.96 -31.90 6.74
C ASP B 197 3.65 -31.22 5.42
N ARG B 198 4.18 -30.01 5.24
CA ARG B 198 4.11 -29.31 3.97
C ARG B 198 5.42 -29.39 3.19
N ALA B 199 6.50 -29.81 3.83
CA ALA B 199 7.79 -29.83 3.16
C ALA B 199 8.69 -30.79 3.89
N ALA B 200 9.54 -31.46 3.13
CA ALA B 200 10.55 -32.30 3.74
C ALA B 200 11.66 -31.43 4.33
N PRO B 201 12.38 -31.94 5.33
CA PRO B 201 13.49 -31.14 5.90
C PRO B 201 14.54 -30.74 4.87
N TYR B 202 14.88 -31.65 3.95
CA TYR B 202 15.77 -31.33 2.83
C TYR B 202 15.00 -31.44 1.51
N GLY B 203 13.92 -30.69 1.38
CA GLY B 203 13.08 -30.76 0.19
C GLY B 203 12.96 -29.43 -0.53
N VAL B 204 11.81 -29.18 -1.14
CA VAL B 204 11.61 -28.03 -2.03
C VAL B 204 10.60 -27.07 -1.43
N GLY B 205 10.51 -27.05 -0.10
CA GLY B 205 9.61 -26.13 0.58
C GLY B 205 9.92 -24.67 0.34
N SER B 206 11.16 -24.32 0.00
CA SER B 206 11.52 -22.95 -0.29
C SER B 206 11.28 -22.57 -1.74
N LYS B 207 10.76 -23.49 -2.56
CA LYS B 207 10.46 -23.21 -3.96
C LYS B 207 8.95 -23.08 -4.10
N CYS B 209 6.61 -24.09 -6.02
CA CYS B 209 6.39 -25.08 -7.06
C CYS B 209 5.01 -25.71 -6.91
N ALA B 210 4.46 -26.14 -8.05
CA ALA B 210 3.09 -26.66 -8.10
C ALA B 210 2.88 -27.78 -7.08
N GLY B 211 3.82 -28.72 -7.00
CA GLY B 211 3.60 -29.90 -6.16
C GLY B 211 3.37 -29.57 -4.69
N ASN B 212 3.95 -28.47 -4.20
CA ASN B 212 3.80 -28.11 -2.79
C ASN B 212 2.33 -27.85 -2.43
N TYR B 213 1.52 -27.40 -3.38
CA TYR B 213 0.15 -27.00 -3.04
C TYR B 213 -0.82 -28.19 -3.09
N ALA B 214 -0.72 -29.04 -4.11
CA ALA B 214 -1.50 -30.28 -4.10
C ALA B 214 -1.18 -31.11 -2.86
N ALA B 215 0.09 -31.16 -2.48
CA ALA B 215 0.48 -31.93 -1.31
C ALA B 215 -0.06 -31.34 -0.02
N SER B 216 -0.65 -30.13 -0.06
CA SER B 216 -1.21 -29.54 1.15
C SER B 216 -2.73 -29.65 1.19
N LEU B 217 -3.36 -30.14 0.10
CA LEU B 217 -4.81 -30.08 -0.03
C LEU B 217 -5.51 -31.03 0.93
N LYS B 218 -4.94 -32.23 1.18
CA LYS B 218 -5.57 -33.13 2.14
C LYS B 218 -5.62 -32.48 3.52
N ALA B 219 -4.51 -31.91 3.96
CA ALA B 219 -4.49 -31.21 5.23
C ALA B 219 -5.48 -30.05 5.22
N GLN B 220 -5.58 -29.35 4.09
CA GLN B 220 -6.50 -28.22 3.99
C GLN B 220 -7.93 -28.67 4.18
N SER B 221 -8.32 -29.77 3.54
CA SER B 221 -9.70 -30.23 3.66
C SER B 221 -10.01 -30.65 5.10
N VAL B 222 -9.05 -31.29 5.76
CA VAL B 222 -9.24 -31.68 7.16
C VAL B 222 -9.46 -30.46 8.03
N ALA B 223 -8.69 -29.41 7.83
CA ALA B 223 -8.83 -28.20 8.62
C ALA B 223 -10.15 -27.48 8.31
N LEU B 224 -10.54 -27.41 7.03
CA LEU B 224 -11.79 -26.75 6.69
C LEU B 224 -12.98 -27.49 7.30
N LYS B 225 -12.93 -28.82 7.31
CA LYS B 225 -14.00 -29.60 7.93
C LYS B 225 -14.16 -29.28 9.41
N LYS B 226 -13.10 -28.79 10.06
CA LYS B 226 -13.18 -28.35 11.44
C LYS B 226 -13.39 -26.85 11.56
N SER B 227 -13.64 -26.15 10.45
CA SER B 227 -13.89 -24.70 10.43
C SER B 227 -12.62 -23.88 10.73
N PHE B 228 -11.45 -24.36 10.34
CA PHE B 228 -10.21 -23.58 10.45
C PHE B 228 -9.78 -23.14 9.05
N PRO B 229 -9.83 -21.84 8.75
CA PRO B 229 -9.48 -21.39 7.38
C PRO B 229 -7.99 -21.34 7.08
N ILE B 230 -7.11 -21.53 8.06
CA ILE B 230 -5.68 -21.44 7.80
C ILE B 230 -4.98 -22.53 8.61
N GLN B 231 -3.95 -23.11 8.01
CA GLN B 231 -3.26 -24.26 8.58
C GLN B 231 -1.80 -23.90 8.80
N LEU B 232 -1.33 -24.06 10.04
CA LEU B 232 0.04 -23.76 10.42
C LEU B 232 0.84 -25.05 10.53
N TYR B 233 2.04 -25.06 9.95
CA TYR B 233 2.92 -26.21 10.02
C TYR B 233 4.10 -25.92 10.94
N LEU B 234 4.52 -26.92 11.67
CA LEU B 234 5.77 -26.88 12.40
C LEU B 234 6.82 -27.60 11.55
N ASP B 235 8.08 -27.56 11.98
CA ASP B 235 9.12 -28.18 11.17
C ASP B 235 8.91 -29.68 11.07
N ALA B 236 9.02 -30.22 9.84
CA ALA B 236 8.84 -31.65 9.64
C ALA B 236 9.91 -32.45 10.39
N ALA B 237 11.09 -31.87 10.59
CA ALA B 237 12.20 -32.62 11.19
C ALA B 237 11.90 -33.01 12.65
N THR B 238 11.38 -32.08 13.46
CA THR B 238 11.16 -32.35 14.88
C THR B 238 9.76 -32.01 15.37
N HIS B 239 8.97 -31.26 14.61
CA HIS B 239 7.66 -30.78 15.04
C HIS B 239 7.73 -30.01 16.36
N THR B 240 8.76 -29.16 16.51
CA THR B 240 8.87 -28.30 17.68
C THR B 240 9.07 -26.82 17.35
N PHE B 241 9.35 -26.46 16.10
CA PHE B 241 9.55 -25.07 15.71
C PHE B 241 8.48 -24.66 14.72
N VAL B 242 8.03 -23.41 14.80
CA VAL B 242 7.10 -22.89 13.81
C VAL B 242 7.80 -22.85 12.47
N GLU B 243 7.07 -23.24 11.41
CA GLU B 243 7.58 -23.18 10.06
C GLU B 243 6.78 -22.10 9.36
N GLU B 244 5.65 -22.42 8.73
CA GLU B 244 4.78 -21.40 8.15
C GLU B 244 3.40 -22.00 7.93
N PHE B 245 2.48 -21.17 7.46
CA PHE B 245 1.18 -21.61 7.02
C PHE B 245 1.28 -22.22 5.62
N SER B 246 0.17 -22.82 5.16
CA SER B 246 0.28 -23.56 3.91
C SER B 246 0.61 -22.64 2.74
N THR B 247 0.16 -21.38 2.80
CA THR B 247 0.44 -20.45 1.71
C THR B 247 0.87 -19.06 2.20
N SER B 248 1.39 -18.95 3.43
CA SER B 248 1.82 -17.65 3.95
C SER B 248 2.80 -17.86 5.10
N ASN B 249 3.72 -16.90 5.25
CA ASN B 249 4.69 -16.93 6.33
C ASN B 249 4.02 -16.55 7.67
N PHE B 250 4.67 -16.93 8.75
CA PHE B 250 4.21 -16.62 10.11
C PHE B 250 5.09 -15.50 10.64
N PHE B 251 4.49 -14.58 11.38
CA PHE B 251 5.26 -13.66 12.21
C PHE B 251 4.58 -13.47 13.54
N GLY B 252 5.37 -13.09 14.53
CA GLY B 252 4.84 -12.70 15.82
C GLY B 252 5.39 -11.35 16.24
N ILE B 253 4.60 -10.63 17.02
CA ILE B 253 4.96 -9.34 17.56
C ILE B 253 4.98 -9.44 19.09
N LYS B 254 6.07 -8.96 19.71
CA LYS B 254 6.14 -8.88 21.17
C LYS B 254 6.97 -7.67 21.56
N ASP B 255 7.12 -7.46 22.88
CA ASP B 255 7.91 -6.35 23.44
C ASP B 255 7.35 -4.99 23.03
N ILE B 256 6.03 -4.92 22.83
CA ILE B 256 5.40 -3.68 22.43
C ILE B 256 5.48 -2.69 23.58
N GLN B 257 6.02 -1.51 23.31
CA GLN B 257 6.05 -0.44 24.30
C GLN B 257 5.54 0.86 23.67
N ARG B 258 4.89 1.68 24.50
CA ARG B 258 4.15 2.84 24.03
C ARG B 258 4.55 4.10 24.78
N ASP B 259 4.25 5.26 24.17
CA ASP B 259 4.50 6.54 24.82
C ASP B 259 3.29 6.89 25.66
N GLY B 260 3.27 8.09 26.25
CA GLY B 260 2.21 8.48 27.16
C GLY B 260 0.82 8.60 26.56
N ALA B 261 0.72 8.75 25.24
CA ALA B 261 -0.59 8.76 24.58
C ALA B 261 -0.98 7.39 24.05
N GLY B 262 -0.18 6.35 24.31
CA GLY B 262 -0.47 5.03 23.79
C GLY B 262 0.10 4.73 22.42
N LYS B 263 0.85 5.65 21.83
CA LYS B 263 1.46 5.39 20.53
C LYS B 263 2.58 4.37 20.70
N ILE B 264 2.60 3.37 19.81
CA ILE B 264 3.66 2.37 19.83
C ILE B 264 4.97 3.01 19.39
N VAL B 265 6.00 2.86 20.22
CA VAL B 265 7.32 3.41 19.96
C VAL B 265 8.41 2.34 19.95
N SER B 266 8.08 1.09 20.24
CA SER B 266 9.08 0.02 20.22
C SER B 266 8.35 -1.33 20.18
N CYS B 267 8.95 -2.32 19.51
CA CYS B 267 8.41 -3.67 19.48
C CYS B 267 9.41 -4.57 18.74
N THR B 268 9.13 -5.87 18.73
CA THR B 268 10.00 -6.84 18.08
C THR B 268 9.17 -7.67 17.11
N TYR B 269 9.59 -7.71 15.86
CA TYR B 269 8.98 -8.54 14.83
C TYR B 269 9.79 -9.82 14.70
N VAL B 270 9.16 -10.96 14.95
CA VAL B 270 9.84 -12.26 14.98
C VAL B 270 9.27 -13.14 13.86
N THR B 271 10.15 -13.74 13.05
CA THR B 271 9.62 -14.62 12.02
C THR B 271 10.57 -15.81 11.89
N PRO B 272 10.05 -17.03 11.70
CA PRO B 272 10.91 -18.22 11.72
C PRO B 272 11.95 -18.21 10.60
N LYS B 273 13.09 -18.82 10.92
CA LYS B 273 14.20 -19.02 9.99
C LYS B 273 14.31 -20.51 9.68
N SER B 274 14.30 -20.86 8.38
CA SER B 274 14.46 -22.27 8.01
C SER B 274 14.62 -22.45 6.51
N PRO B 275 15.46 -23.39 6.06
CA PRO B 275 15.57 -23.68 4.62
C PRO B 275 14.31 -24.27 4.00
N SER B 276 13.33 -24.69 4.80
CA SER B 276 12.09 -25.25 4.28
C SER B 276 11.04 -24.18 3.98
N ILE B 277 11.27 -22.94 4.38
CA ILE B 277 10.26 -21.89 4.33
C ILE B 277 10.35 -21.15 3.00
N LEU B 278 9.22 -20.96 2.37
CA LEU B 278 9.12 -20.12 1.19
C LEU B 278 9.46 -18.68 1.60
N PRO B 279 10.49 -18.06 1.01
CA PRO B 279 10.85 -16.68 1.38
C PRO B 279 9.86 -15.66 0.85
N SER B 280 8.85 -15.37 1.69
CA SER B 280 7.77 -14.46 1.34
C SER B 280 8.31 -13.05 1.10
N ILE B 281 7.91 -12.44 -0.02
CA ILE B 281 8.31 -11.07 -0.29
C ILE B 281 7.54 -10.10 0.61
N THR B 282 6.30 -10.44 0.97
CA THR B 282 5.56 -9.60 1.90
C THR B 282 6.22 -9.60 3.27
N ASN B 283 6.64 -10.78 3.74
CA ASN B 283 7.40 -10.87 4.99
C ASN B 283 8.66 -9.99 4.92
N LYS B 284 9.43 -10.14 3.84
CA LYS B 284 10.62 -9.30 3.67
C LYS B 284 10.25 -7.82 3.74
N THR B 285 9.17 -7.41 3.07
CA THR B 285 8.68 -6.04 3.12
C THR B 285 8.39 -5.61 4.56
N LEU B 286 7.70 -6.46 5.33
CA LEU B 286 7.36 -6.10 6.71
C LEU B 286 8.60 -5.94 7.57
N ARG B 287 9.59 -6.82 7.41
CA ARG B 287 10.86 -6.70 8.14
C ARG B 287 11.55 -5.38 7.81
N GLU B 288 11.60 -5.03 6.53
CA GLU B 288 12.21 -3.76 6.15
C GLU B 288 11.40 -2.58 6.69
N LEU B 289 10.07 -2.68 6.74
CA LEU B 289 9.29 -1.60 7.35
C LEU B 289 9.57 -1.50 8.86
N ILE B 290 9.55 -2.64 9.56
CA ILE B 290 9.78 -2.62 11.01
C ILE B 290 11.15 -1.99 11.32
N SER B 291 12.21 -2.47 10.67
CA SER B 291 13.54 -2.00 11.04
C SER B 291 13.88 -0.67 10.38
N GLN B 292 13.74 -0.55 9.05
CA GLN B 292 14.27 0.65 8.40
C GLN B 292 13.32 1.82 8.41
N TYR B 293 12.01 1.59 8.48
CA TYR B 293 11.04 2.66 8.40
C TYR B 293 10.61 3.12 9.80
N PHE B 294 10.29 2.17 10.68
CA PHE B 294 9.87 2.50 12.03
C PHE B 294 11.00 2.45 13.06
N GLY B 295 12.15 1.85 12.74
CA GLY B 295 13.23 1.84 13.70
C GLY B 295 13.03 0.87 14.86
N TRP B 296 12.31 -0.22 14.63
CA TRP B 296 12.12 -1.20 15.70
C TRP B 296 12.95 -2.45 15.38
N LYS B 297 12.71 -3.53 16.13
CA LYS B 297 13.59 -4.69 16.12
C LYS B 297 13.01 -5.84 15.31
N VAL B 298 13.87 -6.49 14.52
CA VAL B 298 13.51 -7.64 13.71
C VAL B 298 14.40 -8.81 14.11
N ASP B 299 13.78 -9.96 14.36
CA ASP B 299 14.50 -11.19 14.69
CA ASP B 299 14.49 -11.19 14.70
C ASP B 299 14.11 -12.27 13.69
N VAL B 300 15.06 -12.72 12.89
CA VAL B 300 14.86 -13.84 11.98
C VAL B 300 15.60 -15.03 12.59
N ARG B 301 14.86 -15.98 13.15
CA ARG B 301 15.47 -17.01 13.97
C ARG B 301 14.52 -18.17 14.12
N GLU B 302 14.94 -19.23 14.78
CA GLU B 302 13.97 -20.28 15.05
C GLU B 302 13.04 -19.84 16.16
N VAL B 303 11.78 -20.22 16.01
CA VAL B 303 10.72 -19.92 16.96
C VAL B 303 10.18 -21.24 17.46
N PRO B 304 10.66 -21.70 18.62
CA PRO B 304 10.10 -22.93 19.19
C PRO B 304 8.62 -22.72 19.42
N PHE B 305 7.83 -23.77 19.23
CA PHE B 305 6.40 -23.59 19.40
C PHE B 305 6.03 -23.12 20.81
N THR B 306 6.83 -23.46 21.84
CA THR B 306 6.55 -23.00 23.19
C THR B 306 6.60 -21.49 23.34
N GLU B 307 7.25 -20.77 22.41
CA GLU B 307 7.30 -19.31 22.49
C GLU B 307 6.02 -18.66 21.99
N VAL B 308 5.17 -19.38 21.25
CA VAL B 308 4.07 -18.72 20.56
C VAL B 308 3.12 -18.06 21.54
N LYS B 309 2.88 -18.68 22.71
CA LYS B 309 1.97 -18.10 23.69
C LYS B 309 2.46 -16.78 24.26
N THR B 310 3.72 -16.40 24.01
CA THR B 310 4.25 -15.14 24.50
C THR B 310 4.13 -14.00 23.51
N PHE B 311 3.69 -14.27 22.27
CA PHE B 311 3.51 -13.19 21.30
C PHE B 311 2.28 -12.36 21.67
N GLN B 312 2.40 -11.05 21.50
CA GLN B 312 1.25 -10.18 21.72
C GLN B 312 0.37 -10.10 20.49
N GLU B 313 0.97 -10.20 19.30
CA GLU B 313 0.24 -10.30 18.05
C GLU B 313 0.81 -11.45 17.23
N CYS B 314 -0.03 -12.06 16.42
CA CYS B 314 0.41 -13.13 15.54
C CYS B 314 -0.24 -12.92 14.19
N GLY B 315 0.50 -13.19 13.12
CA GLY B 315 -0.03 -12.94 11.78
C GLY B 315 0.44 -13.90 10.71
N ALA B 316 -0.32 -13.97 9.63
CA ALA B 316 0.15 -14.61 8.42
C ALA B 316 0.38 -13.54 7.37
N THR B 317 1.34 -13.76 6.48
CA THR B 317 1.66 -12.71 5.52
C THR B 317 1.95 -13.30 4.15
N GLY B 318 1.37 -12.66 3.12
CA GLY B 318 1.54 -13.03 1.73
C GLY B 318 0.85 -11.99 0.85
N THR B 319 1.07 -12.12 -0.47
CA THR B 319 0.68 -11.07 -1.40
C THR B 319 -0.83 -10.84 -1.40
N ALA B 320 -1.62 -11.93 -1.42
CA ALA B 320 -3.08 -11.80 -1.56
C ALA B 320 -3.71 -11.13 -0.34
N VAL B 321 -3.16 -11.34 0.86
CA VAL B 321 -3.80 -10.82 2.06
C VAL B 321 -3.06 -9.62 2.64
N VAL B 322 -1.80 -9.39 2.23
CA VAL B 322 -0.84 -8.56 2.97
C VAL B 322 -0.60 -9.19 4.33
N VAL B 323 -1.54 -9.01 5.27
CA VAL B 323 -1.47 -9.72 6.55
C VAL B 323 -2.84 -10.31 6.87
N THR B 324 -2.80 -11.45 7.55
CA THR B 324 -3.99 -12.04 8.15
C THR B 324 -3.78 -12.07 9.65
N PRO B 325 -4.53 -11.28 10.42
CA PRO B 325 -4.38 -11.34 11.88
C PRO B 325 -4.82 -12.70 12.37
N ILE B 326 -4.03 -13.27 13.27
CA ILE B 326 -4.33 -14.58 13.84
C ILE B 326 -4.98 -14.37 15.20
N ALA B 327 -6.25 -14.78 15.33
CA ALA B 327 -6.94 -14.61 16.60
C ALA B 327 -6.57 -15.69 17.61
N SER B 328 -6.30 -16.91 17.14
CA SER B 328 -5.99 -18.02 18.02
C SER B 328 -5.25 -19.09 17.23
N ILE B 329 -4.50 -19.91 17.95
CA ILE B 329 -3.82 -21.07 17.37
C ILE B 329 -4.21 -22.29 18.19
N THR B 330 -4.74 -23.31 17.52
CA THR B 330 -5.11 -24.57 18.15
C THR B 330 -4.11 -25.64 17.74
N ARG B 331 -3.55 -26.32 18.72
CA ARG B 331 -2.70 -27.48 18.48
C ARG B 331 -3.18 -28.61 19.39
N GLY B 332 -3.76 -29.64 18.79
CA GLY B 332 -4.30 -30.72 19.59
C GLY B 332 -5.40 -30.20 20.48
N SER B 333 -5.23 -30.32 21.79
CA SER B 333 -6.21 -29.86 22.75
C SER B 333 -5.85 -28.52 23.38
N THR B 334 -4.75 -27.89 22.95
CA THR B 334 -4.32 -26.61 23.50
C THR B 334 -4.71 -25.47 22.58
N VAL B 335 -5.29 -24.42 23.16
CA VAL B 335 -5.70 -23.24 22.40
C VAL B 335 -4.95 -22.05 22.94
N ILE B 336 -4.31 -21.31 22.04
CA ILE B 336 -3.62 -20.05 22.35
C ILE B 336 -4.48 -18.92 21.80
N ASP B 337 -4.97 -18.05 22.67
CA ASP B 337 -5.85 -16.97 22.28
C ASP B 337 -5.08 -15.66 22.24
N PHE B 338 -5.10 -15.01 21.07
CA PHE B 338 -4.53 -13.67 20.91
C PHE B 338 -5.58 -12.56 20.89
N LEU B 339 -6.72 -12.74 20.21
CA LEU B 339 -7.73 -11.71 20.07
C LEU B 339 -9.10 -12.25 20.46
N GLN B 340 -9.89 -11.39 21.12
CA GLN B 340 -11.16 -11.82 21.69
C GLN B 340 -12.28 -11.85 20.66
N SER B 341 -12.15 -11.06 19.58
CA SER B 341 -13.18 -11.01 18.55
C SER B 341 -12.53 -10.97 17.19
N ASP B 342 -13.27 -11.42 16.17
CA ASP B 342 -12.78 -11.28 14.80
C ASP B 342 -12.71 -9.81 14.39
N ASP B 343 -13.48 -8.97 15.09
CA ASP B 343 -13.44 -7.51 14.89
C ASP B 343 -12.19 -6.88 15.47
N GLN B 344 -11.70 -7.39 16.61
CA GLN B 344 -10.52 -6.79 17.25
C GLN B 344 -9.26 -7.27 16.52
N VAL B 345 -8.28 -6.37 16.37
CA VAL B 345 -7.06 -6.66 15.62
C VAL B 345 -5.86 -5.98 16.26
N GLY B 346 -4.71 -6.65 16.21
CA GLY B 346 -3.49 -6.11 16.80
C GLY B 346 -3.03 -4.83 16.12
N GLU B 347 -2.54 -3.89 16.92
CA GLU B 347 -2.22 -2.56 16.41
C GLU B 347 -1.02 -2.56 15.47
N VAL B 348 0.07 -3.27 15.82
CA VAL B 348 1.23 -3.32 14.92
C VAL B 348 0.84 -3.96 13.61
N THR B 349 0.04 -5.03 13.68
CA THR B 349 -0.41 -5.70 12.47
C THR B 349 -1.15 -4.72 11.56
N LYS B 350 -2.07 -3.94 12.14
CA LYS B 350 -2.84 -2.98 11.35
C LYS B 350 -1.94 -1.89 10.76
N LEU B 351 -0.98 -1.39 11.55
CA LEU B 351 -0.03 -0.40 11.05
C LEU B 351 0.73 -0.92 9.84
N LEU B 352 1.18 -2.19 9.90
CA LEU B 352 1.91 -2.76 8.78
C LEU B 352 1.00 -2.85 7.55
N TYR B 353 -0.22 -3.32 7.76
CA TYR B 353 -1.19 -3.42 6.66
C TYR B 353 -1.41 -2.07 6.00
N GLU B 354 -1.66 -1.04 6.79
CA GLU B 354 -1.93 0.29 6.25
C GLU B 354 -0.69 0.88 5.59
N THR B 355 0.50 0.58 6.11
CA THR B 355 1.71 1.16 5.54
C THR B 355 2.05 0.53 4.19
N VAL B 356 1.92 -0.80 4.06
CA VAL B 356 2.12 -1.47 2.78
C VAL B 356 1.15 -0.94 1.73
N GLN B 357 -0.14 -0.95 2.05
CA GLN B 357 -1.13 -0.45 1.10
C GLN B 357 -0.90 1.03 0.78
N GLY B 358 -0.51 1.82 1.77
CA GLY B 358 -0.21 3.22 1.52
C GLY B 358 0.88 3.40 0.49
N ILE B 359 1.92 2.56 0.56
CA ILE B 359 2.99 2.62 -0.43
C ILE B 359 2.51 2.08 -1.78
N GLN B 360 1.77 0.96 -1.77
CA GLN B 360 1.31 0.33 -3.00
C GLN B 360 0.48 1.30 -3.84
N TYR B 361 -0.37 2.08 -3.19
CA TYR B 361 -1.29 2.95 -3.89
C TYR B 361 -0.77 4.36 -4.11
N GLY B 362 0.46 4.66 -3.69
CA GLY B 362 1.05 5.95 -3.97
C GLY B 362 0.72 7.04 -2.99
N VAL B 363 0.06 6.72 -1.87
CA VAL B 363 -0.28 7.73 -0.86
C VAL B 363 0.88 7.98 0.09
N ILE B 364 1.61 6.94 0.47
CA ILE B 364 2.80 7.08 1.30
C ILE B 364 4.02 7.13 0.39
N PRO B 365 4.97 8.04 0.60
CA PRO B 365 6.16 8.11 -0.26
C PRO B 365 6.87 6.77 -0.35
N ASP B 366 7.35 6.43 -1.55
CA ASP B 366 7.99 5.14 -1.80
C ASP B 366 9.48 5.28 -1.49
N ARG B 367 9.77 5.35 -0.20
CA ARG B 367 11.11 5.67 0.27
C ARG B 367 12.13 4.65 -0.22
N PHE B 368 11.75 3.38 -0.32
CA PHE B 368 12.68 2.32 -0.68
C PHE B 368 12.60 1.93 -2.15
N ASN B 369 11.85 2.68 -2.96
CA ASN B 369 11.71 2.43 -4.39
C ASN B 369 11.27 1.00 -4.67
N TRP B 370 10.24 0.60 -3.96
CA TRP B 370 9.61 -0.70 -4.17
C TRP B 370 8.64 -0.69 -5.33
N ASN B 371 8.14 0.48 -5.73
CA ASN B 371 7.14 0.56 -6.80
C ASN B 371 7.80 0.64 -8.16
N HIS B 372 7.42 -0.29 -9.05
CA HIS B 372 7.91 -0.34 -10.41
C HIS B 372 6.81 0.22 -11.32
N TYR B 373 6.95 1.47 -11.75
CA TYR B 373 5.93 2.09 -12.59
C TYR B 373 5.96 1.58 -14.02
N ILE B 374 4.78 1.39 -14.59
CA ILE B 374 4.57 0.82 -15.92
C ILE B 374 3.82 1.85 -16.78
N ASP B 375 4.39 2.21 -17.92
CA ASP B 375 3.68 3.10 -18.85
C ASP B 375 2.50 2.37 -19.47
N VAL B 376 1.29 2.87 -19.24
CA VAL B 376 0.08 2.25 -19.79
C VAL B 376 -0.64 3.21 -20.72
N SER C 21 -18.10 30.02 33.17
CA SER C 21 -19.24 29.86 32.26
C SER C 21 -19.81 28.45 32.33
N MET C 22 -21.13 28.34 32.32
CA MET C 22 -21.80 27.08 32.60
C MET C 22 -22.22 26.36 31.32
N ALA C 23 -22.14 25.04 31.36
CA ALA C 23 -22.63 24.19 30.29
C ALA C 23 -24.13 24.32 30.18
N VAL C 24 -24.65 24.21 28.97
CA VAL C 24 -26.10 24.24 28.79
C VAL C 24 -26.70 22.99 29.42
N ASP C 25 -27.82 23.17 30.11
CA ASP C 25 -28.54 22.05 30.71
C ASP C 25 -29.10 21.19 29.57
N PRO C 26 -28.62 19.96 29.39
CA PRO C 26 -29.09 19.16 28.23
C PRO C 26 -30.57 18.83 28.29
N SER C 27 -31.18 18.78 29.48
CA SER C 27 -32.61 18.51 29.57
C SER C 27 -33.47 19.67 29.10
N THR C 28 -32.86 20.82 28.81
CA THR C 28 -33.61 22.01 28.41
C THR C 28 -33.42 22.37 26.94
N ILE C 29 -32.70 21.57 26.17
CA ILE C 29 -32.43 21.88 24.76
C ILE C 29 -33.66 21.55 23.93
N ASP C 30 -34.15 22.54 23.19
CA ASP C 30 -35.25 22.35 22.26
C ASP C 30 -34.65 21.87 20.94
N TRP C 31 -34.63 20.55 20.74
CA TRP C 31 -33.93 19.96 19.61
C TRP C 31 -34.45 20.52 18.28
N SER C 32 -35.76 20.72 18.18
CA SER C 32 -36.37 21.17 16.94
C SER C 32 -35.97 22.60 16.59
N ALA C 33 -35.59 23.41 17.58
CA ALA C 33 -35.16 24.78 17.35
C ALA C 33 -33.67 24.90 17.05
N LEU C 34 -32.91 23.81 17.18
CA LEU C 34 -31.48 23.89 16.89
C LEU C 34 -31.23 24.19 15.42
N LYS C 35 -30.26 25.05 15.16
CA LYS C 35 -29.73 25.29 13.82
C LYS C 35 -28.29 24.80 13.79
N PHE C 36 -27.30 25.60 13.38
CA PHE C 36 -25.91 25.17 13.36
C PHE C 36 -25.09 26.24 14.10
N SER C 37 -25.13 26.20 15.43
CA SER C 37 -24.55 27.27 16.25
C SER C 37 -23.78 26.68 17.41
N TRP C 38 -22.80 27.43 17.91
CA TRP C 38 -22.03 26.97 19.05
C TRP C 38 -22.91 26.89 20.29
N LEU C 39 -22.81 25.77 20.99
CA LEU C 39 -23.57 25.50 22.21
C LEU C 39 -22.62 24.80 23.16
N GLN C 40 -22.57 25.26 24.42
CA GLN C 40 -21.56 24.77 25.36
C GLN C 40 -22.04 23.48 26.00
N THR C 41 -21.39 22.37 25.66
CA THR C 41 -21.76 21.08 26.23
C THR C 41 -20.91 20.82 27.47
N ARG C 42 -20.95 19.58 27.96
CA ARG C 42 -20.34 19.26 29.24
C ARG C 42 -18.83 19.43 29.21
N SER C 43 -18.17 19.01 28.14
CA SER C 43 -16.71 18.93 28.15
C SER C 43 -16.20 18.82 26.72
N HIS C 44 -14.88 19.00 26.59
CA HIS C 44 -14.12 18.62 25.40
C HIS C 44 -12.93 17.78 25.86
N VAL C 45 -12.21 17.19 24.90
CA VAL C 45 -11.00 16.42 25.19
CA VAL C 45 -11.00 16.41 25.18
C VAL C 45 -9.79 17.21 24.69
N ARG C 46 -8.68 17.05 25.41
CA ARG C 46 -7.46 17.80 25.16
C ARG C 46 -6.24 16.90 25.26
N SER C 47 -5.27 17.14 24.38
CA SER C 47 -3.94 16.58 24.50
C SER C 47 -2.94 17.60 23.97
N VAL C 48 -1.76 17.60 24.56
CA VAL C 48 -0.70 18.54 24.19
C VAL C 48 0.52 17.76 23.73
N TRP C 49 1.14 18.24 22.66
CA TRP C 49 2.33 17.65 22.08
C TRP C 49 3.53 18.51 22.46
N ARG C 50 4.51 17.88 23.07
CA ARG C 50 5.78 18.49 23.38
C ARG C 50 6.80 17.40 23.52
N ASN C 51 8.03 17.73 23.16
CA ASN C 51 9.16 16.85 23.39
C ASN C 51 8.92 15.46 22.80
N GLY C 52 8.29 15.41 21.62
CA GLY C 52 8.18 14.20 20.83
C GLY C 52 6.93 13.35 20.98
N GLU C 53 6.01 13.69 21.87
CA GLU C 53 4.85 12.83 22.08
C GLU C 53 3.66 13.66 22.55
N TRP C 54 2.46 13.15 22.26
CA TRP C 54 1.21 13.70 22.79
C TRP C 54 1.00 13.23 24.23
N SER C 55 0.39 14.11 25.03
CA SER C 55 0.07 13.75 26.41
C SER C 55 -1.22 12.92 26.44
N PRO C 56 -1.44 12.18 27.54
CA PRO C 56 -2.69 11.41 27.66
C PRO C 56 -3.91 12.32 27.53
N LEU C 57 -4.90 11.83 26.79
CA LEU C 57 -6.13 12.59 26.59
C LEU C 57 -6.81 12.86 27.92
N GLU C 58 -7.36 14.07 28.08
CA GLU C 58 -8.10 14.38 29.30
C GLU C 58 -9.39 15.13 28.96
N LEU C 59 -10.47 14.80 29.67
CA LEU C 59 -11.70 15.55 29.57
C LEU C 59 -11.59 16.86 30.34
N VAL C 60 -12.03 17.96 29.72
CA VAL C 60 -11.93 19.29 30.32
C VAL C 60 -13.32 19.92 30.30
N ASN C 61 -13.82 20.35 31.48
CA ASN C 61 -15.18 20.88 31.55
C ASN C 61 -15.24 22.33 31.08
N GLU C 62 -14.29 23.15 31.44
CA GLU C 62 -14.38 24.56 31.09
C GLU C 62 -14.02 24.75 29.61
N PRO C 63 -14.81 25.53 28.87
CA PRO C 63 -14.60 25.63 27.42
C PRO C 63 -13.63 26.74 27.04
N THR C 64 -12.57 26.92 27.84
CA THR C 64 -11.50 27.87 27.55
C THR C 64 -10.18 27.22 27.93
N PHE C 65 -9.10 27.79 27.42
CA PHE C 65 -7.76 27.43 27.89
C PHE C 65 -6.88 28.68 27.85
N ASN C 66 -5.77 28.61 28.55
CA ASN C 66 -4.84 29.74 28.59
C ASN C 66 -3.85 29.57 27.46
N ILE C 67 -3.76 30.57 26.58
CA ILE C 67 -2.89 30.51 25.42
C ILE C 67 -1.87 31.62 25.51
N SER C 68 -0.66 31.32 25.07
CA SER C 68 0.38 32.33 24.99
C SER C 68 -0.01 33.46 24.03
N ILE C 69 0.30 34.69 24.43
CA ILE C 69 0.13 35.83 23.53
C ILE C 69 1.04 35.71 22.32
N ALA C 70 2.06 34.86 22.38
CA ALA C 70 2.97 34.67 21.26
C ALA C 70 2.74 33.31 20.55
N ALA C 71 1.59 32.68 20.76
CA ALA C 71 1.35 31.35 20.20
C ALA C 71 1.35 31.34 18.68
N SER C 72 2.01 30.32 18.11
CA SER C 72 2.12 30.18 16.66
C SER C 72 0.75 30.19 15.95
N ALA C 73 -0.28 29.62 16.58
CA ALA C 73 -1.59 29.65 15.93
C ALA C 73 -2.07 31.09 15.72
N LEU C 74 -1.79 31.97 16.67
CA LEU C 74 -2.36 33.32 16.61
C LEU C 74 -1.58 34.22 15.67
N HIS C 75 -0.25 34.05 15.61
CA HIS C 75 0.57 34.93 14.78
C HIS C 75 0.80 34.36 13.39
N TYR C 76 1.06 33.04 13.28
CA TYR C 76 1.52 32.45 12.02
C TYR C 76 0.62 31.33 11.48
N GLY C 77 -0.60 31.18 12.00
CA GLY C 77 -1.64 30.44 11.31
C GLY C 77 -1.55 28.93 11.34
N GLN C 78 -0.75 28.36 12.24
CA GLN C 78 -0.66 26.90 12.36
C GLN C 78 -1.90 26.44 13.12
N ALA C 79 -2.99 26.25 12.38
CA ALA C 79 -4.29 25.95 12.96
C ALA C 79 -5.09 25.23 11.89
N VAL C 80 -5.47 23.98 12.16
CA VAL C 80 -6.30 23.22 11.24
C VAL C 80 -7.39 22.53 12.04
N PHE C 81 -8.47 22.14 11.36
CA PHE C 81 -9.62 21.57 12.04
C PHE C 81 -10.29 20.49 11.19
N GLU C 82 -11.24 19.80 11.81
CA GLU C 82 -12.06 18.82 11.12
C GLU C 82 -13.52 19.06 11.48
N GLY C 83 -14.39 18.30 10.83
CA GLY C 83 -15.81 18.32 11.11
C GLY C 83 -16.47 17.01 10.72
N LEU C 84 -17.14 16.35 11.66
CA LEU C 84 -17.88 15.12 11.37
C LEU C 84 -19.11 15.07 12.26
N LYS C 85 -19.97 14.10 12.01
CA LYS C 85 -21.23 14.03 12.74
C LYS C 85 -21.38 12.70 13.47
N VAL C 86 -22.03 12.79 14.63
CA VAL C 86 -22.38 11.65 15.47
C VAL C 86 -23.91 11.64 15.58
N PHE C 87 -24.50 10.44 15.47
CA PHE C 87 -25.94 10.27 15.37
C PHE C 87 -26.46 9.27 16.40
N ARG C 88 -27.63 9.53 16.95
CA ARG C 88 -28.40 8.50 17.64
C ARG C 88 -29.23 7.79 16.59
N THR C 89 -28.99 6.49 16.41
CA THR C 89 -29.61 5.76 15.31
C THR C 89 -30.97 5.20 15.73
N VAL C 90 -31.65 4.57 14.77
CA VAL C 90 -33.02 4.09 14.96
C VAL C 90 -33.09 3.02 16.05
N ASP C 91 -32.04 2.21 16.21
CA ASP C 91 -32.09 1.14 17.22
C ASP C 91 -31.47 1.56 18.56
N GLY C 92 -31.31 2.87 18.78
CA GLY C 92 -30.85 3.38 20.07
C GLY C 92 -29.35 3.46 20.24
N ARG C 93 -28.56 2.98 19.28
CA ARG C 93 -27.11 3.06 19.39
C ARG C 93 -26.60 4.43 18.92
N VAL C 94 -25.29 4.63 19.08
CA VAL C 94 -24.60 5.88 18.74
C VAL C 94 -23.45 5.56 17.77
N ALA C 95 -23.39 6.29 16.65
CA ALA C 95 -22.38 6.10 15.63
C ALA C 95 -21.83 7.43 15.12
N ALA C 96 -20.53 7.44 14.86
CA ALA C 96 -19.88 8.49 14.08
C ALA C 96 -19.79 8.05 12.62
N PHE C 97 -20.01 8.98 11.70
CA PHE C 97 -20.02 8.64 10.28
C PHE C 97 -18.62 8.85 9.70
N ARG C 98 -17.96 7.75 9.35
CA ARG C 98 -16.66 7.71 8.69
C ARG C 98 -15.54 8.48 9.41
N PRO C 99 -15.40 8.35 10.73
CA PRO C 99 -14.42 9.19 11.43
C PRO C 99 -12.97 8.92 11.05
N VAL C 100 -12.63 7.72 10.57
CA VAL C 100 -11.25 7.44 10.19
C VAL C 100 -10.81 8.34 9.04
N GLU C 101 -11.73 8.62 8.11
CA GLU C 101 -11.44 9.55 7.01
C GLU C 101 -11.07 10.93 7.56
N ASN C 102 -11.80 11.40 8.58
CA ASN C 102 -11.43 12.68 9.20
C ASN C 102 -10.10 12.59 9.90
N ALA C 103 -9.83 11.48 10.61
CA ALA C 103 -8.54 11.36 11.29
C ALA C 103 -7.40 11.45 10.28
N ARG C 104 -7.57 10.80 9.13
CA ARG C 104 -6.54 10.82 8.10
C ARG C 104 -6.42 12.18 7.44
N ARG C 105 -7.55 12.86 7.22
CA ARG C 105 -7.47 14.18 6.60
C ARG C 105 -6.86 15.21 7.55
N LEU C 106 -7.17 15.10 8.85
CA LEU C 106 -6.55 15.96 9.86
C LEU C 106 -5.03 15.83 9.82
N ILE C 107 -4.53 14.61 9.70
CA ILE C 107 -3.09 14.39 9.57
C ILE C 107 -2.57 15.07 8.32
N SER C 108 -3.30 14.94 7.20
CA SER C 108 -2.90 15.59 5.95
C SER C 108 -2.89 17.12 6.08
N SER C 109 -3.90 17.69 6.73
CA SER C 109 -3.95 19.14 6.90
C SER C 109 -2.79 19.64 7.75
N CYS C 110 -2.51 18.92 8.85
CA CYS C 110 -1.37 19.25 9.72
C CYS C 110 -0.06 19.17 8.96
N ASP C 111 0.15 18.08 8.21
CA ASP C 111 1.39 17.93 7.45
C ASP C 111 1.59 19.09 6.50
N GLY C 112 0.52 19.55 5.85
CA GLY C 112 0.63 20.63 4.87
C GLY C 112 1.07 21.94 5.47
N LEU C 113 0.89 22.13 6.76
CA LEU C 113 1.30 23.33 7.47
C LEU C 113 2.44 23.04 8.43
N CYS C 114 3.14 21.91 8.27
CA CYS C 114 4.29 21.56 9.10
C CYS C 114 3.90 21.50 10.58
N MET C 115 2.76 20.89 10.87
CA MET C 115 2.29 20.73 12.24
C MET C 115 2.32 19.26 12.66
N GLU C 116 2.53 19.04 13.96
CA GLU C 116 2.30 17.70 14.51
C GLU C 116 0.81 17.38 14.51
N SER C 117 0.49 16.09 14.47
CA SER C 117 -0.89 15.62 14.40
C SER C 117 -1.05 14.39 15.29
N PRO C 118 -2.23 14.19 15.86
CA PRO C 118 -2.52 12.93 16.55
C PRO C 118 -2.62 11.78 15.55
N SER C 119 -2.23 10.57 15.99
CA SER C 119 -2.44 9.40 15.14
C SER C 119 -3.95 9.11 14.99
N GLU C 120 -4.29 8.24 14.02
CA GLU C 120 -5.67 7.81 13.83
C GLU C 120 -6.26 7.27 15.13
N GLN C 121 -5.49 6.44 15.85
CA GLN C 121 -5.99 5.81 17.06
C GLN C 121 -6.20 6.83 18.17
N LEU C 122 -5.28 7.79 18.31
CA LEU C 122 -5.48 8.84 19.29
C LEU C 122 -6.74 9.63 18.95
N PHE C 123 -6.94 9.91 17.66
CA PHE C 123 -8.16 10.61 17.24
C PHE C 123 -9.40 9.81 17.62
N LEU C 124 -9.41 8.52 17.27
CA LEU C 124 -10.58 7.70 17.57
C LEU C 124 -10.78 7.52 19.07
N ASN C 125 -9.69 7.42 19.84
CA ASN C 125 -9.84 7.39 21.29
C ASN C 125 -10.44 8.70 21.80
N ALA C 126 -9.94 9.84 21.29
CA ALA C 126 -10.50 11.13 21.67
C ALA C 126 -11.97 11.22 21.33
N LEU C 127 -12.35 10.72 20.15
CA LEU C 127 -13.75 10.77 19.73
C LEU C 127 -14.64 9.98 20.69
N ALA C 128 -14.27 8.74 20.98
CA ALA C 128 -15.10 7.92 21.86
C ALA C 128 -15.23 8.57 23.22
N MET C 129 -14.13 9.16 23.72
CA MET C 129 -14.13 9.76 25.04
C MET C 129 -15.07 10.97 25.11
N VAL C 130 -14.99 11.87 24.12
CA VAL C 130 -15.81 13.09 24.19
C VAL C 130 -17.28 12.78 23.90
N VAL C 131 -17.56 11.81 23.01
CA VAL C 131 -18.95 11.46 22.69
C VAL C 131 -19.63 10.80 23.88
N ARG C 132 -18.94 9.85 24.52
CA ARG C 132 -19.54 9.21 25.70
C ARG C 132 -19.74 10.22 26.82
N ASP C 133 -18.79 11.14 27.01
CA ASP C 133 -18.92 12.11 28.10
C ASP C 133 -20.04 13.11 27.81
N ASN C 134 -20.34 13.37 26.53
CA ASN C 134 -21.37 14.34 26.17
C ASN C 134 -22.62 13.67 25.60
N VAL C 135 -22.85 12.40 25.99
CA VAL C 135 -23.93 11.62 25.38
C VAL C 135 -25.28 12.32 25.51
N ASP C 136 -25.51 13.02 26.61
CA ASP C 136 -26.80 13.66 26.81
C ASP C 136 -27.07 14.78 25.82
N TYR C 137 -26.09 15.18 25.01
CA TYR C 137 -26.26 16.25 24.04
C TYR C 137 -26.52 15.75 22.63
N ILE C 138 -26.48 14.44 22.40
CA ILE C 138 -26.81 13.88 21.09
C ILE C 138 -28.31 14.02 20.92
N PRO C 139 -28.78 14.70 19.88
CA PRO C 139 -30.24 14.84 19.70
C PRO C 139 -30.89 13.49 19.51
N PRO C 140 -32.03 13.25 20.16
CA PRO C 140 -32.64 11.92 20.13
C PRO C 140 -33.22 11.58 18.77
N TYR C 141 -33.46 10.28 18.58
CA TYR C 141 -33.97 9.80 17.31
C TYR C 141 -35.37 10.37 17.06
N GLY C 142 -35.60 10.82 15.83
CA GLY C 142 -36.80 11.51 15.46
C GLY C 142 -36.61 13.00 15.28
N THR C 143 -35.55 13.56 15.85
CA THR C 143 -35.28 15.00 15.74
C THR C 143 -34.60 15.39 14.44
N GLY C 144 -33.98 14.46 13.73
CA GLY C 144 -33.19 14.84 12.58
C GLY C 144 -31.93 15.61 12.92
N GLY C 145 -31.60 15.74 14.21
CA GLY C 145 -30.40 16.42 14.62
C GLY C 145 -29.21 15.47 14.73
N SER C 146 -28.09 16.03 15.18
CA SER C 146 -26.85 15.27 15.29
C SER C 146 -25.92 16.00 16.25
N LEU C 147 -24.82 15.32 16.59
CA LEU C 147 -23.76 15.89 17.39
C LEU C 147 -22.59 16.19 16.45
N TYR C 148 -22.36 17.48 16.20
CA TYR C 148 -21.26 17.90 15.36
C TYR C 148 -19.97 17.85 16.16
N VAL C 149 -18.95 17.19 15.59
CA VAL C 149 -17.67 16.99 16.27
C VAL C 149 -16.64 17.85 15.57
N ARG C 150 -15.95 18.69 16.34
CA ARG C 150 -14.97 19.64 15.81
C ARG C 150 -13.61 19.33 16.43
N PRO C 151 -12.82 18.46 15.81
CA PRO C 151 -11.43 18.31 16.21
C PRO C 151 -10.64 19.52 15.73
N LEU C 152 -9.57 19.84 16.45
CA LEU C 152 -8.80 21.04 16.20
C LEU C 152 -7.36 20.78 16.59
N VAL C 153 -6.43 21.20 15.74
CA VAL C 153 -5.02 21.17 16.10
C VAL C 153 -4.45 22.57 15.89
N ILE C 154 -3.73 23.06 16.89
CA ILE C 154 -3.18 24.42 16.88
C ILE C 154 -1.76 24.40 17.38
N GLY C 155 -0.91 25.23 16.79
CA GLY C 155 0.42 25.48 17.34
C GLY C 155 0.34 26.41 18.53
N THR C 156 0.88 25.99 19.70
CA THR C 156 0.78 26.73 20.96
C THR C 156 2.10 27.20 21.53
N GLY C 157 3.22 26.78 20.96
CA GLY C 157 4.50 27.34 21.37
C GLY C 157 4.58 28.82 21.12
N ALA C 158 5.27 29.52 22.02
CA ALA C 158 5.52 30.95 21.88
C ALA C 158 6.75 31.13 21.01
N GLN C 159 6.59 31.89 19.93
CA GLN C 159 7.71 32.07 19.01
C GLN C 159 7.57 33.39 18.26
N LEU C 160 8.72 33.93 17.87
CA LEU C 160 8.84 35.13 17.06
C LEU C 160 9.20 34.81 15.62
N GLY C 161 10.20 33.96 15.41
CA GLY C 161 10.57 33.58 14.06
C GLY C 161 9.46 32.81 13.36
N VAL C 162 9.39 32.99 12.05
CA VAL C 162 8.41 32.25 11.23
C VAL C 162 8.98 30.84 11.03
N ALA C 163 8.42 29.88 11.73
CA ALA C 163 8.94 28.52 11.78
C ALA C 163 7.88 27.64 12.42
N PRO C 164 7.92 26.33 12.17
CA PRO C 164 6.93 25.45 12.81
C PRO C 164 7.09 25.52 14.32
N SER C 165 5.96 25.59 15.01
CA SER C 165 5.97 25.60 16.48
C SER C 165 6.58 24.31 17.04
N SER C 166 7.12 24.43 18.26
CA SER C 166 7.64 23.28 18.99
C SER C 166 6.60 22.63 19.90
N GLU C 167 5.38 23.18 19.96
CA GLU C 167 4.33 22.70 20.86
CA GLU C 167 4.33 22.69 20.85
C GLU C 167 2.99 22.80 20.15
N TYR C 168 2.15 21.78 20.32
CA TYR C 168 0.84 21.76 19.69
C TYR C 168 -0.20 21.29 20.69
N MET C 169 -1.44 21.70 20.45
CA MET C 169 -2.55 21.27 21.27
C MET C 169 -3.61 20.66 20.38
N PHE C 170 -4.14 19.50 20.79
CA PHE C 170 -5.18 18.78 20.06
C PHE C 170 -6.45 18.84 20.90
N LEU C 171 -7.50 19.46 20.38
CA LEU C 171 -8.77 19.56 21.06
C LEU C 171 -9.82 18.85 20.22
N MET C 172 -10.81 18.29 20.90
CA MET C 172 -11.98 17.77 20.19
C MET C 172 -13.20 18.22 20.97
N MET C 173 -13.99 19.09 20.36
CA MET C 173 -15.18 19.64 21.00
C MET C 173 -16.39 19.24 20.18
N VAL C 174 -17.57 19.37 20.79
CA VAL C 174 -18.81 18.91 20.20
C VAL C 174 -19.90 19.93 20.51
N ALA C 175 -20.94 19.94 19.66
CA ALA C 175 -22.13 20.74 19.89
C ALA C 175 -23.29 20.06 19.16
N PRO C 176 -24.46 19.98 19.78
CA PRO C 176 -25.63 19.45 19.06
C PRO C 176 -26.12 20.45 18.03
N VAL C 177 -26.44 19.93 16.84
CA VAL C 177 -27.00 20.75 15.77
C VAL C 177 -28.30 20.12 15.28
N GLY C 178 -29.20 20.96 14.79
CA GLY C 178 -30.49 20.49 14.37
C GLY C 178 -30.48 19.98 12.95
N PRO C 179 -31.65 19.55 12.47
CA PRO C 179 -31.79 19.18 11.06
C PRO C 179 -31.53 20.38 10.16
N TYR C 180 -30.57 20.22 9.24
CA TYR C 180 -30.28 21.34 8.35
C TYR C 180 -31.49 21.70 7.50
N TYR C 181 -32.20 20.70 6.99
CA TYR C 181 -33.45 20.89 6.25
C TYR C 181 -34.60 20.39 7.14
N ARG C 182 -35.24 21.30 7.85
CA ARG C 182 -36.51 20.96 8.49
C ARG C 182 -37.58 21.07 7.41
N GLY C 183 -37.91 19.94 6.78
CA GLY C 183 -38.96 19.97 5.77
C GLY C 183 -38.55 20.02 4.31
N GLY C 184 -37.59 19.20 3.93
CA GLY C 184 -37.31 18.99 2.53
C GLY C 184 -36.13 19.80 2.04
N LEU C 185 -35.48 19.29 1.00
CA LEU C 185 -34.30 19.93 0.41
C LEU C 185 -34.69 21.27 -0.21
N LYS C 186 -33.84 22.27 -0.04
CA LYS C 186 -34.12 23.59 -0.58
C LYS C 186 -32.93 24.01 -1.44
N SER C 187 -33.22 24.53 -2.62
CA SER C 187 -32.17 24.92 -3.54
C SER C 187 -31.79 26.38 -3.33
N VAL C 188 -30.58 26.72 -3.74
CA VAL C 188 -30.09 28.08 -3.59
C VAL C 188 -29.46 28.54 -4.89
N ASN C 189 -29.30 29.85 -5.00
CA ASN C 189 -28.66 30.49 -6.12
C ASN C 189 -27.19 30.70 -5.77
N ALA C 190 -26.31 30.35 -6.69
CA ALA C 190 -24.87 30.51 -6.49
C ALA C 190 -24.33 31.58 -7.41
N ILE C 191 -23.31 32.29 -6.94
CA ILE C 191 -22.59 33.29 -7.73
C ILE C 191 -21.14 32.84 -7.88
N VAL C 192 -20.57 33.07 -9.06
CA VAL C 192 -19.15 32.84 -9.31
C VAL C 192 -18.38 34.11 -8.98
N MET C 193 -17.37 33.99 -8.12
CA MET C 193 -16.58 35.15 -7.69
C MET C 193 -15.42 35.34 -8.66
N ASP C 194 -15.56 36.24 -9.63
CA ASP C 194 -14.51 36.37 -10.63
C ASP C 194 -13.31 37.17 -10.13
N GLU C 195 -13.52 38.07 -9.19
CA GLU C 195 -12.45 38.92 -8.66
C GLU C 195 -11.96 38.41 -7.31
N PHE C 196 -12.23 37.15 -6.98
CA PHE C 196 -11.81 36.56 -5.72
C PHE C 196 -11.33 35.14 -5.99
N ASP C 197 -10.29 34.74 -5.29
CA ASP C 197 -9.85 33.36 -5.26
C ASP C 197 -10.03 32.82 -3.85
N ARG C 198 -10.20 31.50 -3.75
CA ARG C 198 -10.16 30.85 -2.45
C ARG C 198 -8.84 30.12 -2.19
N ALA C 199 -8.00 29.92 -3.19
CA ALA C 199 -6.76 29.16 -3.02
C ALA C 199 -5.81 29.47 -4.17
N ALA C 200 -4.52 29.43 -3.88
CA ALA C 200 -3.51 29.55 -4.90
C ALA C 200 -3.45 28.26 -5.70
N PRO C 201 -3.00 28.31 -6.95
CA PRO C 201 -2.87 27.04 -7.71
C PRO C 201 -1.95 26.05 -7.01
N TYR C 202 -0.83 26.52 -6.44
CA TYR C 202 0.03 25.65 -5.65
C TYR C 202 0.03 26.07 -4.19
N GLY C 203 -1.14 26.08 -3.55
CA GLY C 203 -1.25 26.53 -2.18
C GLY C 203 -1.82 25.48 -1.26
N VAL C 204 -2.58 25.91 -0.26
CA VAL C 204 -3.08 25.03 0.80
C VAL C 204 -4.59 24.90 0.68
N GLY C 205 -5.12 25.08 -0.53
CA GLY C 205 -6.56 24.92 -0.72
C GLY C 205 -7.07 23.54 -0.36
N SER C 206 -6.21 22.51 -0.43
CA SER C 206 -6.63 21.15 -0.08
C SER C 206 -6.49 20.84 1.41
N LYS C 207 -6.06 21.81 2.24
CA LYS C 207 -5.91 21.65 3.70
C LYS C 207 -7.06 22.36 4.40
N CYS C 209 -7.52 24.29 6.76
CA CYS C 209 -6.74 25.16 7.65
C CYS C 209 -7.47 26.49 7.92
N ALA C 210 -7.22 27.05 9.10
CA ALA C 210 -7.95 28.24 9.54
C ALA C 210 -7.84 29.36 8.50
N GLY C 211 -6.65 29.58 7.95
CA GLY C 211 -6.44 30.73 7.08
C GLY C 211 -7.35 30.74 5.86
N ASN C 212 -7.74 29.56 5.35
CA ASN C 212 -8.58 29.51 4.17
C ASN C 212 -9.94 30.15 4.39
N TYR C 213 -10.44 30.14 5.62
CA TYR C 213 -11.80 30.60 5.88
C TYR C 213 -11.85 32.09 6.11
N ALA C 214 -10.90 32.66 6.89
CA ALA C 214 -10.78 34.11 6.93
C ALA C 214 -10.53 34.67 5.54
N ALA C 215 -9.75 33.97 4.71
CA ALA C 215 -9.44 34.49 3.38
C ALA C 215 -10.66 34.55 2.47
N SER C 216 -11.77 33.92 2.85
CA SER C 216 -12.97 33.91 2.02
C SER C 216 -14.06 34.82 2.55
N LEU C 217 -13.86 35.46 3.72
CA LEU C 217 -14.92 36.23 4.36
C LEU C 217 -15.28 37.49 3.54
N LYS C 218 -14.29 38.13 2.92
CA LYS C 218 -14.56 39.31 2.10
C LYS C 218 -15.49 38.96 0.94
N ALA C 219 -15.18 37.87 0.22
CA ALA C 219 -16.04 37.42 -0.85
C ALA C 219 -17.43 37.05 -0.34
N GLN C 220 -17.49 36.42 0.83
CA GLN C 220 -18.77 36.05 1.44
C GLN C 220 -19.63 37.28 1.69
N SER C 221 -19.05 38.30 2.32
CA SER C 221 -19.80 39.52 2.61
CA SER C 221 -19.81 39.53 2.60
C SER C 221 -20.35 40.14 1.32
N VAL C 222 -19.56 40.10 0.25
CA VAL C 222 -19.99 40.64 -1.04
C VAL C 222 -21.14 39.81 -1.62
N ALA C 223 -21.00 38.48 -1.56
CA ALA C 223 -22.05 37.62 -2.10
C ALA C 223 -23.34 37.74 -1.30
N LEU C 224 -23.22 37.78 0.03
CA LEU C 224 -24.40 37.91 0.87
C LEU C 224 -25.12 39.23 0.62
N LYS C 225 -24.36 40.32 0.44
CA LYS C 225 -25.00 41.60 0.16
C LYS C 225 -25.80 41.57 -1.13
N LYS C 226 -25.45 40.68 -2.06
CA LYS C 226 -26.18 40.47 -3.31
C LYS C 226 -27.19 39.34 -3.21
N SER C 227 -27.43 38.83 -2.01
CA SER C 227 -28.42 37.78 -1.72
C SER C 227 -28.04 36.43 -2.32
N PHE C 228 -26.75 36.13 -2.42
CA PHE C 228 -26.35 34.80 -2.83
C PHE C 228 -25.84 34.04 -1.61
N PRO C 229 -26.51 32.98 -1.16
CA PRO C 229 -26.03 32.28 0.04
C PRO C 229 -24.82 31.39 -0.18
N ILE C 230 -24.37 31.15 -1.41
CA ILE C 230 -23.21 30.28 -1.63
C ILE C 230 -22.37 30.83 -2.78
N GLN C 231 -21.04 30.69 -2.66
CA GLN C 231 -20.07 31.27 -3.59
C GLN C 231 -19.26 30.17 -4.23
N LEU C 232 -19.31 30.08 -5.56
CA LEU C 232 -18.57 29.07 -6.32
C LEU C 232 -17.28 29.67 -6.86
N TYR C 233 -16.18 28.96 -6.69
CA TYR C 233 -14.90 29.42 -7.19
C TYR C 233 -14.47 28.63 -8.42
N LEU C 234 -13.81 29.31 -9.34
CA LEU C 234 -13.12 28.65 -10.44
C LEU C 234 -11.64 28.55 -10.08
N ASP C 235 -10.89 27.83 -10.92
CA ASP C 235 -9.47 27.68 -10.65
C ASP C 235 -8.79 29.04 -10.70
N ALA C 236 -7.92 29.30 -9.72
CA ALA C 236 -7.21 30.57 -9.67
C ALA C 236 -6.25 30.76 -10.84
N ALA C 237 -5.72 29.65 -11.36
CA ALA C 237 -4.71 29.74 -12.41
C ALA C 237 -5.28 30.32 -13.70
N THR C 238 -6.44 29.83 -14.15
CA THR C 238 -6.98 30.31 -15.42
C THR C 238 -8.42 30.80 -15.36
N HIS C 239 -9.16 30.56 -14.28
CA HIS C 239 -10.58 30.94 -14.19
C HIS C 239 -11.38 30.37 -15.36
N THR C 240 -11.08 29.12 -15.71
CA THR C 240 -11.82 28.40 -16.74
C THR C 240 -12.38 27.05 -16.30
N PHE C 241 -11.96 26.52 -15.15
CA PHE C 241 -12.46 25.24 -14.65
C PHE C 241 -13.19 25.46 -13.32
N VAL C 242 -14.23 24.64 -13.07
CA VAL C 242 -14.89 24.67 -11.78
C VAL C 242 -13.93 24.19 -10.69
N GLU C 243 -13.93 24.85 -9.53
CA GLU C 243 -13.11 24.39 -8.42
C GLU C 243 -14.04 23.87 -7.34
N GLU C 244 -14.50 24.70 -6.39
CA GLU C 244 -15.49 24.29 -5.40
C GLU C 244 -16.11 25.53 -4.78
N PHE C 245 -17.14 25.31 -3.95
CA PHE C 245 -17.69 26.41 -3.19
C PHE C 245 -16.78 26.70 -1.99
N SER C 246 -17.04 27.81 -1.29
CA SER C 246 -16.09 28.23 -0.27
C SER C 246 -15.96 27.20 0.86
N THR C 247 -17.02 26.43 1.14
CA THR C 247 -16.95 25.43 2.20
C THR C 247 -17.57 24.08 1.79
N SER C 248 -17.68 23.79 0.49
CA SER C 248 -18.26 22.53 0.04
C SER C 248 -17.79 22.24 -1.39
N ASN C 249 -17.65 20.95 -1.71
CA ASN C 249 -17.28 20.55 -3.06
C ASN C 249 -18.48 20.70 -4.00
N PHE C 250 -18.19 20.73 -5.29
CA PHE C 250 -19.19 20.84 -6.34
C PHE C 250 -19.38 19.48 -7.01
N PHE C 251 -20.63 19.15 -7.36
CA PHE C 251 -20.86 18.02 -8.26
C PHE C 251 -21.96 18.37 -9.25
N GLY C 252 -21.91 17.68 -10.38
CA GLY C 252 -22.96 17.77 -11.40
C GLY C 252 -23.42 16.37 -11.78
N ILE C 253 -24.68 16.30 -12.20
CA ILE C 253 -25.32 15.06 -12.68
C ILE C 253 -25.76 15.27 -14.13
N LYS C 254 -25.42 14.33 -15.01
CA LYS C 254 -25.90 14.40 -16.39
C LYS C 254 -26.07 12.96 -16.89
N ASP C 255 -26.55 12.84 -18.15
CA ASP C 255 -26.73 11.56 -18.84
C ASP C 255 -27.72 10.66 -18.12
N ILE C 256 -28.73 11.25 -17.47
CA ILE C 256 -29.74 10.46 -16.76
C ILE C 256 -30.58 9.71 -17.79
N GLN C 257 -30.62 8.38 -17.68
CA GLN C 257 -31.47 7.54 -18.51
C GLN C 257 -32.31 6.63 -17.62
N ARG C 258 -33.52 6.34 -18.07
CA ARG C 258 -34.53 5.68 -17.25
C ARG C 258 -35.14 4.46 -17.96
N ASP C 259 -35.77 3.59 -17.17
CA ASP C 259 -36.46 2.47 -17.78
C ASP C 259 -37.89 2.91 -18.11
N GLY C 260 -38.71 1.96 -18.57
CA GLY C 260 -40.02 2.30 -19.08
C GLY C 260 -40.97 2.87 -18.05
N ALA C 261 -40.68 2.67 -16.77
CA ALA C 261 -41.48 3.24 -15.69
C ALA C 261 -40.89 4.53 -15.14
N GLY C 262 -39.80 5.03 -15.71
CA GLY C 262 -39.14 6.22 -15.24
C GLY C 262 -38.08 6.00 -14.17
N LYS C 263 -37.82 4.76 -13.80
CA LYS C 263 -36.76 4.51 -12.80
C LYS C 263 -35.42 4.81 -13.45
N ILE C 264 -34.57 5.53 -12.73
CA ILE C 264 -33.24 5.86 -13.25
C ILE C 264 -32.37 4.61 -13.27
N VAL C 265 -31.81 4.30 -14.43
CA VAL C 265 -30.96 3.13 -14.59
C VAL C 265 -29.53 3.49 -14.95
N SER C 266 -29.24 4.76 -15.23
CA SER C 266 -27.86 5.16 -15.47
C SER C 266 -27.77 6.68 -15.40
N CYS C 267 -26.61 7.16 -14.99
CA CYS C 267 -26.33 8.59 -14.99
C CYS C 267 -24.84 8.76 -14.68
N THR C 268 -24.37 9.98 -14.78
CA THR C 268 -22.95 10.27 -14.56
C THR C 268 -22.85 11.34 -13.48
N TYR C 269 -22.11 11.03 -12.41
CA TYR C 269 -21.77 11.95 -11.35
C TYR C 269 -20.40 12.53 -11.66
N VAL C 270 -20.32 13.84 -11.80
CA VAL C 270 -19.10 14.52 -12.22
C VAL C 270 -18.67 15.47 -11.11
N THR C 271 -17.39 15.40 -10.73
CA THR C 271 -16.88 16.33 -9.72
C THR C 271 -15.45 16.76 -10.06
N PRO C 272 -15.10 18.03 -9.85
CA PRO C 272 -13.81 18.54 -10.34
C PRO C 272 -12.62 17.87 -9.68
N LYS C 273 -11.52 17.80 -10.44
CA LYS C 273 -10.25 17.26 -9.96
CA LYS C 273 -10.26 17.26 -9.97
C LYS C 273 -9.21 18.36 -10.00
N SER C 274 -8.57 18.62 -8.85
CA SER C 274 -7.56 19.66 -8.73
C SER C 274 -6.81 19.56 -7.40
N PRO C 275 -5.49 19.82 -7.37
CA PRO C 275 -4.77 19.83 -6.09
C PRO C 275 -5.19 20.96 -5.16
N SER C 276 -5.97 21.92 -5.64
CA SER C 276 -6.47 23.06 -4.86
C SER C 276 -7.75 22.75 -4.11
N ILE C 277 -8.39 21.63 -4.38
CA ILE C 277 -9.72 21.35 -3.87
C ILE C 277 -9.61 20.61 -2.54
N LEU C 278 -10.38 21.06 -1.55
CA LEU C 278 -10.50 20.33 -0.30
C LEU C 278 -11.17 18.98 -0.57
N PRO C 279 -10.51 17.83 -0.27
CA PRO C 279 -11.11 16.52 -0.57
C PRO C 279 -12.25 16.17 0.36
N SER C 280 -13.46 16.56 -0.03
CA SER C 280 -14.64 16.39 0.80
C SER C 280 -14.93 14.90 1.05
N ILE C 281 -15.13 14.55 2.32
CA ILE C 281 -15.51 13.19 2.67
C ILE C 281 -16.94 12.90 2.26
N THR C 282 -17.81 13.91 2.30
CA THR C 282 -19.16 13.69 1.78
C THR C 282 -19.12 13.44 0.28
N ASN C 283 -18.30 14.21 -0.47
CA ASN C 283 -18.14 13.93 -1.90
C ASN C 283 -17.70 12.49 -2.14
N LYS C 284 -16.67 12.05 -1.41
CA LYS C 284 -16.22 10.66 -1.53
C LYS C 284 -17.37 9.69 -1.31
N THR C 285 -18.18 9.94 -0.28
CA THR C 285 -19.34 9.09 0.01
C THR C 285 -20.32 9.05 -1.17
N LEU C 286 -20.60 10.21 -1.78
CA LEU C 286 -21.52 10.23 -2.92
C LEU C 286 -20.93 9.43 -4.09
N ARG C 287 -19.63 9.57 -4.34
CA ARG C 287 -18.99 8.83 -5.43
C ARG C 287 -19.12 7.33 -5.20
N GLU C 288 -18.83 6.88 -3.97
CA GLU C 288 -18.95 5.46 -3.65
C GLU C 288 -20.40 4.99 -3.73
N LEU C 289 -21.37 5.85 -3.37
CA LEU C 289 -22.77 5.48 -3.52
C LEU C 289 -23.17 5.34 -4.98
N ILE C 290 -22.79 6.32 -5.80
CA ILE C 290 -23.17 6.30 -7.20
C ILE C 290 -22.66 5.04 -7.88
N SER C 291 -21.37 4.76 -7.74
CA SER C 291 -20.81 3.64 -8.50
C SER C 291 -20.97 2.30 -7.79
N GLN C 292 -20.66 2.23 -6.48
CA GLN C 292 -20.68 0.95 -5.76
CA GLN C 292 -20.69 0.94 -5.80
C GLN C 292 -22.06 0.57 -5.26
N TYR C 293 -22.93 1.54 -4.98
CA TYR C 293 -24.25 1.22 -4.48
C TYR C 293 -25.32 1.23 -5.57
N PHE C 294 -25.35 2.26 -6.41
CA PHE C 294 -26.33 2.34 -7.49
C PHE C 294 -25.83 1.81 -8.82
N GLY C 295 -24.54 1.56 -8.97
CA GLY C 295 -24.04 0.99 -10.20
C GLY C 295 -23.99 1.95 -11.38
N TRP C 296 -23.84 3.24 -11.12
CA TRP C 296 -23.77 4.24 -12.18
C TRP C 296 -22.34 4.77 -12.30
N LYS C 297 -22.18 5.82 -13.09
CA LYS C 297 -20.87 6.27 -13.55
C LYS C 297 -20.39 7.48 -12.76
N VAL C 298 -19.11 7.46 -12.39
CA VAL C 298 -18.47 8.54 -11.65
C VAL C 298 -17.28 9.05 -12.47
N ASP C 299 -17.17 10.38 -12.59
CA ASP C 299 -16.13 11.04 -13.38
CA ASP C 299 -16.11 11.01 -13.37
C ASP C 299 -15.43 12.08 -12.50
N VAL C 300 -14.22 11.78 -12.03
CA VAL C 300 -13.40 12.75 -11.30
C VAL C 300 -12.38 13.33 -12.29
N ARG C 301 -12.60 14.56 -12.73
CA ARG C 301 -11.85 15.11 -13.85
C ARG C 301 -11.99 16.63 -13.84
N GLU C 302 -11.25 17.29 -14.73
CA GLU C 302 -11.44 18.73 -14.95
CA GLU C 302 -11.45 18.72 -14.92
C GLU C 302 -12.84 18.99 -15.48
N VAL C 303 -13.48 20.03 -14.97
CA VAL C 303 -14.81 20.44 -15.40
C VAL C 303 -14.73 21.88 -15.88
N PRO C 304 -14.60 22.11 -17.18
CA PRO C 304 -14.59 23.49 -17.69
C PRO C 304 -15.91 24.17 -17.36
N PHE C 305 -15.83 25.47 -17.09
CA PHE C 305 -17.07 26.18 -16.79
C PHE C 305 -18.06 26.11 -17.96
N THR C 306 -17.57 26.04 -19.20
CA THR C 306 -18.47 25.94 -20.34
C THR C 306 -19.31 24.66 -20.32
N GLU C 307 -18.90 23.67 -19.52
CA GLU C 307 -19.69 22.44 -19.38
C GLU C 307 -20.82 22.57 -18.37
N VAL C 308 -20.80 23.59 -17.52
CA VAL C 308 -21.75 23.62 -16.42
C VAL C 308 -23.19 23.66 -16.94
N LYS C 309 -23.45 24.34 -18.06
CA LYS C 309 -24.83 24.40 -18.55
C LYS C 309 -25.35 23.07 -19.09
N THR C 310 -24.50 22.06 -19.26
CA THR C 310 -24.98 20.76 -19.71
C THR C 310 -25.35 19.82 -18.58
N PHE C 311 -25.12 20.20 -17.32
CA PHE C 311 -25.55 19.36 -16.21
C PHE C 311 -27.06 19.42 -16.05
N GLN C 312 -27.66 18.27 -15.74
CA GLN C 312 -29.09 18.24 -15.43
C GLN C 312 -29.35 18.57 -13.96
N GLU C 313 -28.44 18.19 -13.07
CA GLU C 313 -28.49 18.57 -11.66
C GLU C 313 -27.12 19.10 -11.26
N CYS C 314 -27.11 19.99 -10.29
CA CYS C 314 -25.90 20.58 -9.79
C CYS C 314 -26.03 20.68 -8.28
N GLY C 315 -24.94 20.41 -7.57
CA GLY C 315 -24.99 20.42 -6.12
C GLY C 315 -23.70 20.83 -5.45
N ALA C 316 -23.85 21.25 -4.20
CA ALA C 316 -22.77 21.42 -3.24
C ALA C 316 -22.85 20.29 -2.22
N THR C 317 -21.69 19.86 -1.69
CA THR C 317 -21.67 18.72 -0.80
C THR C 317 -20.63 18.94 0.31
N GLY C 318 -21.06 18.64 1.54
CA GLY C 318 -20.22 18.75 2.72
C GLY C 318 -21.00 18.22 3.91
N THR C 319 -20.31 18.11 5.04
CA THR C 319 -20.87 17.41 6.20
C THR C 319 -22.10 18.11 6.76
N ALA C 320 -22.06 19.44 6.88
CA ALA C 320 -23.19 20.13 7.50
C ALA C 320 -24.46 20.01 6.66
N VAL C 321 -24.32 19.97 5.34
CA VAL C 321 -25.53 19.98 4.50
C VAL C 321 -25.86 18.62 3.90
N VAL C 322 -24.93 17.68 3.88
CA VAL C 322 -24.95 16.50 3.01
C VAL C 322 -24.89 16.99 1.57
N VAL C 323 -26.01 17.50 1.04
CA VAL C 323 -26.05 18.15 -0.27
C VAL C 323 -26.85 19.43 -0.16
N THR C 324 -26.47 20.42 -0.97
CA THR C 324 -27.28 21.61 -1.23
C THR C 324 -27.57 21.67 -2.72
N PRO C 325 -28.83 21.53 -3.14
CA PRO C 325 -29.15 21.68 -4.57
C PRO C 325 -28.93 23.10 -5.05
N ILE C 326 -28.34 23.23 -6.24
CA ILE C 326 -28.06 24.52 -6.85
C ILE C 326 -29.11 24.81 -7.92
N ALA C 327 -29.92 25.85 -7.70
CA ALA C 327 -30.95 26.18 -8.67
C ALA C 327 -30.39 26.98 -9.85
N SER C 328 -29.38 27.79 -9.59
CA SER C 328 -28.81 28.63 -10.64
C SER C 328 -27.40 29.00 -10.26
N ILE C 329 -26.60 29.30 -11.29
CA ILE C 329 -25.24 29.79 -11.13
C ILE C 329 -25.11 31.07 -11.93
N THR C 330 -24.71 32.16 -11.28
CA THR C 330 -24.48 33.44 -11.93
C THR C 330 -22.99 33.72 -12.00
N ARG C 331 -22.49 34.00 -13.20
CA ARG C 331 -21.13 34.48 -13.41
C ARG C 331 -21.18 35.72 -14.30
N GLY C 332 -20.96 36.89 -13.70
CA GLY C 332 -21.00 38.10 -14.51
C GLY C 332 -22.35 38.26 -15.16
N SER C 333 -22.36 38.26 -16.50
CA SER C 333 -23.57 38.43 -17.28
C SER C 333 -24.18 37.11 -17.73
N THR C 334 -23.58 35.99 -17.33
CA THR C 334 -24.06 34.65 -17.68
C THR C 334 -24.83 34.08 -16.50
N VAL C 335 -26.05 33.63 -16.74
CA VAL C 335 -26.86 32.99 -15.71
C VAL C 335 -27.25 31.63 -16.24
N ILE C 336 -26.92 30.58 -15.48
CA ILE C 336 -27.29 29.21 -15.80
C ILE C 336 -28.35 28.75 -14.81
N ASP C 337 -29.52 28.41 -15.32
CA ASP C 337 -30.67 28.00 -14.51
C ASP C 337 -30.79 26.48 -14.54
N PHE C 338 -30.79 25.86 -13.37
CA PHE C 338 -31.06 24.44 -13.26
C PHE C 338 -32.49 24.14 -12.84
N LEU C 339 -33.04 24.91 -11.89
CA LEU C 339 -34.37 24.65 -11.34
C LEU C 339 -35.22 25.92 -11.38
N GLN C 340 -36.50 25.75 -11.74
CA GLN C 340 -37.40 26.88 -11.96
C GLN C 340 -38.07 27.37 -10.68
N SER C 341 -38.22 26.48 -9.68
CA SER C 341 -38.91 26.81 -8.45
C SER C 341 -38.10 26.32 -7.26
N ASP C 342 -38.32 26.96 -6.10
CA ASP C 342 -37.64 26.55 -4.88
C ASP C 342 -38.09 25.17 -4.42
N ASP C 343 -39.26 24.72 -4.88
CA ASP C 343 -39.75 23.38 -4.55
C ASP C 343 -39.03 22.29 -5.33
N GLN C 344 -38.67 22.55 -6.58
CA GLN C 344 -38.11 21.51 -7.42
C GLN C 344 -36.65 21.23 -7.08
N VAL C 345 -36.31 19.94 -7.05
CA VAL C 345 -34.96 19.47 -6.76
C VAL C 345 -34.72 18.22 -7.61
N GLY C 346 -33.48 18.05 -8.06
CA GLY C 346 -33.16 16.90 -8.90
C GLY C 346 -33.32 15.58 -8.17
N GLU C 347 -33.76 14.57 -8.94
CA GLU C 347 -34.06 13.25 -8.37
C GLU C 347 -32.80 12.57 -7.83
N VAL C 348 -31.70 12.60 -8.58
CA VAL C 348 -30.48 11.97 -8.10
C VAL C 348 -29.98 12.65 -6.85
N THR C 349 -30.04 13.99 -6.82
CA THR C 349 -29.60 14.71 -5.63
C THR C 349 -30.43 14.30 -4.42
N LYS C 350 -31.75 14.20 -4.59
CA LYS C 350 -32.61 13.80 -3.49
C LYS C 350 -32.30 12.36 -3.07
N LEU C 351 -32.09 11.48 -4.05
CA LEU C 351 -31.76 10.09 -3.75
C LEU C 351 -30.48 9.99 -2.91
N LEU C 352 -29.45 10.78 -3.24
CA LEU C 352 -28.20 10.73 -2.49
C LEU C 352 -28.41 11.19 -1.05
N TYR C 353 -29.10 12.32 -0.88
CA TYR C 353 -29.37 12.86 0.45
C TYR C 353 -30.05 11.83 1.34
N GLU C 354 -31.10 11.18 0.81
CA GLU C 354 -31.85 10.20 1.60
C GLU C 354 -31.04 8.95 1.87
N THR C 355 -30.15 8.57 0.95
CA THR C 355 -29.36 7.36 1.15
C THR C 355 -28.26 7.58 2.20
N VAL C 356 -27.56 8.72 2.11
CA VAL C 356 -26.57 9.06 3.13
C VAL C 356 -27.22 9.12 4.51
N GLN C 357 -28.33 9.87 4.64
CA GLN C 357 -28.98 10.00 5.93
C GLN C 357 -29.53 8.65 6.41
N GLY C 358 -30.06 7.85 5.49
CA GLY C 358 -30.54 6.52 5.86
C GLY C 358 -29.45 5.67 6.49
N ILE C 359 -28.24 5.73 5.92
CA ILE C 359 -27.12 4.97 6.45
C ILE C 359 -26.67 5.56 7.79
N GLN C 360 -26.56 6.90 7.86
CA GLN C 360 -26.13 7.56 9.09
C GLN C 360 -27.02 7.23 10.28
N TYR C 361 -28.34 7.14 10.07
CA TYR C 361 -29.29 6.95 11.16
C TYR C 361 -29.65 5.47 11.37
N GLY C 362 -29.05 4.56 10.60
CA GLY C 362 -29.27 3.14 10.85
C GLY C 362 -30.50 2.54 10.23
N VAL C 363 -31.19 3.26 9.34
CA VAL C 363 -32.38 2.71 8.71
C VAL C 363 -32.01 1.85 7.50
N ILE C 364 -31.02 2.28 6.72
CA ILE C 364 -30.50 1.54 5.57
C ILE C 364 -29.29 0.74 6.02
N PRO C 365 -29.16 -0.54 5.65
CA PRO C 365 -27.98 -1.31 6.06
C PRO C 365 -26.68 -0.64 5.63
N ASP C 366 -25.69 -0.68 6.52
CA ASP C 366 -24.38 -0.04 6.33
C ASP C 366 -23.45 -1.03 5.65
N ARG C 367 -23.66 -1.23 4.34
CA ARG C 367 -22.94 -2.26 3.60
C ARG C 367 -21.43 -2.00 3.61
N PHE C 368 -21.03 -0.74 3.55
CA PHE C 368 -19.61 -0.44 3.42
C PHE C 368 -18.95 -0.15 4.76
N ASN C 369 -19.68 -0.34 5.87
CA ASN C 369 -19.14 -0.16 7.21
C ASN C 369 -18.56 1.22 7.40
N TRP C 370 -19.38 2.21 7.03
CA TRP C 370 -19.05 3.61 7.22
C TRP C 370 -19.35 4.07 8.64
N ASN C 371 -20.25 3.40 9.36
CA ASN C 371 -20.63 3.84 10.70
C ASN C 371 -19.69 3.25 11.73
N HIS C 372 -19.12 4.13 12.54
CA HIS C 372 -18.25 3.75 13.65
C HIS C 372 -19.09 3.87 14.92
N TYR C 373 -19.56 2.73 15.44
CA TYR C 373 -20.42 2.74 16.62
C TYR C 373 -19.59 2.98 17.86
N ILE C 374 -20.13 3.79 18.77
CA ILE C 374 -19.48 4.20 20.00
C ILE C 374 -20.32 3.74 21.17
N ASP C 375 -19.72 2.98 22.07
CA ASP C 375 -20.40 2.59 23.29
C ASP C 375 -20.58 3.79 24.20
N VAL C 376 -21.83 4.14 24.50
CA VAL C 376 -22.13 5.30 25.31
C VAL C 376 -22.87 4.88 26.56
N GLY D 20 1.28 32.08 34.71
CA GLY D 20 1.96 32.07 35.99
C GLY D 20 3.45 32.33 35.88
N SER D 21 3.99 32.11 34.68
CA SER D 21 5.41 32.29 34.44
C SER D 21 5.82 33.76 34.59
N MET D 22 7.02 33.98 35.12
CA MET D 22 7.50 35.30 35.50
C MET D 22 8.32 35.94 34.38
N ALA D 23 8.32 37.27 34.38
CA ALA D 23 9.05 38.05 33.39
C ALA D 23 10.55 37.80 33.49
N VAL D 24 11.21 37.87 32.33
CA VAL D 24 12.66 37.79 32.29
C VAL D 24 13.25 39.01 32.98
N ASP D 25 14.25 38.77 33.82
CA ASP D 25 14.97 39.82 34.51
C ASP D 25 15.77 40.64 33.50
N PRO D 26 15.45 41.92 33.28
CA PRO D 26 16.18 42.69 32.27
C PRO D 26 17.65 42.89 32.60
N SER D 27 18.04 42.89 33.88
CA SER D 27 19.45 43.06 34.19
C SER D 27 20.29 41.83 33.84
N THR D 28 19.67 40.73 33.42
CA THR D 28 20.41 39.51 33.10
C THR D 28 20.48 39.24 31.61
N ILE D 29 19.95 40.14 30.79
CA ILE D 29 19.91 39.95 29.35
C ILE D 29 21.27 40.30 28.74
N ASP D 30 21.87 39.34 28.05
CA ASP D 30 23.12 39.57 27.32
C ASP D 30 22.71 40.14 25.95
N TRP D 31 22.74 41.47 25.83
CA TRP D 31 22.24 42.13 24.62
C TRP D 31 23.00 41.67 23.39
N SER D 32 24.32 41.48 23.51
CA SER D 32 25.13 41.13 22.34
C SER D 32 24.82 39.73 21.82
N ALA D 33 24.33 38.84 22.68
CA ALA D 33 23.98 37.49 22.28
C ALA D 33 22.56 37.35 21.76
N LEU D 34 21.71 38.37 21.90
CA LEU D 34 20.33 38.27 21.44
C LEU D 34 20.27 38.12 19.93
N LYS D 35 19.35 37.28 19.48
CA LYS D 35 19.03 37.14 18.06
C LYS D 35 17.60 37.65 17.85
N PHE D 36 16.70 36.88 17.23
CA PHE D 36 15.33 37.30 17.01
C PHE D 36 14.39 36.21 17.55
N SER D 37 14.21 36.19 18.88
CA SER D 37 13.51 35.11 19.58
C SER D 37 12.53 35.69 20.59
N TRP D 38 11.50 34.91 20.92
CA TRP D 38 10.52 35.34 21.89
C TRP D 38 11.14 35.46 23.28
N LEU D 39 10.80 36.54 23.97
CA LEU D 39 11.29 36.82 25.30
C LEU D 39 10.13 37.45 26.06
N GLN D 40 9.92 37.01 27.31
CA GLN D 40 8.81 37.50 28.12
C GLN D 40 9.28 38.73 28.90
N THR D 41 8.74 39.91 28.56
CA THR D 41 9.04 41.16 29.25
C THR D 41 8.03 41.42 30.37
N ARG D 42 8.02 42.63 30.91
CA ARG D 42 7.20 42.91 32.09
C ARG D 42 5.71 42.85 31.77
N SER D 43 5.30 43.34 30.61
CA SER D 43 3.89 43.48 30.33
C SER D 43 3.66 43.59 28.83
N HIS D 44 2.39 43.39 28.47
CA HIS D 44 1.86 43.76 27.15
C HIS D 44 0.61 44.61 27.38
N VAL D 45 0.04 45.13 26.30
CA VAL D 45 -1.16 45.97 26.40
C VAL D 45 -2.31 45.27 25.68
N ARG D 46 -3.52 45.45 26.20
CA ARG D 46 -4.68 44.76 25.66
C ARG D 46 -5.90 45.67 25.62
N SER D 47 -6.70 45.50 24.58
CA SER D 47 -8.05 46.09 24.48
C SER D 47 -8.94 45.06 23.81
N VAL D 48 -10.22 45.08 24.15
CA VAL D 48 -11.18 44.12 23.60
C VAL D 48 -12.30 44.89 22.90
N TRP D 49 -12.71 44.38 21.75
CA TRP D 49 -13.79 44.99 20.97
C TRP D 49 -15.05 44.18 21.18
N ARG D 50 -16.13 44.86 21.52
CA ARG D 50 -17.46 44.27 21.58
C ARG D 50 -18.47 45.39 21.44
N ASN D 51 -19.59 45.10 20.77
CA ASN D 51 -20.72 46.02 20.66
C ASN D 51 -20.29 47.41 20.19
N GLY D 52 -19.34 47.45 19.26
CA GLY D 52 -19.01 48.70 18.60
C GLY D 52 -17.92 49.53 19.23
N GLU D 53 -17.27 49.05 20.30
CA GLU D 53 -16.28 49.86 20.99
C GLU D 53 -15.13 49.02 21.55
N TRP D 54 -13.94 49.62 21.55
CA TRP D 54 -12.79 49.05 22.22
C TRP D 54 -12.81 49.43 23.69
N SER D 55 -12.39 48.50 24.54
CA SER D 55 -12.29 48.76 25.97
C SER D 55 -11.01 49.54 26.22
N PRO D 56 -10.90 50.23 27.36
CA PRO D 56 -9.68 50.99 27.65
C PRO D 56 -8.46 50.10 27.67
N LEU D 57 -7.34 50.63 27.15
CA LEU D 57 -6.10 49.88 27.15
C LEU D 57 -5.68 49.53 28.58
N GLU D 58 -5.19 48.32 28.77
CA GLU D 58 -4.71 47.90 30.08
C GLU D 58 -3.38 47.20 29.92
N LEU D 59 -2.48 47.44 30.86
CA LEU D 59 -1.24 46.67 30.95
C LEU D 59 -1.56 45.31 31.54
N VAL D 60 -0.98 44.27 30.97
CA VAL D 60 -1.18 42.89 31.42
C VAL D 60 0.18 42.26 31.63
N ASN D 61 0.42 41.73 32.82
CA ASN D 61 1.71 41.15 33.12
C ASN D 61 1.83 39.68 32.70
N GLU D 62 0.79 38.87 32.89
CA GLU D 62 0.92 37.45 32.58
C GLU D 62 0.91 37.27 31.07
N PRO D 63 1.82 36.44 30.51
CA PRO D 63 1.97 36.39 29.06
C PRO D 63 1.03 35.39 28.40
N THR D 64 -0.14 35.20 29.01
CA THR D 64 -1.18 34.33 28.49
C THR D 64 -2.52 35.01 28.69
N PHE D 65 -3.52 34.56 27.94
CA PHE D 65 -4.89 35.00 28.15
C PHE D 65 -5.82 33.82 27.94
N ASN D 66 -7.04 34.00 28.39
CA ASN D 66 -8.03 32.95 28.37
C ASN D 66 -8.80 33.05 27.07
N ILE D 67 -8.73 31.99 26.27
CA ILE D 67 -9.33 32.02 24.94
C ILE D 67 -10.34 30.89 24.84
N SER D 68 -11.47 31.16 24.18
CA SER D 68 -12.47 30.13 23.95
C SER D 68 -11.90 28.99 23.12
N ILE D 69 -12.28 27.75 23.45
CA ILE D 69 -11.89 26.64 22.57
C ILE D 69 -12.52 26.79 21.18
N ALA D 70 -13.55 27.63 21.06
CA ALA D 70 -14.22 27.87 19.79
C ALA D 70 -13.88 29.24 19.21
N ALA D 71 -12.78 29.86 19.65
CA ALA D 71 -12.43 31.20 19.19
C ALA D 71 -12.21 31.23 17.68
N SER D 72 -12.77 32.26 17.05
CA SER D 72 -12.70 32.43 15.61
C SER D 72 -11.27 32.43 15.09
N ALA D 73 -10.33 33.04 15.84
CA ALA D 73 -8.94 33.06 15.38
C ALA D 73 -8.38 31.66 15.20
N LEU D 74 -8.79 30.72 16.06
CA LEU D 74 -8.20 29.38 16.04
C LEU D 74 -8.79 28.48 14.96
N HIS D 75 -10.08 28.65 14.66
CA HIS D 75 -10.76 27.79 13.70
C HIS D 75 -10.74 28.38 12.30
N TYR D 76 -10.99 29.68 12.17
CA TYR D 76 -11.22 30.28 10.86
C TYR D 76 -10.27 31.43 10.54
N GLY D 77 -9.19 31.62 11.32
CA GLY D 77 -8.06 32.40 10.88
C GLY D 77 -8.19 33.91 10.95
N GLN D 78 -9.14 34.44 11.72
CA GLN D 78 -9.26 35.89 11.84
C GLN D 78 -8.17 36.35 12.78
N ALA D 79 -6.99 36.58 12.20
CA ALA D 79 -5.79 36.89 13.00
C ALA D 79 -4.80 37.58 12.09
N VAL D 80 -4.44 38.81 12.43
CA VAL D 80 -3.46 39.59 11.69
C VAL D 80 -2.51 40.24 12.69
N PHE D 81 -1.34 40.65 12.21
CA PHE D 81 -0.33 41.19 13.10
C PHE D 81 0.47 42.26 12.39
N GLU D 82 1.30 42.94 13.18
CA GLU D 82 2.23 43.93 12.66
C GLU D 82 3.60 43.68 13.25
N GLY D 83 4.57 44.44 12.75
CA GLY D 83 5.93 44.39 13.24
C GLY D 83 6.64 45.69 12.95
N LEU D 84 7.15 46.33 13.99
CA LEU D 84 7.98 47.53 13.87
C LEU D 84 8.95 47.54 15.04
N LYS D 85 9.91 48.46 14.99
CA LYS D 85 10.99 48.47 15.95
C LYS D 85 11.07 49.80 16.69
N VAL D 86 11.50 49.70 17.95
CA VAL D 86 11.75 50.85 18.80
C VAL D 86 13.24 50.85 19.15
N PHE D 87 13.85 52.03 19.16
CA PHE D 87 15.30 52.16 19.33
C PHE D 87 15.64 53.13 20.45
N ARG D 88 16.66 52.78 21.22
CA ARG D 88 17.36 53.75 22.06
C ARG D 88 18.41 54.43 21.17
N THR D 89 18.27 55.74 20.99
CA THR D 89 19.09 56.47 20.03
C THR D 89 20.41 56.92 20.66
N VAL D 90 21.26 57.54 19.83
CA VAL D 90 22.61 57.91 20.25
C VAL D 90 22.59 58.92 21.40
N ASP D 91 21.59 59.80 21.43
CA ASP D 91 21.50 60.81 22.48
C ASP D 91 20.61 60.38 23.64
N GLY D 92 20.29 59.09 23.74
CA GLY D 92 19.57 58.58 24.88
C GLY D 92 18.06 58.62 24.82
N ARG D 93 17.47 59.09 23.71
CA ARG D 93 16.01 59.11 23.60
CA ARG D 93 16.01 59.11 23.60
C ARG D 93 15.51 57.76 23.07
N VAL D 94 14.18 57.63 22.98
CA VAL D 94 13.54 56.41 22.50
C VAL D 94 12.62 56.77 21.34
N ALA D 95 12.74 56.06 20.23
CA ALA D 95 11.90 56.35 19.08
C ALA D 95 11.41 55.05 18.45
N ALA D 96 10.16 55.07 18.02
CA ALA D 96 9.62 54.04 17.15
C ALA D 96 9.73 54.51 15.71
N PHE D 97 10.05 53.58 14.80
CA PHE D 97 10.28 53.92 13.40
C PHE D 97 8.98 53.79 12.62
N ARG D 98 8.44 54.92 12.15
CA ARG D 98 7.26 55.00 11.29
C ARG D 98 6.02 54.22 11.78
N PRO D 99 5.67 54.34 13.08
CA PRO D 99 4.57 53.51 13.59
C PRO D 99 3.21 53.82 13.00
N VAL D 100 2.96 55.03 12.52
CA VAL D 100 1.65 55.28 11.90
C VAL D 100 1.47 54.41 10.67
N GLU D 101 2.56 54.16 9.91
CA GLU D 101 2.46 53.23 8.78
C GLU D 101 1.95 51.86 9.22
N ASN D 102 2.44 51.36 10.36
CA ASN D 102 1.94 50.09 10.87
C ASN D 102 0.49 50.17 11.31
N ALA D 103 0.11 51.27 11.98
CA ALA D 103 -1.28 51.41 12.40
C ALA D 103 -2.22 51.35 11.20
N ARG D 104 -1.84 51.98 10.09
CA ARG D 104 -2.67 51.97 8.90
C ARG D 104 -2.68 50.60 8.22
N ARG D 105 -1.55 49.91 8.17
CA ARG D 105 -1.55 48.59 7.53
C ARG D 105 -2.31 47.57 8.37
N LEU D 106 -2.23 47.67 9.70
CA LEU D 106 -3.03 46.81 10.55
C LEU D 106 -4.52 46.94 10.23
N ILE D 107 -4.99 48.17 10.04
CA ILE D 107 -6.40 48.40 9.66
C ILE D 107 -6.70 47.75 8.32
N SER D 108 -5.79 47.91 7.35
CA SER D 108 -5.98 47.30 6.05
C SER D 108 -5.99 45.77 6.15
N SER D 109 -5.09 45.18 6.95
CA SER D 109 -5.10 43.73 7.10
C SER D 109 -6.38 43.26 7.79
N CYS D 110 -6.82 43.97 8.83
CA CYS D 110 -8.08 43.63 9.50
C CYS D 110 -9.26 43.70 8.53
N ASP D 111 -9.38 44.81 7.80
CA ASP D 111 -10.47 44.97 6.84
C ASP D 111 -10.49 43.82 5.82
N GLY D 112 -9.31 43.43 5.32
CA GLY D 112 -9.23 42.37 4.33
C GLY D 112 -9.77 41.02 4.81
N LEU D 113 -9.81 40.81 6.12
CA LEU D 113 -10.34 39.59 6.71
C LEU D 113 -11.62 39.84 7.48
N CYS D 114 -12.27 40.98 7.25
CA CYS D 114 -13.56 41.31 7.87
C CYS D 114 -13.47 41.33 9.39
N MET D 115 -12.39 41.92 9.91
CA MET D 115 -12.15 42.06 11.33
C MET D 115 -12.22 43.54 11.70
N GLU D 116 -12.67 43.81 12.94
CA GLU D 116 -12.56 45.16 13.47
C GLU D 116 -11.08 45.48 13.77
N SER D 117 -10.74 46.76 13.79
CA SER D 117 -9.36 47.17 14.00
C SER D 117 -9.29 48.37 14.93
N PRO D 118 -8.22 48.49 15.70
CA PRO D 118 -8.01 49.73 16.48
C PRO D 118 -7.74 50.90 15.57
N SER D 119 -8.17 52.09 16.00
CA SER D 119 -7.85 53.27 15.25
C SER D 119 -6.35 53.60 15.39
N GLU D 120 -5.88 54.47 14.49
CA GLU D 120 -4.50 54.93 14.53
C GLU D 120 -4.12 55.48 15.90
N GLN D 121 -5.01 56.27 16.51
CA GLN D 121 -4.71 56.87 17.81
C GLN D 121 -4.66 55.82 18.92
N LEU D 122 -5.60 54.88 18.93
CA LEU D 122 -5.53 53.80 19.91
C LEU D 122 -4.25 53.00 19.74
N PHE D 123 -3.84 52.74 18.48
CA PHE D 123 -2.58 52.06 18.21
C PHE D 123 -1.40 52.83 18.81
N LEU D 124 -1.35 54.14 18.56
CA LEU D 124 -0.24 54.92 19.09
C LEU D 124 -0.29 55.02 20.60
N ASN D 125 -1.50 55.07 21.17
CA ASN D 125 -1.62 55.05 22.63
C ASN D 125 -1.14 53.73 23.20
N ALA D 126 -1.49 52.62 22.56
CA ALA D 126 -1.01 51.32 23.01
C ALA D 126 0.51 51.24 22.91
N LEU D 127 1.08 51.78 21.83
CA LEU D 127 2.53 51.77 21.64
C LEU D 127 3.21 52.53 22.76
N ALA D 128 2.74 53.75 23.05
CA ALA D 128 3.32 54.53 24.14
C ALA D 128 3.22 53.78 25.45
N MET D 129 2.08 53.16 25.69
CA MET D 129 1.89 52.48 26.96
C MET D 129 2.83 51.29 27.11
N VAL D 130 2.96 50.47 26.06
CA VAL D 130 3.77 49.26 26.20
C VAL D 130 5.25 49.61 26.22
N VAL D 131 5.67 50.63 25.47
CA VAL D 131 7.08 51.01 25.47
C VAL D 131 7.49 51.55 26.83
N ARG D 132 6.67 52.42 27.43
CA ARG D 132 7.03 52.97 28.73
C ARG D 132 7.11 51.89 29.80
N ASP D 133 6.17 50.94 29.80
CA ASP D 133 6.19 49.92 30.85
C ASP D 133 7.34 48.93 30.68
N ASN D 134 7.92 48.83 29.49
CA ASN D 134 9.01 47.90 29.22
C ASN D 134 10.30 48.61 28.83
N VAL D 135 10.45 49.86 29.25
CA VAL D 135 11.58 50.68 28.80
C VAL D 135 12.92 50.01 29.11
N ASP D 136 13.03 49.35 30.27
CA ASP D 136 14.29 48.71 30.64
C ASP D 136 14.64 47.49 29.78
N TYR D 137 13.77 47.08 28.85
CA TYR D 137 14.05 45.98 27.94
C TYR D 137 14.57 46.46 26.58
N ILE D 138 14.64 47.77 26.36
CA ILE D 138 15.20 48.29 25.11
C ILE D 138 16.71 48.12 25.14
N PRO D 139 17.32 47.46 24.16
CA PRO D 139 18.78 47.28 24.16
C PRO D 139 19.49 48.62 24.12
N PRO D 140 20.52 48.81 24.95
CA PRO D 140 21.15 50.13 25.07
C PRO D 140 21.94 50.50 23.82
N TYR D 141 22.19 51.80 23.69
CA TYR D 141 22.92 52.29 22.54
C TYR D 141 24.34 51.71 22.51
N GLY D 142 24.77 51.27 21.34
CA GLY D 142 26.01 50.57 21.15
C GLY D 142 25.84 49.07 20.89
N THR D 143 24.70 48.51 21.27
CA THR D 143 24.47 47.09 21.03
C THR D 143 24.01 46.81 19.60
N GLY D 144 23.50 47.82 18.89
CA GLY D 144 22.88 47.51 17.62
C GLY D 144 21.58 46.76 17.74
N GLY D 145 21.06 46.60 18.95
CA GLY D 145 19.80 45.94 19.17
C GLY D 145 18.63 46.92 19.13
N SER D 146 17.45 46.38 19.39
CA SER D 146 16.22 47.16 19.33
C SER D 146 15.13 46.42 20.09
N LEU D 147 14.00 47.09 20.28
CA LEU D 147 12.81 46.49 20.86
C LEU D 147 11.84 46.22 19.72
N TYR D 148 11.63 44.95 19.39
CA TYR D 148 10.65 44.58 18.37
C TYR D 148 9.25 44.69 18.96
N VAL D 149 8.36 45.36 18.24
CA VAL D 149 6.99 45.60 18.68
C VAL D 149 6.06 44.75 17.81
N ARG D 150 5.25 43.91 18.45
CA ARG D 150 4.36 42.96 17.77
C ARG D 150 2.91 43.25 18.16
N PRO D 151 2.22 44.10 17.42
CA PRO D 151 0.77 44.22 17.57
C PRO D 151 0.05 43.03 16.93
N LEU D 152 -1.12 42.71 17.47
CA LEU D 152 -1.90 41.54 17.08
C LEU D 152 -3.36 41.89 17.23
N VAL D 153 -4.18 41.54 16.24
CA VAL D 153 -5.64 41.57 16.38
C VAL D 153 -6.17 40.18 16.03
N ILE D 154 -7.05 39.65 16.87
CA ILE D 154 -7.55 38.29 16.72
C ILE D 154 -9.05 38.27 16.99
N GLY D 155 -9.78 37.46 16.22
CA GLY D 155 -11.17 37.20 16.53
C GLY D 155 -11.26 36.24 17.71
N THR D 156 -11.96 36.66 18.77
CA THR D 156 -12.05 35.88 19.99
C THR D 156 -13.47 35.41 20.30
N GLY D 157 -14.48 35.86 19.57
CA GLY D 157 -15.81 35.31 19.75
C GLY D 157 -15.86 33.82 19.42
N ALA D 158 -16.66 33.09 20.18
CA ALA D 158 -16.87 31.66 19.96
C ALA D 158 -18.00 31.46 18.95
N GLN D 159 -17.72 30.70 17.89
CA GLN D 159 -18.71 30.51 16.84
C GLN D 159 -18.45 29.23 16.06
N LEU D 160 -19.52 28.69 15.47
CA LEU D 160 -19.47 27.51 14.60
C LEU D 160 -19.58 27.86 13.12
N GLY D 161 -20.60 28.64 12.73
CA GLY D 161 -20.72 29.04 11.34
C GLY D 161 -19.56 29.90 10.88
N VAL D 162 -19.22 29.77 9.60
CA VAL D 162 -18.15 30.58 9.01
C VAL D 162 -18.69 31.99 8.79
N ALA D 163 -18.21 32.93 9.57
CA ALA D 163 -18.70 34.31 9.56
C ALA D 163 -17.73 35.14 10.38
N PRO D 164 -17.69 36.46 10.17
CA PRO D 164 -16.81 37.29 11.00
C PRO D 164 -17.20 37.19 12.47
N SER D 165 -16.19 37.13 13.31
CA SER D 165 -16.40 37.08 14.76
C SER D 165 -17.12 38.35 15.23
N SER D 166 -17.86 38.20 16.33
CA SER D 166 -18.54 39.30 16.99
C SER D 166 -17.68 39.97 18.05
N GLU D 167 -16.44 39.52 18.25
CA GLU D 167 -15.58 40.07 19.30
C GLU D 167 -14.12 39.92 18.87
N TYR D 168 -13.32 40.94 19.15
CA TYR D 168 -11.91 40.97 18.75
C TYR D 168 -11.07 41.44 19.92
N MET D 169 -9.81 41.03 19.89
CA MET D 169 -8.85 41.43 20.90
C MET D 169 -7.64 42.02 20.20
N PHE D 170 -7.18 43.15 20.71
CA PHE D 170 -6.01 43.88 20.22
C PHE D 170 -4.94 43.82 21.29
N LEU D 171 -3.81 43.20 20.98
CA LEU D 171 -2.68 43.12 21.90
C LEU D 171 -1.48 43.81 21.27
N MET D 172 -0.60 44.33 22.11
CA MET D 172 0.69 44.81 21.63
C MET D 172 1.77 44.34 22.58
N MET D 173 2.65 43.48 22.08
CA MET D 173 3.72 42.91 22.88
C MET D 173 5.06 43.30 22.28
N VAL D 174 6.11 43.17 23.09
CA VAL D 174 7.44 43.62 22.72
C VAL D 174 8.46 42.61 23.21
N ALA D 175 9.58 42.54 22.50
CA ALA D 175 10.70 41.70 22.92
C ALA D 175 11.95 42.33 22.33
N PRO D 176 13.02 42.44 23.11
CA PRO D 176 14.29 42.92 22.56
C PRO D 176 14.91 41.87 21.65
N VAL D 177 15.45 42.33 20.54
CA VAL D 177 16.13 41.48 19.58
C VAL D 177 17.51 42.09 19.36
N GLY D 178 18.46 41.26 18.97
CA GLY D 178 19.81 41.74 18.80
C GLY D 178 20.01 42.35 17.43
N PRO D 179 21.24 42.79 17.17
CA PRO D 179 21.60 43.24 15.82
C PRO D 179 21.53 42.07 14.84
N TYR D 180 20.71 42.22 13.79
CA TYR D 180 20.58 41.15 12.83
C TYR D 180 21.90 40.85 12.11
N TYR D 181 22.66 41.89 11.80
CA TYR D 181 23.99 41.72 11.23
C TYR D 181 24.99 41.98 12.34
N ARG D 182 25.41 40.92 13.00
CA ARG D 182 26.54 40.97 13.91
C ARG D 182 27.78 40.92 13.04
N GLY D 183 28.33 42.10 12.73
CA GLY D 183 29.54 42.17 11.93
C GLY D 183 29.37 42.39 10.43
N GLY D 184 28.47 43.30 10.03
CA GLY D 184 28.48 43.78 8.66
C GLY D 184 27.49 43.07 7.77
N LEU D 185 27.03 43.78 6.73
CA LEU D 185 26.09 43.22 5.78
C LEU D 185 26.71 42.05 5.01
N LYS D 186 25.92 40.99 4.87
CA LYS D 186 26.31 39.79 4.13
C LYS D 186 25.22 39.46 3.11
N SER D 187 25.65 39.04 1.94
CA SER D 187 24.74 38.64 0.87
C SER D 187 24.40 37.16 0.97
N VAL D 188 23.26 36.78 0.39
CA VAL D 188 22.79 35.40 0.43
C VAL D 188 22.35 34.94 -0.95
N ASN D 189 22.20 33.62 -1.09
CA ASN D 189 21.70 32.99 -2.30
C ASN D 189 20.20 32.72 -2.18
N ALA D 190 19.46 33.06 -3.23
CA ALA D 190 18.01 32.92 -3.26
C ALA D 190 17.59 31.81 -4.22
N ILE D 191 16.48 31.16 -3.90
CA ILE D 191 15.90 30.14 -4.77
C ILE D 191 14.49 30.57 -5.14
N VAL D 192 14.13 30.38 -6.41
CA VAL D 192 12.77 30.62 -6.87
C VAL D 192 11.96 29.35 -6.69
N MET D 193 10.82 29.45 -5.99
CA MET D 193 9.97 28.30 -5.68
C MET D 193 9.01 28.09 -6.84
N ASP D 194 9.34 27.15 -7.74
CA ASP D 194 8.48 26.98 -8.92
C ASP D 194 7.25 26.15 -8.61
N GLU D 195 7.33 25.21 -7.68
CA GLU D 195 6.21 24.34 -7.37
C GLU D 195 5.45 24.80 -6.11
N PHE D 196 5.61 26.06 -5.72
CA PHE D 196 4.98 26.63 -4.53
C PHE D 196 4.49 28.05 -4.81
N ASP D 197 3.31 28.39 -4.31
CA ASP D 197 2.83 29.77 -4.29
C ASP D 197 2.73 30.28 -2.86
N ARG D 198 2.87 31.59 -2.69
CA ARG D 198 2.65 32.20 -1.39
C ARG D 198 1.31 32.90 -1.29
N ALA D 199 0.62 33.14 -2.41
CA ALA D 199 -0.65 33.86 -2.39
C ALA D 199 -1.41 33.61 -3.70
N ALA D 200 -2.75 33.62 -3.62
CA ALA D 200 -3.58 33.55 -4.82
C ALA D 200 -3.51 34.86 -5.59
N PRO D 201 -3.77 34.85 -6.90
CA PRO D 201 -3.76 36.13 -7.64
C PRO D 201 -4.75 37.14 -7.08
N TYR D 202 -5.95 36.70 -6.71
CA TYR D 202 -6.95 37.51 -6.01
C TYR D 202 -7.17 37.01 -4.60
N GLY D 203 -6.12 37.01 -3.79
CA GLY D 203 -6.21 36.47 -2.45
C GLY D 203 -5.85 37.47 -1.38
N VAL D 204 -5.22 36.99 -0.31
CA VAL D 204 -4.93 37.84 0.84
C VAL D 204 -3.43 38.01 1.00
N GLY D 205 -2.68 37.91 -0.09
CA GLY D 205 -1.24 38.11 -0.02
C GLY D 205 -0.82 39.49 0.46
N SER D 206 -1.65 40.51 0.24
CA SER D 206 -1.32 41.87 0.68
C SER D 206 -1.73 42.14 2.13
N LYS D 207 -2.30 41.16 2.82
CA LYS D 207 -2.64 41.31 4.22
C LYS D 207 -1.62 40.57 5.06
N CYS D 209 -1.58 38.54 7.49
CA CYS D 209 -2.49 37.70 8.28
C CYS D 209 -1.84 36.36 8.62
N ALA D 210 -2.28 35.76 9.74
CA ALA D 210 -1.67 34.53 10.27
C ALA D 210 -1.54 33.45 9.21
N GLY D 211 -2.60 33.25 8.42
CA GLY D 211 -2.65 32.12 7.52
C GLY D 211 -1.55 32.10 6.46
N ASN D 212 -1.09 33.28 6.03
CA ASN D 212 -0.09 33.32 4.97
C ASN D 212 1.21 32.66 5.39
N TYR D 213 1.53 32.68 6.69
CA TYR D 213 2.85 32.26 7.12
C TYR D 213 2.91 30.75 7.30
N ALA D 214 1.90 30.13 7.92
CA ALA D 214 1.85 28.66 7.94
C ALA D 214 1.81 28.08 6.54
N ALA D 215 1.12 28.74 5.62
CA ALA D 215 1.04 28.29 4.24
C ALA D 215 2.38 28.38 3.49
N SER D 216 3.39 29.00 4.07
CA SER D 216 4.70 29.08 3.44
C SER D 216 5.71 28.12 4.07
N LEU D 217 5.33 27.42 5.15
CA LEU D 217 6.29 26.64 5.93
C LEU D 217 6.81 25.44 5.15
N LYS D 218 5.95 24.78 4.37
CA LYS D 218 6.41 23.61 3.64
C LYS D 218 7.50 23.99 2.64
N ALA D 219 7.27 25.07 1.87
CA ALA D 219 8.27 25.54 0.92
C ALA D 219 9.54 25.95 1.64
N GLN D 220 9.41 26.57 2.81
CA GLN D 220 10.57 27.00 3.56
C GLN D 220 11.47 25.81 3.89
N SER D 221 10.88 24.71 4.38
CA SER D 221 11.69 23.56 4.77
C SER D 221 12.36 22.91 3.56
N VAL D 222 11.74 22.99 2.37
CA VAL D 222 12.38 22.49 1.16
C VAL D 222 13.61 23.33 0.82
N ALA D 223 13.46 24.66 0.87
CA ALA D 223 14.57 25.54 0.52
C ALA D 223 15.72 25.42 1.53
N LEU D 224 15.40 25.33 2.81
CA LEU D 224 16.43 25.19 3.83
C LEU D 224 17.19 23.88 3.66
N LYS D 225 16.48 22.80 3.32
CA LYS D 225 17.14 21.52 3.05
C LYS D 225 18.08 21.62 1.85
N LYS D 226 17.84 22.57 0.94
CA LYS D 226 18.75 22.81 -0.17
C LYS D 226 19.75 23.93 0.11
N SER D 227 19.78 24.43 1.36
CA SER D 227 20.73 25.44 1.82
C SER D 227 20.48 26.81 1.21
N PHE D 228 19.23 27.16 0.94
CA PHE D 228 18.87 28.50 0.50
C PHE D 228 18.17 29.23 1.65
N PRO D 229 18.77 30.27 2.22
CA PRO D 229 18.14 30.93 3.38
C PRO D 229 16.95 31.81 3.05
N ILE D 230 16.66 32.07 1.77
CA ILE D 230 15.54 32.93 1.38
C ILE D 230 14.92 32.37 0.12
N GLN D 231 13.59 32.50 0.02
CA GLN D 231 12.80 31.92 -1.06
C GLN D 231 12.09 33.04 -1.82
N LEU D 232 12.36 33.14 -3.12
CA LEU D 232 11.71 34.14 -3.95
C LEU D 232 10.54 33.51 -4.70
N TYR D 233 9.39 34.18 -4.65
CA TYR D 233 8.19 33.73 -5.36
C TYR D 233 7.95 34.56 -6.60
N LEU D 234 7.44 33.91 -7.63
CA LEU D 234 6.87 34.62 -8.78
C LEU D 234 5.35 34.67 -8.64
N ASP D 235 4.71 35.39 -9.56
CA ASP D 235 3.27 35.52 -9.52
C ASP D 235 2.60 34.17 -9.70
N ALA D 236 1.60 33.89 -8.83
CA ALA D 236 0.89 32.63 -8.92
C ALA D 236 0.11 32.52 -10.23
N ALA D 237 -0.29 33.65 -10.80
CA ALA D 237 -1.14 33.61 -12.00
C ALA D 237 -0.38 33.05 -13.21
N THR D 238 0.87 33.49 -13.43
CA THR D 238 1.63 33.05 -14.61
C THR D 238 3.04 32.54 -14.34
N HIS D 239 3.62 32.77 -13.15
CA HIS D 239 5.01 32.41 -12.89
C HIS D 239 5.95 33.03 -13.93
N THR D 240 5.67 34.27 -14.32
CA THR D 240 6.54 35.03 -15.20
C THR D 240 6.97 36.37 -14.64
N PHE D 241 6.37 36.84 -13.54
CA PHE D 241 6.73 38.10 -12.92
C PHE D 241 7.26 37.89 -11.51
N VAL D 242 8.22 38.72 -11.10
CA VAL D 242 8.68 38.69 -9.71
C VAL D 242 7.55 39.15 -8.80
N GLU D 243 7.37 38.45 -7.68
CA GLU D 243 6.38 38.86 -6.71
C GLU D 243 7.14 39.33 -5.47
N GLU D 244 7.48 38.45 -4.54
CA GLU D 244 8.33 38.83 -3.41
C GLU D 244 8.92 37.57 -2.77
N PHE D 245 9.78 37.80 -1.80
CA PHE D 245 10.24 36.69 -0.97
C PHE D 245 9.15 36.38 0.06
N SER D 246 9.33 35.28 0.79
CA SER D 246 8.26 34.82 1.69
C SER D 246 7.98 35.82 2.80
N THR D 247 8.99 36.59 3.26
CA THR D 247 8.70 37.55 4.31
C THR D 247 9.33 38.91 4.06
N SER D 248 9.65 39.23 2.80
CA SER D 248 10.28 40.52 2.51
C SER D 248 10.07 40.85 1.03
N ASN D 249 9.93 42.15 0.75
CA ASN D 249 9.76 42.59 -0.63
C ASN D 249 11.08 42.49 -1.39
N PHE D 250 10.97 42.49 -2.72
CA PHE D 250 12.11 42.42 -3.63
C PHE D 250 12.35 43.80 -4.23
N PHE D 251 13.63 44.14 -4.42
CA PHE D 251 13.95 45.30 -5.25
C PHE D 251 15.15 44.99 -6.12
N GLY D 252 15.26 45.75 -7.20
CA GLY D 252 16.42 45.71 -8.06
C GLY D 252 16.96 47.10 -8.33
N ILE D 253 18.26 47.18 -8.53
CA ILE D 253 18.96 48.41 -8.87
C ILE D 253 19.59 48.23 -10.24
N LYS D 254 19.40 49.21 -11.12
CA LYS D 254 20.02 49.20 -12.44
C LYS D 254 20.25 50.64 -12.88
N ASP D 255 20.83 50.81 -14.05
CA ASP D 255 21.07 52.12 -14.66
C ASP D 255 22.01 52.99 -13.83
N ILE D 256 22.93 52.36 -13.09
CA ILE D 256 23.85 53.10 -12.22
C ILE D 256 24.82 53.91 -13.09
N GLN D 257 24.88 55.22 -12.85
CA GLN D 257 25.85 56.09 -13.49
C GLN D 257 26.56 56.93 -12.45
N ARG D 258 27.85 57.16 -12.65
CA ARG D 258 28.69 57.80 -11.68
C ARG D 258 29.44 58.96 -12.32
N ASP D 259 29.89 59.89 -11.48
CA ASP D 259 30.65 61.04 -11.93
C ASP D 259 32.16 60.75 -11.90
N GLY D 260 32.96 61.79 -12.11
CA GLY D 260 34.41 61.66 -12.16
C GLY D 260 35.03 61.28 -10.83
N ALA D 261 34.31 61.46 -9.73
CA ALA D 261 34.79 61.05 -8.42
C ALA D 261 34.29 59.66 -8.03
N GLY D 262 33.51 59.01 -8.89
CA GLY D 262 32.96 57.72 -8.59
C GLY D 262 31.67 57.75 -7.81
N LYS D 263 31.16 58.93 -7.47
CA LYS D 263 29.91 59.03 -6.74
C LYS D 263 28.74 58.71 -7.65
N ILE D 264 27.80 57.92 -7.13
CA ILE D 264 26.60 57.60 -7.90
C ILE D 264 25.76 58.85 -8.05
N VAL D 265 25.39 59.17 -9.29
CA VAL D 265 24.61 60.37 -9.58
C VAL D 265 23.23 60.06 -10.15
N SER D 266 22.97 58.81 -10.54
CA SER D 266 21.67 58.39 -11.03
C SER D 266 21.64 56.87 -11.03
N CYS D 267 20.45 56.32 -10.81
CA CYS D 267 20.21 54.89 -10.88
C CYS D 267 18.70 54.69 -10.75
N THR D 268 18.27 53.44 -10.93
CA THR D 268 16.85 53.14 -10.84
C THR D 268 16.63 52.02 -9.85
N TYR D 269 15.79 52.32 -8.85
CA TYR D 269 15.31 51.34 -7.89
C TYR D 269 13.98 50.82 -8.42
N VAL D 270 13.90 49.52 -8.67
CA VAL D 270 12.73 48.88 -9.27
C VAL D 270 12.16 47.89 -8.26
N THR D 271 10.84 47.91 -8.07
CA THR D 271 10.22 46.96 -7.15
C THR D 271 8.86 46.54 -7.71
N PRO D 272 8.51 45.25 -7.61
CA PRO D 272 7.31 44.75 -8.28
C PRO D 272 6.02 45.38 -7.77
N LYS D 273 5.08 45.54 -8.67
CA LYS D 273 3.74 46.00 -8.34
C LYS D 273 2.77 44.86 -8.59
N SER D 274 1.92 44.58 -7.60
CA SER D 274 0.95 43.49 -7.69
C SER D 274 0.01 43.54 -6.48
N PRO D 275 -1.27 43.23 -6.66
CA PRO D 275 -2.19 43.19 -5.50
C PRO D 275 -1.89 42.08 -4.52
N SER D 276 -1.03 41.13 -4.90
CA SER D 276 -0.68 40.00 -4.06
C SER D 276 0.46 40.31 -3.10
N ILE D 277 1.11 41.45 -3.26
CA ILE D 277 2.35 41.74 -2.55
C ILE D 277 2.04 42.46 -1.23
N LEU D 278 2.63 41.98 -0.15
CA LEU D 278 2.54 42.68 1.12
C LEU D 278 3.26 44.03 0.99
N PRO D 279 2.56 45.17 1.17
CA PRO D 279 3.23 46.48 1.03
C PRO D 279 4.21 46.77 2.15
N SER D 280 5.48 46.40 1.96
CA SER D 280 6.48 46.58 3.00
C SER D 280 6.70 48.06 3.32
N ILE D 281 6.70 48.36 4.61
CA ILE D 281 7.00 49.73 5.03
C ILE D 281 8.47 50.05 4.83
N THR D 282 9.35 49.05 4.96
CA THR D 282 10.76 49.28 4.66
C THR D 282 10.98 49.56 3.18
N ASN D 283 10.31 48.80 2.31
CA ASN D 283 10.34 49.09 0.88
C ASN D 283 9.95 50.55 0.61
N LYS D 284 8.81 50.98 1.16
CA LYS D 284 8.40 52.38 1.00
C LYS D 284 9.49 53.33 1.49
N THR D 285 10.09 53.01 2.62
CA THR D 285 11.19 53.84 3.14
C THR D 285 12.34 53.91 2.14
N LEU D 286 12.72 52.77 1.55
CA LEU D 286 13.82 52.81 0.59
C LEU D 286 13.44 53.63 -0.64
N ARG D 287 12.21 53.50 -1.11
CA ARG D 287 11.75 54.30 -2.24
C ARG D 287 11.84 55.78 -1.90
N GLU D 288 11.39 56.16 -0.71
CA GLU D 288 11.46 57.58 -0.36
C GLU D 288 12.91 58.06 -0.28
N LEU D 289 13.81 57.21 0.22
CA LEU D 289 15.22 57.59 0.26
C LEU D 289 15.78 57.75 -1.14
N ILE D 290 15.48 56.80 -2.02
CA ILE D 290 16.04 56.86 -3.38
C ILE D 290 15.63 58.17 -4.06
N SER D 291 14.33 58.46 -4.11
CA SER D 291 13.87 59.60 -4.91
C SER D 291 13.95 60.92 -4.15
N GLN D 292 13.54 60.94 -2.86
CA GLN D 292 13.46 62.22 -2.15
C GLN D 292 14.74 62.60 -1.41
N TYR D 293 15.56 61.63 -1.04
CA TYR D 293 16.81 61.90 -0.33
C TYR D 293 18.00 61.91 -1.28
N PHE D 294 18.17 60.88 -2.10
CA PHE D 294 19.30 60.85 -3.01
C PHE D 294 19.00 61.45 -4.38
N GLY D 295 17.72 61.69 -4.71
CA GLY D 295 17.40 62.29 -5.99
C GLY D 295 17.51 61.37 -7.20
N TRP D 296 17.27 60.06 -7.02
CA TRP D 296 17.35 59.11 -8.12
C TRP D 296 15.94 58.63 -8.47
N LYS D 297 15.86 57.60 -9.30
CA LYS D 297 14.61 57.20 -9.94
C LYS D 297 14.01 55.96 -9.29
N VAL D 298 12.69 55.98 -9.07
CA VAL D 298 11.94 54.87 -8.48
C VAL D 298 10.89 54.40 -9.48
N ASP D 299 10.82 53.09 -9.68
CA ASP D 299 9.88 52.48 -10.62
CA ASP D 299 9.89 52.46 -10.62
C ASP D 299 9.13 51.39 -9.87
N VAL D 300 7.83 51.57 -9.70
CA VAL D 300 6.99 50.57 -9.05
C VAL D 300 6.09 50.03 -10.15
N ARG D 301 6.40 48.82 -10.61
CA ARG D 301 5.83 48.29 -11.84
C ARG D 301 5.99 46.79 -11.83
N GLU D 302 5.37 46.13 -12.81
CA GLU D 302 5.59 44.71 -12.96
C GLU D 302 7.00 44.45 -13.48
N VAL D 303 7.61 43.41 -12.94
CA VAL D 303 9.00 43.05 -13.24
C VAL D 303 9.01 41.63 -13.76
N PRO D 304 9.07 41.44 -15.09
CA PRO D 304 9.20 40.08 -15.62
C PRO D 304 10.48 39.42 -15.12
N PHE D 305 10.42 38.11 -14.89
CA PHE D 305 11.60 37.39 -14.40
C PHE D 305 12.76 37.50 -15.38
N THR D 306 12.46 37.59 -16.68
CA THR D 306 13.51 37.73 -17.69
C THR D 306 14.34 39.00 -17.51
N GLU D 307 13.81 39.99 -16.78
CA GLU D 307 14.53 41.24 -16.50
C GLU D 307 15.52 41.10 -15.33
N VAL D 308 15.36 40.06 -14.51
CA VAL D 308 16.14 39.96 -13.28
C VAL D 308 17.64 39.91 -13.58
N LYS D 309 18.03 39.26 -14.69
CA LYS D 309 19.44 39.16 -14.99
C LYS D 309 20.06 40.51 -15.36
N THR D 310 19.25 41.53 -15.66
CA THR D 310 19.77 42.83 -16.03
C THR D 310 19.96 43.76 -14.84
N PHE D 311 19.49 43.37 -13.66
CA PHE D 311 19.71 44.19 -12.48
C PHE D 311 21.17 44.14 -12.08
N GLN D 312 21.70 45.30 -11.70
CA GLN D 312 23.08 45.32 -11.24
C GLN D 312 23.18 44.93 -9.77
N GLU D 313 22.17 45.27 -8.99
CA GLU D 313 22.03 44.86 -7.60
C GLU D 313 20.64 44.29 -7.38
N CYS D 314 20.55 43.40 -6.40
CA CYS D 314 19.27 42.81 -6.04
C CYS D 314 19.19 42.71 -4.51
N GLY D 315 18.01 42.96 -3.96
CA GLY D 315 17.84 42.94 -2.51
C GLY D 315 16.47 42.50 -2.07
N ALA D 316 16.41 42.03 -0.82
CA ALA D 316 15.16 41.82 -0.11
C ALA D 316 15.06 42.86 0.99
N THR D 317 13.84 43.24 1.34
CA THR D 317 13.69 44.31 2.32
C THR D 317 12.52 44.04 3.26
N GLY D 318 12.75 44.28 4.54
CA GLY D 318 11.75 44.10 5.60
C GLY D 318 12.32 44.61 6.90
N THR D 319 11.45 44.67 7.91
CA THR D 319 11.81 45.36 9.16
C THR D 319 12.96 44.67 9.89
N ALA D 320 12.90 43.33 10.00
CA ALA D 320 13.91 42.63 10.79
C ALA D 320 15.31 42.77 10.20
N VAL D 321 15.41 42.84 8.87
CA VAL D 321 16.71 42.84 8.24
C VAL D 321 17.14 44.22 7.75
N VAL D 322 16.20 45.16 7.62
CA VAL D 322 16.33 46.35 6.79
C VAL D 322 16.55 45.89 5.34
N VAL D 323 17.74 45.40 5.00
CA VAL D 323 17.93 44.84 3.67
C VAL D 323 18.67 43.52 3.81
N THR D 324 18.38 42.61 2.89
CA THR D 324 19.17 41.40 2.69
C THR D 324 19.75 41.48 1.28
N PRO D 325 21.06 41.69 1.13
CA PRO D 325 21.63 41.72 -0.22
C PRO D 325 21.59 40.33 -0.85
N ILE D 326 21.19 40.28 -2.12
CA ILE D 326 21.05 39.03 -2.86
C ILE D 326 22.27 38.84 -3.76
N ALA D 327 23.07 37.81 -3.47
CA ALA D 327 24.25 37.52 -4.30
C ALA D 327 23.88 36.73 -5.55
N SER D 328 22.86 35.88 -5.48
CA SER D 328 22.50 35.07 -6.62
C SER D 328 21.05 34.61 -6.50
N ILE D 329 20.43 34.33 -7.65
CA ILE D 329 19.08 33.79 -7.71
C ILE D 329 19.11 32.54 -8.56
N THR D 330 18.65 31.43 -8.00
CA THR D 330 18.60 30.16 -8.69
C THR D 330 17.15 29.84 -9.03
N ARG D 331 16.89 29.54 -10.30
CA ARG D 331 15.58 29.04 -10.72
C ARG D 331 15.82 27.78 -11.56
N GLY D 332 15.46 26.63 -11.03
CA GLY D 332 15.74 25.37 -11.71
C GLY D 332 17.25 25.22 -11.84
N SER D 333 17.73 25.17 -13.08
CA SER D 333 19.14 25.07 -13.39
C SER D 333 19.76 26.40 -13.80
N THR D 334 18.97 27.47 -13.76
CA THR D 334 19.44 28.80 -14.14
C THR D 334 19.85 29.57 -12.88
N VAL D 335 21.08 30.12 -12.90
CA VAL D 335 21.63 30.89 -11.79
C VAL D 335 22.03 32.27 -12.28
N ILE D 336 21.50 33.30 -11.63
CA ILE D 336 21.85 34.69 -11.91
C ILE D 336 22.80 35.15 -10.80
N ASP D 337 24.02 35.49 -11.17
CA ASP D 337 25.06 35.86 -10.21
C ASP D 337 25.21 37.37 -10.21
N PHE D 338 24.99 38.00 -9.05
CA PHE D 338 25.18 39.43 -8.85
C PHE D 338 26.47 39.75 -8.11
N LEU D 339 26.80 38.94 -7.11
CA LEU D 339 27.98 39.11 -6.27
C LEU D 339 28.71 37.77 -6.21
N GLN D 340 30.04 37.82 -6.12
CA GLN D 340 30.81 36.58 -6.18
C GLN D 340 30.93 35.88 -4.83
N SER D 341 30.91 36.63 -3.73
CA SER D 341 31.11 36.05 -2.40
C SER D 341 30.12 36.70 -1.44
N ASP D 342 29.87 36.03 -0.31
CA ASP D 342 28.98 36.62 0.69
C ASP D 342 29.58 37.87 1.33
N ASP D 343 30.90 38.08 1.19
CA ASP D 343 31.52 39.28 1.73
C ASP D 343 31.07 40.54 0.98
N GLN D 344 30.80 40.42 -0.30
CA GLN D 344 30.41 41.55 -1.13
C GLN D 344 28.93 41.88 -0.99
N VAL D 345 28.61 43.18 -1.08
CA VAL D 345 27.23 43.66 -1.06
C VAL D 345 27.13 44.82 -2.05
N GLY D 346 25.96 44.96 -2.67
CA GLY D 346 25.79 46.02 -3.63
C GLY D 346 25.98 47.39 -3.00
N GLU D 347 26.54 48.33 -3.78
CA GLU D 347 26.86 49.64 -3.22
C GLU D 347 25.60 50.39 -2.78
N VAL D 348 24.61 50.46 -3.67
CA VAL D 348 23.36 51.13 -3.34
C VAL D 348 22.67 50.42 -2.19
N THR D 349 22.70 49.08 -2.21
CA THR D 349 22.09 48.30 -1.12
C THR D 349 22.74 48.64 0.22
N LYS D 350 24.08 48.67 0.26
CA LYS D 350 24.76 49.00 1.50
C LYS D 350 24.45 50.43 1.93
N LEU D 351 24.41 51.35 0.97
CA LEU D 351 24.06 52.74 1.27
C LEU D 351 22.68 52.84 1.91
N LEU D 352 21.71 52.10 1.38
CA LEU D 352 20.35 52.13 1.92
C LEU D 352 20.33 51.60 3.35
N TYR D 353 21.01 50.49 3.60
CA TYR D 353 21.07 49.93 4.94
C TYR D 353 21.63 50.93 5.95
N GLU D 354 22.77 51.55 5.62
CA GLU D 354 23.42 52.46 6.56
C GLU D 354 22.61 53.72 6.79
N THR D 355 21.86 54.19 5.78
CA THR D 355 21.06 55.39 5.95
C THR D 355 19.85 55.11 6.83
N VAL D 356 19.17 53.98 6.58
CA VAL D 356 18.04 53.61 7.43
C VAL D 356 18.49 53.45 8.88
N GLN D 357 19.57 52.68 9.08
CA GLN D 357 20.07 52.48 10.44
C GLN D 357 20.57 53.77 11.06
N GLY D 358 21.24 54.61 10.26
CA GLY D 358 21.68 55.90 10.77
C GLY D 358 20.53 56.75 11.26
N ILE D 359 19.42 56.74 10.52
CA ILE D 359 18.25 57.53 10.92
C ILE D 359 17.59 56.91 12.15
N GLN D 360 17.42 55.59 12.14
CA GLN D 360 16.75 54.90 13.24
C GLN D 360 17.45 55.18 14.56
N TYR D 361 18.77 55.24 14.56
CA TYR D 361 19.49 55.40 15.82
C TYR D 361 19.82 56.85 16.16
N GLY D 362 19.41 57.81 15.32
CA GLY D 362 19.63 59.20 15.64
C GLY D 362 20.97 59.76 15.23
N VAL D 363 21.76 58.99 14.47
CA VAL D 363 23.08 59.43 14.01
C VAL D 363 22.96 60.31 12.78
N ILE D 364 22.11 59.91 11.84
CA ILE D 364 21.79 60.70 10.66
C ILE D 364 20.53 61.47 10.99
N PRO D 365 20.46 62.76 10.66
CA PRO D 365 19.26 63.54 10.94
C PRO D 365 18.02 62.96 10.28
N ASP D 366 16.89 63.06 10.98
CA ASP D 366 15.61 62.49 10.53
C ASP D 366 14.87 63.51 9.68
N ARG D 367 15.34 63.66 8.43
CA ARG D 367 14.83 64.71 7.54
C ARG D 367 13.33 64.56 7.28
N PHE D 368 12.85 63.32 7.20
CA PHE D 368 11.46 63.06 6.84
C PHE D 368 10.56 62.77 8.03
N ASN D 369 11.04 63.01 9.24
CA ASN D 369 10.23 62.83 10.44
C ASN D 369 9.74 61.39 10.53
N TRP D 370 10.62 60.44 10.28
CA TRP D 370 10.21 59.03 10.39
C TRP D 370 10.28 58.54 11.83
N ASN D 371 11.05 59.19 12.69
CA ASN D 371 11.18 58.73 14.07
C ASN D 371 10.07 59.34 14.92
N HIS D 372 9.32 58.48 15.57
CA HIS D 372 8.26 58.86 16.50
C HIS D 372 8.84 58.72 17.90
N TYR D 373 9.27 59.85 18.48
CA TYR D 373 9.89 59.83 19.79
C TYR D 373 8.84 59.67 20.87
N ILE D 374 9.16 58.87 21.87
CA ILE D 374 8.29 58.58 23.00
C ILE D 374 9.03 59.00 24.25
N ASP D 375 8.48 59.99 24.96
CA ASP D 375 9.07 60.42 26.22
C ASP D 375 8.96 59.30 27.25
N VAL D 376 10.09 58.84 27.76
CA VAL D 376 10.10 57.79 28.76
C VAL D 376 10.73 58.31 30.05
#